data_9QGW
#
_entry.id   9QGW
#
loop_
_entity.id
_entity.type
_entity.pdbx_description
1 polymer 'Dual E2 ubiquitin-conjugating enzyme/E3 ubiquitin-protein ligase BIRC6'
2 polymer 'Ubiquitin-like modifier-activating enzyme 6'
3 polymer Polyubiquitin-C
4 non-polymer 'INOSITOL HEXAKISPHOSPHATE'
5 non-polymer "ADENOSINE-5'-TRIPHOSPHATE"
#
loop_
_entity_poly.entity_id
_entity_poly.type
_entity_poly.pdbx_seq_one_letter_code
_entity_poly.pdbx_strand_id
1 'polypeptide(L)'
;GPANQEKKLGEYSKKAAMKPKPLSVLKSLEEKYVAVMKKLQFDTFEMVSEDEDGKLGFKVNYHYMSQVKNANDANSAARA
RRLAQEAVTLSTSLPLSSSSSVFVRCDEERLDIMKVLITGPADTPYANGCFEFDVYFPQDYPSSPPLVNLETTGGHSVRF
NPNLYNDGKVCLSILNTWHGRPEEKWNPQTSSFLQVLVSVQSLILVAEPYFNEPGYERSRGTPSGTQSSREYDGNIRQAT
VKWAMLEQIRNPSPCFKEVIHKHFYLKRVEIMAQCEEWIADIQQYSSDKRVGRTMSHHAAALKRHTAQLREELLKLPCPE
GLDPD
;
A
2 'polypeptide(L)'
;GPMEGSEPVAAHQGEEASCSSWGTGSTNKNLPIMSTASVEIDDALYSRQRYVLGDTAMQKMAKSHVFLSGMGGLGLEIAK
NLVLAGIKAVTIHDTEKCQAWDLGTNFFLSEDDVVNKRNRAEAVLKHIAELNPYVHVTSSSVPFNETTDLSFLDKYQCVV
LTEMKLPLQKKINDFCRSQCPPIKFISADVHGIWSRLFCDFGDEFEVLDTTGEEPKEIFISNITQANPGIVTCLENHPHK
LETGQFLTFREINGMTGLNGSIQQITVISPFSFSIGDTTELEPYLHGGIAVQVKTPKTVFFESLERQLKHPKCLIVDFSN
PEAPLEIHTAMLALDQFQEKYSRKPNVGCQQDSEELLKLATSISETLEEKPDVNADIVHWLSWTAQGFLSPLAAAVGGVA
SQEVLKAVTGKFSPLCQWLYLEAADIVESLGKPECEEFLPRGDRYDALRACIGDTLCQKLQNLNIFLVGCGAIGCEMLKN
FALLGVGTSKEKGMITVTDPDLIEKSNLNRQFLFRPHHIQKPKSYTAADATLKINSQIKIDAHLNKVCPTTETIYNDEFY
TKQDVIITALDNVEARRYVDSRCLANLRPLLDSGTMGTKGHTEVIVPHLTESYNSHRDPPEEEIPFSTLKSFPAAIEHTI
QWARDKFESSFSHKPSLFNKFWQTYSSAEEVLQKIQSGHSLEGCFQVIKLLSRRPRNWSQCVELARLKFEKYFNHKALQL
LHCFPLDIRLKDGSLFWQSPKRPPSPIKFDLNEPLHLSFLQNAAKLYATVYCIPFAEEDLSADALLNILSEVKIQEFKPS
NKVVQTDETARKPDHVPISSEDERNAIFQLEKAILSNEATKSDLQMAVLSFEKDDDHNGHIDFITAASNLRAKMYSIEPA
DRFKTKRIAGKIIPAIATTTATVSGLVALEMIKVTGGYPFEAYKNCFLNLAIPIVVFTETTEVRKTKIRNGISFTIWDRW
TVHGKEDFTLLDFINAVKEKYGIEPTMVVQGVKMLYVPVMPGHAKRLKLTMHKLVKPTTEKKYVDLTVSFAPDIDGDEDL
PGPPVRYYFSHDTD
;
B
3 'polypeptide(L)' MQIFVKTLTGKTITLEVEPSDTIENVKAKIQDKEGIPPDQQRLIFAGKQLEDGRTLSDYNIQKESTLHLVLRLRGA C
#
# COMPACT_ATOMS: atom_id res chain seq x y z
N LEU A 29 -14.54 -16.20 52.58
CA LEU A 29 -15.35 -15.89 51.40
C LEU A 29 -14.47 -15.83 50.16
N GLU A 30 -13.34 -15.15 50.28
CA GLU A 30 -12.44 -14.98 49.15
C GLU A 30 -11.90 -16.32 48.67
N GLU A 31 -11.63 -17.23 49.61
CA GLU A 31 -11.16 -18.56 49.21
C GLU A 31 -12.22 -19.29 48.40
N LYS A 32 -13.47 -19.24 48.84
CA LYS A 32 -14.55 -19.88 48.09
C LYS A 32 -14.70 -19.24 46.73
N TYR A 33 -14.61 -17.92 46.66
CA TYR A 33 -14.73 -17.22 45.38
C TYR A 33 -13.63 -17.65 44.42
N VAL A 34 -12.39 -17.77 44.92
CA VAL A 34 -11.30 -18.22 44.06
C VAL A 34 -11.54 -19.66 43.62
N ALA A 35 -11.98 -20.51 44.54
CA ALA A 35 -12.17 -21.92 44.21
C ALA A 35 -13.24 -22.11 43.14
N VAL A 36 -14.36 -21.39 43.26
CA VAL A 36 -15.45 -21.62 42.33
C VAL A 36 -15.09 -21.11 40.93
N MET A 37 -14.50 -19.92 40.84
CA MET A 37 -14.25 -19.32 39.54
C MET A 37 -13.09 -19.95 38.79
N LYS A 38 -12.22 -20.70 39.47
CA LYS A 38 -11.00 -21.18 38.83
C LYS A 38 -11.29 -22.15 37.69
N LYS A 39 -12.46 -22.77 37.67
CA LYS A 39 -12.82 -23.70 36.62
C LYS A 39 -13.38 -23.01 35.38
N LEU A 40 -13.53 -21.68 35.40
CA LEU A 40 -14.19 -20.98 34.32
C LEU A 40 -13.31 -19.93 33.67
N GLN A 41 -12.01 -19.90 33.97
CA GLN A 41 -11.16 -18.89 33.38
C GLN A 41 -11.02 -19.08 31.87
N PHE A 42 -10.87 -20.32 31.41
CA PHE A 42 -10.65 -20.60 30.00
C PHE A 42 -11.60 -21.71 29.55
N ASP A 43 -12.22 -21.52 28.39
CA ASP A 43 -13.10 -22.52 27.80
C ASP A 43 -13.33 -22.14 26.34
N THR A 44 -14.23 -22.86 25.67
CA THR A 44 -14.57 -22.62 24.28
C THR A 44 -16.08 -22.53 24.13
N PHE A 45 -16.51 -21.72 23.17
CA PHE A 45 -17.93 -21.53 22.89
C PHE A 45 -18.12 -21.41 21.39
N GLU A 46 -19.32 -21.77 20.93
CA GLU A 46 -19.63 -21.79 19.51
C GLU A 46 -20.13 -20.43 19.07
N MET A 47 -19.40 -19.78 18.19
CA MET A 47 -19.75 -18.45 17.71
C MET A 47 -20.04 -18.39 16.23
N VAL A 48 -19.34 -19.17 15.41
CA VAL A 48 -19.46 -19.11 13.97
C VAL A 48 -19.95 -20.46 13.47
N SER A 49 -20.97 -20.45 12.63
CA SER A 49 -21.47 -21.63 11.96
C SER A 49 -21.38 -21.45 10.46
N GLU A 50 -20.90 -22.48 9.77
CA GLU A 50 -20.70 -22.44 8.34
C GLU A 50 -21.75 -23.30 7.64
N ASP A 51 -22.35 -22.76 6.59
CA ASP A 51 -23.34 -23.48 5.82
C ASP A 51 -22.64 -24.28 4.72
N GLU A 52 -23.42 -24.91 3.84
CA GLU A 52 -22.83 -25.66 2.74
C GLU A 52 -22.10 -24.75 1.75
N ASP A 53 -22.47 -23.47 1.70
CA ASP A 53 -21.86 -22.53 0.77
C ASP A 53 -20.58 -21.91 1.29
N GLY A 54 -20.17 -22.25 2.51
CA GLY A 54 -19.00 -21.64 3.11
C GLY A 54 -19.25 -20.29 3.73
N LYS A 55 -20.46 -19.76 3.64
CA LYS A 55 -20.78 -18.49 4.26
C LYS A 55 -20.75 -18.62 5.77
N LEU A 56 -20.39 -17.52 6.43
CA LEU A 56 -20.21 -17.49 7.87
C LEU A 56 -21.42 -16.85 8.53
N GLY A 57 -22.02 -17.58 9.48
CA GLY A 57 -23.15 -17.06 10.23
C GLY A 57 -22.83 -16.88 11.69
N PHE A 58 -22.79 -15.64 12.15
CA PHE A 58 -22.40 -15.34 13.52
C PHE A 58 -23.62 -15.35 14.41
N LYS A 59 -23.55 -16.10 15.50
CA LYS A 59 -24.64 -16.22 16.45
C LYS A 59 -24.56 -15.21 17.59
N VAL A 60 -23.45 -14.48 17.71
CA VAL A 60 -23.30 -13.44 18.73
C VAL A 60 -22.74 -12.19 18.07
N ASN A 61 -22.95 -11.05 18.72
CA ASN A 61 -22.49 -9.79 18.17
C ASN A 61 -20.97 -9.73 18.23
N TYR A 62 -20.35 -9.36 17.11
CA TYR A 62 -18.90 -9.27 17.02
C TYR A 62 -18.53 -8.00 16.27
N HIS A 63 -17.53 -7.28 16.77
CA HIS A 63 -17.21 -5.97 16.24
C HIS A 63 -16.48 -6.04 14.91
N TYR A 64 -15.75 -7.12 14.63
CA TYR A 64 -14.87 -7.22 13.47
C TYR A 64 -15.45 -8.12 12.38
N MET A 65 -16.77 -8.05 12.14
CA MET A 65 -17.42 -8.93 11.18
C MET A 65 -16.83 -8.79 9.78
N SER A 66 -16.64 -7.55 9.33
CA SER A 66 -16.20 -7.32 7.96
C SER A 66 -14.80 -7.88 7.72
N GLN A 67 -13.89 -7.65 8.67
CA GLN A 67 -12.53 -8.13 8.50
C GLN A 67 -12.49 -9.66 8.48
N VAL A 68 -13.32 -10.30 9.29
CA VAL A 68 -13.38 -11.75 9.29
C VAL A 68 -13.89 -12.26 7.95
N LYS A 69 -14.98 -11.68 7.45
CA LYS A 69 -15.56 -12.19 6.21
C LYS A 69 -14.64 -11.95 5.02
N ASN A 70 -14.00 -10.78 4.95
CA ASN A 70 -13.19 -10.46 3.79
C ASN A 70 -11.88 -11.25 3.79
N ALA A 71 -11.21 -11.33 4.94
CA ALA A 71 -9.89 -11.94 5.01
C ALA A 71 -10.05 -13.46 5.15
N ASN A 72 -10.30 -14.10 4.02
CA ASN A 72 -10.44 -15.55 3.95
C ASN A 72 -9.15 -16.25 3.56
N ASP A 73 -8.06 -15.51 3.42
CA ASP A 73 -6.79 -16.09 2.97
C ASP A 73 -6.32 -17.15 3.98
N ALA A 74 -5.89 -18.29 3.45
CA ALA A 74 -5.36 -19.38 4.26
C ALA A 74 -3.84 -19.52 4.11
N ASN A 75 -3.16 -18.46 3.68
CA ASN A 75 -1.70 -18.51 3.55
C ASN A 75 -1.04 -18.57 4.92
N SER A 76 -1.64 -17.94 5.93
CA SER A 76 -0.99 -17.84 7.23
C SER A 76 -0.85 -19.21 7.88
N ALA A 77 0.35 -19.51 8.34
CA ALA A 77 0.64 -20.75 9.06
C ALA A 77 1.35 -20.49 10.38
N ALA A 78 2.25 -19.50 10.44
CA ALA A 78 2.94 -19.21 11.69
C ALA A 78 1.99 -18.71 12.75
N ARG A 79 0.90 -18.06 12.33
CA ARG A 79 -0.10 -17.59 13.27
C ARG A 79 -0.69 -18.76 14.06
N ALA A 80 -0.98 -19.87 13.38
CA ALA A 80 -1.53 -21.03 14.07
C ALA A 80 -0.56 -21.57 15.11
N ARG A 81 0.73 -21.66 14.76
CA ARG A 81 1.71 -22.12 15.73
C ARG A 81 1.81 -21.19 16.92
N ARG A 82 1.82 -19.88 16.67
CA ARG A 82 1.91 -18.93 17.77
C ARG A 82 0.70 -19.02 18.68
N LEU A 83 -0.49 -19.13 18.10
CA LEU A 83 -1.70 -19.23 18.91
C LEU A 83 -1.73 -20.54 19.70
N ALA A 84 -1.30 -21.64 19.09
CA ALA A 84 -1.25 -22.91 19.81
C ALA A 84 -0.28 -22.84 20.98
N GLN A 85 0.85 -22.18 20.78
CA GLN A 85 1.78 -21.99 21.90
C GLN A 85 1.15 -21.13 22.99
N GLU A 86 0.46 -20.06 22.59
CA GLU A 86 -0.14 -19.16 23.57
C GLU A 86 -1.22 -19.87 24.38
N ALA A 87 -1.95 -20.80 23.76
CA ALA A 87 -3.02 -21.49 24.47
C ALA A 87 -2.50 -22.24 25.68
N VAL A 88 -1.24 -22.65 25.66
CA VAL A 88 -0.66 -23.31 26.83
C VAL A 88 -0.58 -22.34 27.99
N THR A 89 -0.11 -21.12 27.73
CA THR A 89 0.01 -20.14 28.80
C THR A 89 -1.34 -19.65 29.28
N LEU A 90 -2.26 -19.38 28.35
CA LEU A 90 -3.54 -18.81 28.73
C LEU A 90 -4.38 -19.77 29.57
N SER A 91 -4.07 -21.06 29.53
CA SER A 91 -4.86 -22.03 30.29
C SER A 91 -4.55 -21.98 31.78
N THR A 92 -3.42 -21.41 32.18
CA THR A 92 -2.99 -21.46 33.58
C THR A 92 -2.50 -20.13 34.16
N SER A 93 -2.04 -19.20 33.33
CA SER A 93 -1.36 -18.01 33.83
C SER A 93 -2.28 -16.81 34.01
N LEU A 94 -3.58 -16.96 33.76
CA LEU A 94 -4.48 -15.83 33.88
C LEU A 94 -4.60 -15.37 35.33
N PRO A 95 -4.56 -14.07 35.58
CA PRO A 95 -4.73 -13.58 36.95
C PRO A 95 -6.10 -13.97 37.50
N LEU A 96 -6.13 -14.34 38.78
CA LEU A 96 -7.37 -14.76 39.42
C LEU A 96 -7.28 -14.43 40.90
N SER A 97 -8.14 -13.54 41.36
CA SER A 97 -8.17 -13.14 42.76
C SER A 97 -9.52 -12.50 43.05
N SER A 98 -9.77 -12.27 44.33
CA SER A 98 -11.02 -11.63 44.72
C SER A 98 -11.11 -10.21 44.17
N SER A 99 -9.98 -9.49 44.17
CA SER A 99 -9.99 -8.11 43.70
C SER A 99 -10.23 -8.04 42.20
N SER A 100 -9.55 -8.89 41.42
CA SER A 100 -9.69 -8.85 39.98
C SER A 100 -9.43 -10.22 39.40
N SER A 101 -9.98 -10.45 38.22
CA SER A 101 -9.82 -11.71 37.50
C SER A 101 -10.05 -11.45 36.02
N VAL A 102 -9.68 -12.44 35.20
CA VAL A 102 -9.87 -12.37 33.76
C VAL A 102 -10.52 -13.66 33.29
N PHE A 103 -11.42 -13.55 32.30
CA PHE A 103 -12.06 -14.70 31.70
C PHE A 103 -11.93 -14.61 30.19
N VAL A 104 -11.67 -15.74 29.54
CA VAL A 104 -11.40 -15.80 28.11
C VAL A 104 -12.28 -16.88 27.49
N ARG A 105 -12.86 -16.56 26.32
CA ARG A 105 -13.59 -17.53 25.54
C ARG A 105 -13.12 -17.47 24.09
N CYS A 106 -13.04 -18.62 23.45
CA CYS A 106 -12.58 -18.69 22.07
C CYS A 106 -13.47 -19.65 21.29
N ASP A 107 -13.50 -19.47 19.97
CA ASP A 107 -14.40 -20.21 19.11
C ASP A 107 -14.03 -21.70 19.07
N GLU A 108 -15.06 -22.53 18.82
CA GLU A 108 -14.86 -23.98 18.81
C GLU A 108 -14.07 -24.45 17.60
N GLU A 109 -13.99 -23.66 16.53
CA GLU A 109 -13.24 -24.07 15.35
C GLU A 109 -12.12 -23.09 14.99
N ARG A 110 -12.45 -21.82 14.78
CA ARG A 110 -11.44 -20.85 14.38
C ARG A 110 -10.57 -20.48 15.58
N LEU A 111 -9.44 -19.85 15.28
CA LEU A 111 -8.50 -19.46 16.32
C LEU A 111 -8.27 -17.97 16.41
N ASP A 112 -8.83 -17.17 15.50
CA ASP A 112 -8.62 -15.73 15.48
C ASP A 112 -9.78 -14.96 16.08
N ILE A 113 -10.61 -15.62 16.90
CA ILE A 113 -11.77 -15.01 17.51
C ILE A 113 -11.71 -15.23 19.01
N MET A 114 -11.86 -14.16 19.78
CA MET A 114 -11.80 -14.28 21.23
C MET A 114 -12.59 -13.15 21.88
N LYS A 115 -13.12 -13.42 23.06
CA LYS A 115 -13.82 -12.44 23.87
C LYS A 115 -13.26 -12.47 25.28
N VAL A 116 -13.01 -11.30 25.85
CA VAL A 116 -12.35 -11.16 27.14
C VAL A 116 -13.26 -10.37 28.07
N LEU A 117 -13.43 -10.86 29.30
CA LEU A 117 -14.17 -10.16 30.34
C LEU A 117 -13.24 -9.88 31.50
N ILE A 118 -13.23 -8.64 31.97
CA ILE A 118 -12.34 -8.20 33.04
C ILE A 118 -13.17 -7.58 34.14
N THR A 119 -12.93 -8.00 35.38
CA THR A 119 -13.56 -7.38 36.54
C THR A 119 -12.65 -6.27 37.05
N GLY A 120 -13.25 -5.10 37.31
CA GLY A 120 -12.50 -3.97 37.81
C GLY A 120 -11.92 -4.23 39.18
N PRO A 121 -10.74 -3.68 39.45
CA PRO A 121 -10.11 -3.89 40.76
C PRO A 121 -10.88 -3.20 41.86
N ALA A 122 -10.49 -3.49 43.09
CA ALA A 122 -11.12 -2.88 44.25
C ALA A 122 -10.57 -1.48 44.49
N ASP A 123 -11.27 -0.73 45.34
CA ASP A 123 -10.83 0.60 45.78
C ASP A 123 -10.64 1.56 44.62
N THR A 124 -11.38 1.36 43.55
CA THR A 124 -11.36 2.20 42.36
C THR A 124 -12.79 2.45 41.93
N PRO A 125 -13.05 3.50 41.15
CA PRO A 125 -14.41 3.72 40.66
C PRO A 125 -14.95 2.58 39.82
N TYR A 126 -14.08 1.77 39.20
CA TYR A 126 -14.52 0.63 38.40
C TYR A 126 -14.70 -0.63 39.23
N ALA A 127 -14.90 -0.51 40.54
CA ALA A 127 -14.89 -1.67 41.41
C ALA A 127 -16.00 -2.65 41.04
N ASN A 128 -15.63 -3.92 40.90
CA ASN A 128 -16.58 -5.02 40.70
C ASN A 128 -17.43 -4.80 39.45
N GLY A 129 -16.87 -4.16 38.44
CA GLY A 129 -17.53 -4.06 37.15
C GLY A 129 -17.34 -5.33 36.34
N CYS A 130 -17.98 -5.33 35.17
CA CYS A 130 -17.87 -6.46 34.24
C CYS A 130 -17.77 -5.89 32.84
N PHE A 131 -16.54 -5.76 32.34
CA PHE A 131 -16.27 -5.12 31.07
C PHE A 131 -15.90 -6.17 30.03
N GLU A 132 -16.42 -6.00 28.82
CA GLU A 132 -16.28 -6.98 27.76
C GLU A 132 -15.47 -6.40 26.61
N PHE A 133 -14.54 -7.20 26.07
CA PHE A 133 -13.66 -6.78 25.00
C PHE A 133 -13.73 -7.77 23.86
N ASP A 134 -13.41 -7.30 22.66
CA ASP A 134 -13.34 -8.13 21.46
C ASP A 134 -11.92 -8.11 20.93
N VAL A 135 -11.36 -9.29 20.70
CA VAL A 135 -9.99 -9.43 20.23
C VAL A 135 -10.00 -10.19 18.92
N TYR A 136 -9.33 -9.64 17.92
CA TYR A 136 -9.17 -10.30 16.62
C TYR A 136 -7.71 -10.30 16.23
N PHE A 137 -7.27 -11.41 15.64
CA PHE A 137 -5.88 -11.56 15.22
C PHE A 137 -5.78 -11.41 13.71
N PRO A 138 -4.97 -10.48 13.21
CA PRO A 138 -4.80 -10.35 11.76
C PRO A 138 -4.06 -11.55 11.19
N GLN A 139 -4.08 -11.63 9.86
CA GLN A 139 -3.45 -12.77 9.19
C GLN A 139 -1.96 -12.81 9.45
N ASP A 140 -1.30 -11.65 9.44
CA ASP A 140 0.15 -11.57 9.58
C ASP A 140 0.60 -11.58 11.04
N TYR A 141 -0.27 -11.98 11.96
CA TYR A 141 0.15 -12.15 13.34
C TYR A 141 1.21 -13.24 13.42
N PRO A 142 2.23 -13.11 14.29
CA PRO A 142 2.47 -12.04 15.25
C PRO A 142 3.37 -10.92 14.73
N SER A 143 3.51 -10.75 13.42
CA SER A 143 4.27 -9.61 12.91
C SER A 143 3.58 -8.29 13.22
N SER A 144 2.28 -8.31 13.48
CA SER A 144 1.54 -7.12 13.85
C SER A 144 0.71 -7.42 15.10
N PRO A 145 0.52 -6.42 15.97
CA PRO A 145 -0.24 -6.67 17.19
C PRO A 145 -1.69 -6.92 16.86
N PRO A 146 -2.41 -7.65 17.71
CA PRO A 146 -3.83 -7.91 17.48
C PRO A 146 -4.66 -6.66 17.70
N LEU A 147 -5.92 -6.73 17.29
CA LEU A 147 -6.86 -5.63 17.45
C LEU A 147 -7.74 -5.89 18.66
N VAL A 148 -7.95 -4.85 19.47
CA VAL A 148 -8.78 -4.93 20.67
C VAL A 148 -9.84 -3.84 20.58
N ASN A 149 -11.07 -4.17 20.99
CA ASN A 149 -12.15 -3.20 20.99
C ASN A 149 -12.98 -3.35 22.24
N LEU A 150 -13.26 -2.24 22.91
CA LEU A 150 -14.12 -2.26 24.08
C LEU A 150 -15.57 -2.25 23.66
N GLU A 151 -16.38 -3.08 24.32
CA GLU A 151 -17.78 -3.22 23.95
C GLU A 151 -18.77 -2.63 24.96
N THR A 152 -18.35 -2.41 26.21
CA THR A 152 -19.27 -1.91 27.22
C THR A 152 -19.20 -0.37 27.29
N THR A 153 -19.50 0.25 26.17
CA THR A 153 -19.51 1.71 26.08
C THR A 153 -20.88 2.32 26.33
N GLY A 154 -21.90 1.50 26.53
CA GLY A 154 -23.24 2.03 26.74
C GLY A 154 -23.78 2.78 25.54
N GLY A 155 -23.64 2.20 24.35
CA GLY A 155 -24.08 2.87 23.13
C GLY A 155 -23.25 4.09 22.80
N HIS A 156 -21.94 4.03 23.02
CA HIS A 156 -20.98 5.09 22.70
C HIS A 156 -21.27 6.39 23.44
N SER A 157 -22.11 6.36 24.47
CA SER A 157 -22.48 7.56 25.20
C SER A 157 -21.58 7.84 26.40
N VAL A 158 -20.66 6.95 26.72
CA VAL A 158 -19.83 7.05 27.91
C VAL A 158 -18.37 6.93 27.52
N ARG A 159 -17.53 7.82 28.06
CA ARG A 159 -16.08 7.69 27.95
C ARG A 159 -15.56 7.27 29.32
N PHE A 160 -15.23 5.99 29.47
CA PHE A 160 -14.88 5.45 30.78
C PHE A 160 -13.50 5.88 31.25
N ASN A 161 -12.60 6.23 30.35
CA ASN A 161 -11.23 6.56 30.74
C ASN A 161 -10.62 7.46 29.67
N PRO A 162 -9.65 8.29 30.04
CA PRO A 162 -8.95 9.07 29.01
C PRO A 162 -8.28 8.22 27.94
N ASN A 163 -7.94 6.98 28.25
CA ASN A 163 -7.39 6.07 27.24
C ASN A 163 -8.47 5.22 26.57
N LEU A 164 -9.71 5.31 27.02
CA LEU A 164 -10.81 4.51 26.49
C LEU A 164 -11.80 5.46 25.83
N TYR A 165 -11.65 5.66 24.52
CA TYR A 165 -12.54 6.54 23.81
C TYR A 165 -13.95 5.97 23.77
N ASN A 166 -14.93 6.87 23.74
CA ASN A 166 -16.31 6.46 23.80
C ASN A 166 -16.73 5.66 22.57
N ASP A 167 -15.98 5.76 21.48
CA ASP A 167 -16.30 4.98 20.29
C ASP A 167 -15.86 3.52 20.39
N GLY A 168 -15.09 3.16 21.42
CA GLY A 168 -14.70 1.78 21.65
C GLY A 168 -13.24 1.49 21.41
N LYS A 169 -12.48 2.45 20.89
CA LYS A 169 -11.06 2.30 20.62
C LYS A 169 -10.28 2.29 21.93
N VAL A 170 -9.42 1.29 22.08
CA VAL A 170 -8.53 1.18 23.23
C VAL A 170 -7.11 1.43 22.75
N CYS A 171 -6.44 2.40 23.33
CA CYS A 171 -5.16 2.87 22.85
C CYS A 171 -4.08 2.53 23.88
N LEU A 172 -3.07 1.79 23.45
CA LEU A 172 -1.88 1.52 24.26
C LEU A 172 -0.67 1.58 23.34
N SER A 173 0.49 1.88 23.94
CA SER A 173 1.72 1.91 23.15
C SER A 173 2.03 0.54 22.56
N ILE A 174 1.82 -0.53 23.33
CA ILE A 174 2.17 -1.87 22.88
C ILE A 174 1.29 -2.31 21.72
N LEU A 175 0.07 -1.81 21.64
CA LEU A 175 -0.83 -2.14 20.54
C LEU A 175 -0.66 -1.23 19.34
N ASN A 176 0.15 -0.19 19.45
CA ASN A 176 0.35 0.76 18.37
C ASN A 176 1.70 0.54 17.71
N THR A 177 1.77 0.95 16.45
CA THR A 177 3.00 0.88 15.66
C THR A 177 3.30 2.29 15.12
N TRP A 178 4.24 2.97 15.74
CA TRP A 178 4.67 4.29 15.28
C TRP A 178 6.12 4.50 15.68
N HIS A 179 6.57 5.76 15.58
CA HIS A 179 7.95 6.11 15.87
C HIS A 179 8.32 5.79 17.30
N GLY A 180 7.70 6.48 18.25
CA GLY A 180 7.84 6.24 19.67
C GLY A 180 9.22 5.86 20.15
N ARG A 181 9.32 4.69 20.78
CA ARG A 181 10.56 4.18 21.33
C ARG A 181 10.69 2.72 20.92
N PRO A 182 11.91 2.24 20.69
CA PRO A 182 12.09 0.84 20.29
C PRO A 182 11.54 -0.15 21.30
N GLU A 183 11.58 0.17 22.59
CA GLU A 183 11.04 -0.70 23.62
C GLU A 183 9.58 -0.44 23.91
N GLU A 184 8.94 0.47 23.18
CA GLU A 184 7.54 0.82 23.36
C GLU A 184 6.73 0.45 22.13
N LYS A 185 7.04 -0.67 21.51
CA LYS A 185 6.35 -1.14 20.32
C LYS A 185 5.96 -2.60 20.48
N TRP A 186 5.25 -3.11 19.49
CA TRP A 186 4.86 -4.52 19.45
C TRP A 186 6.03 -5.33 18.91
N ASN A 187 6.85 -5.88 19.81
CA ASN A 187 8.01 -6.65 19.42
C ASN A 187 7.59 -8.08 19.11
N PRO A 188 7.76 -8.56 17.87
CA PRO A 188 7.29 -9.91 17.54
C PRO A 188 7.96 -11.00 18.35
N GLN A 189 9.21 -10.81 18.77
CA GLN A 189 9.94 -11.87 19.45
C GLN A 189 9.50 -12.03 20.91
N THR A 190 9.22 -10.92 21.59
CA THR A 190 8.99 -10.95 23.02
C THR A 190 7.56 -10.62 23.43
N SER A 191 6.86 -9.77 22.67
CA SER A 191 5.51 -9.38 23.05
C SER A 191 4.58 -10.57 22.98
N SER A 192 3.66 -10.65 23.95
CA SER A 192 2.70 -11.73 24.04
C SER A 192 1.36 -11.18 24.47
N PHE A 193 0.31 -11.94 24.21
CA PHE A 193 -1.04 -11.49 24.51
C PHE A 193 -1.25 -11.31 26.00
N LEU A 194 -0.65 -12.18 26.82
CA LEU A 194 -0.80 -12.07 28.26
C LEU A 194 -0.28 -10.73 28.76
N GLN A 195 0.83 -10.26 28.18
CA GLN A 195 1.33 -8.94 28.54
C GLN A 195 0.30 -7.86 28.24
N VAL A 196 -0.38 -7.98 27.10
CA VAL A 196 -1.41 -6.99 26.75
C VAL A 196 -2.51 -6.99 27.80
N LEU A 197 -2.99 -8.17 28.17
CA LEU A 197 -4.08 -8.23 29.14
C LEU A 197 -3.66 -7.64 30.48
N VAL A 198 -2.49 -8.04 30.99
CA VAL A 198 -2.05 -7.55 32.30
C VAL A 198 -1.82 -6.05 32.24
N SER A 199 -1.26 -5.55 31.14
CA SER A 199 -1.04 -4.13 31.02
C SER A 199 -2.36 -3.37 31.04
N VAL A 200 -3.37 -3.86 30.33
CA VAL A 200 -4.67 -3.20 30.35
C VAL A 200 -5.20 -3.14 31.77
N GLN A 201 -5.22 -4.29 32.45
CA GLN A 201 -5.81 -4.33 33.77
C GLN A 201 -5.05 -3.47 34.77
N SER A 202 -3.72 -3.40 34.65
CA SER A 202 -2.92 -2.71 35.65
C SER A 202 -2.77 -1.22 35.38
N LEU A 203 -2.86 -0.77 34.13
CA LEU A 203 -2.63 0.62 33.83
C LEU A 203 -3.87 1.40 33.47
N ILE A 204 -4.90 0.76 32.90
CA ILE A 204 -6.09 1.51 32.51
C ILE A 204 -7.00 1.73 33.72
N LEU A 205 -7.26 0.68 34.48
CA LEU A 205 -8.17 0.75 35.62
C LEU A 205 -7.35 1.02 36.87
N VAL A 206 -7.25 2.30 37.25
CA VAL A 206 -6.42 2.70 38.38
C VAL A 206 -7.26 3.41 39.43
N ALA A 207 -6.60 3.90 40.48
CA ALA A 207 -7.31 4.53 41.59
C ALA A 207 -7.94 5.86 41.17
N GLU A 208 -7.19 6.71 40.48
CA GLU A 208 -7.65 8.04 40.10
C GLU A 208 -7.45 8.22 38.61
N PRO A 209 -8.44 7.84 37.81
CA PRO A 209 -8.27 7.93 36.34
C PRO A 209 -8.11 9.34 35.83
N TYR A 210 -8.49 10.34 36.62
CA TYR A 210 -8.43 11.72 36.13
C TYR A 210 -7.01 12.14 35.82
N PHE A 211 -6.03 11.65 36.58
CA PHE A 211 -4.65 12.07 36.40
C PHE A 211 -3.91 11.26 35.34
N ASN A 212 -4.55 10.29 34.70
CA ASN A 212 -3.91 9.58 33.60
C ASN A 212 -3.61 10.52 32.44
N GLU A 213 -4.40 11.56 32.28
CA GLU A 213 -4.18 12.49 31.19
C GLU A 213 -2.92 13.29 31.44
N PRO A 214 -1.94 13.26 30.54
CA PRO A 214 -0.77 14.13 30.70
C PRO A 214 -1.18 15.59 30.65
N GLY A 215 -0.46 16.41 31.40
CA GLY A 215 -0.76 17.81 31.52
C GLY A 215 -1.62 18.18 32.70
N TYR A 216 -2.25 17.19 33.34
CA TYR A 216 -2.98 17.43 34.57
C TYR A 216 -2.19 17.08 35.81
N GLU A 217 -1.16 16.24 35.68
CA GLU A 217 -0.36 15.83 36.83
C GLU A 217 0.38 17.01 37.44
N ARG A 218 0.54 18.10 36.71
CA ARG A 218 1.17 19.29 37.29
C ARG A 218 0.31 19.86 38.40
N SER A 219 -1.02 19.84 38.22
CA SER A 219 -1.93 20.34 39.23
C SER A 219 -2.24 19.34 40.33
N ARG A 220 -1.44 18.28 40.45
CA ARG A 220 -1.69 17.27 41.47
C ARG A 220 -1.48 17.86 42.86
N GLY A 221 -2.42 17.61 43.76
CA GLY A 221 -2.36 18.13 45.10
C GLY A 221 -3.04 19.47 45.29
N THR A 222 -3.33 20.19 44.23
CA THR A 222 -4.02 21.46 44.35
C THR A 222 -5.50 21.23 44.62
N PRO A 223 -6.14 22.16 45.34
CA PRO A 223 -7.58 22.00 45.60
C PRO A 223 -8.43 21.90 44.34
N SER A 224 -8.07 22.67 43.30
CA SER A 224 -8.82 22.60 42.06
C SER A 224 -8.69 21.23 41.41
N GLY A 225 -7.47 20.69 41.39
CA GLY A 225 -7.28 19.35 40.86
C GLY A 225 -8.06 18.31 41.63
N THR A 226 -8.07 18.43 42.96
CA THR A 226 -8.84 17.50 43.77
C THR A 226 -10.33 17.58 43.46
N GLN A 227 -10.85 18.80 43.31
CA GLN A 227 -12.26 18.97 42.99
C GLN A 227 -12.60 18.37 41.63
N SER A 228 -11.75 18.61 40.64
CA SER A 228 -11.97 18.05 39.32
C SER A 228 -11.92 16.53 39.36
N SER A 229 -10.97 15.97 40.10
CA SER A 229 -10.87 14.53 40.22
C SER A 229 -12.11 13.95 40.88
N ARG A 230 -12.64 14.64 41.90
CA ARG A 230 -13.86 14.18 42.55
C ARG A 230 -15.04 14.17 41.58
N GLU A 231 -15.17 15.23 40.79
CA GLU A 231 -16.26 15.28 39.82
C GLU A 231 -16.15 14.14 38.81
N TYR A 232 -14.94 13.92 38.30
CA TYR A 232 -14.72 12.84 37.33
C TYR A 232 -15.04 11.49 37.96
N ASP A 233 -14.61 11.28 39.20
CA ASP A 233 -14.88 10.02 39.88
C ASP A 233 -16.36 9.78 40.07
N GLY A 234 -17.10 10.82 40.45
CA GLY A 234 -18.54 10.66 40.59
C GLY A 234 -19.20 10.28 39.28
N ASN A 235 -18.82 10.94 38.20
CA ASN A 235 -19.38 10.60 36.90
C ASN A 235 -19.08 9.15 36.54
N ILE A 236 -17.83 8.73 36.73
CA ILE A 236 -17.45 7.37 36.37
C ILE A 236 -18.19 6.35 37.24
N ARG A 237 -18.36 6.65 38.53
CA ARG A 237 -19.07 5.74 39.41
C ARG A 237 -20.50 5.54 38.95
N GLN A 238 -21.21 6.63 38.68
CA GLN A 238 -22.59 6.47 38.24
C GLN A 238 -22.65 5.72 36.91
N ALA A 239 -21.72 6.03 35.99
CA ALA A 239 -21.75 5.38 34.69
C ALA A 239 -21.50 3.89 34.80
N THR A 240 -20.56 3.48 35.66
CA THR A 240 -20.27 2.05 35.76
C THR A 240 -21.39 1.31 36.49
N VAL A 241 -22.01 1.96 37.49
CA VAL A 241 -23.16 1.32 38.13
C VAL A 241 -24.27 1.10 37.12
N LYS A 242 -24.46 2.05 36.21
CA LYS A 242 -25.52 1.90 35.21
C LYS A 242 -25.18 0.81 34.19
N TRP A 243 -24.06 0.97 33.49
CA TRP A 243 -23.78 0.18 32.30
C TRP A 243 -22.88 -1.04 32.55
N ALA A 244 -22.50 -1.31 33.80
CA ALA A 244 -21.63 -2.44 34.08
C ALA A 244 -22.28 -3.52 34.91
N MET A 245 -23.31 -3.22 35.69
CA MET A 245 -23.98 -4.23 36.50
C MET A 245 -25.43 -4.43 36.08
N LEU A 246 -26.24 -3.37 36.02
CA LEU A 246 -27.65 -3.54 35.72
C LEU A 246 -27.86 -4.07 34.31
N GLU A 247 -27.22 -3.44 33.32
CA GLU A 247 -27.38 -3.88 31.94
C GLU A 247 -26.83 -5.28 31.74
N GLN A 248 -25.70 -5.60 32.39
CA GLN A 248 -25.15 -6.93 32.26
C GLN A 248 -26.09 -7.98 32.85
N ILE A 249 -26.68 -7.71 34.01
CA ILE A 249 -27.59 -8.68 34.60
C ILE A 249 -28.83 -8.86 33.73
N ARG A 250 -29.41 -7.76 33.26
CA ARG A 250 -30.64 -7.86 32.48
C ARG A 250 -30.39 -8.53 31.13
N ASN A 251 -29.32 -8.16 30.45
CA ASN A 251 -29.01 -8.66 29.11
C ASN A 251 -27.57 -9.14 29.05
N PRO A 252 -27.27 -10.28 29.69
CA PRO A 252 -25.92 -10.83 29.59
C PRO A 252 -25.62 -11.35 28.20
N SER A 253 -24.35 -11.27 27.82
CA SER A 253 -23.91 -11.88 26.58
C SER A 253 -24.00 -13.40 26.70
N PRO A 254 -24.34 -14.10 25.62
CA PRO A 254 -24.48 -15.56 25.72
C PRO A 254 -23.20 -16.26 26.14
N CYS A 255 -22.04 -15.73 25.75
CA CYS A 255 -20.78 -16.41 26.04
C CYS A 255 -20.47 -16.44 27.53
N PHE A 256 -20.68 -15.33 28.23
CA PHE A 256 -20.27 -15.19 29.62
C PHE A 256 -21.46 -15.23 30.57
N LYS A 257 -22.57 -15.85 30.16
CA LYS A 257 -23.78 -15.80 30.98
C LYS A 257 -23.56 -16.45 32.33
N GLU A 258 -23.06 -17.68 32.34
CA GLU A 258 -22.88 -18.40 33.60
C GLU A 258 -21.87 -17.69 34.49
N VAL A 259 -20.78 -17.19 33.90
CA VAL A 259 -19.78 -16.48 34.69
C VAL A 259 -20.38 -15.26 35.36
N ILE A 260 -21.17 -14.50 34.61
CA ILE A 260 -21.80 -13.30 35.17
C ILE A 260 -22.73 -13.68 36.32
N HIS A 261 -23.59 -14.68 36.10
CA HIS A 261 -24.56 -15.04 37.12
C HIS A 261 -23.88 -15.54 38.38
N LYS A 262 -22.81 -16.33 38.24
CA LYS A 262 -22.11 -16.81 39.43
C LYS A 262 -21.33 -15.69 40.09
N HIS A 263 -20.85 -14.71 39.32
CA HIS A 263 -20.04 -13.64 39.89
C HIS A 263 -20.90 -12.70 40.72
N PHE A 264 -22.03 -12.27 40.18
CA PHE A 264 -22.84 -11.31 40.92
C PHE A 264 -23.56 -11.94 42.10
N TYR A 265 -23.90 -13.23 41.99
CA TYR A 265 -24.60 -13.89 43.08
C TYR A 265 -23.74 -13.97 44.33
N LEU A 266 -22.44 -14.12 44.16
CA LEU A 266 -21.55 -14.34 45.30
C LEU A 266 -21.13 -13.05 46.00
N LYS A 267 -21.35 -11.88 45.41
CA LYS A 267 -20.82 -10.65 45.95
C LYS A 267 -21.90 -9.60 46.11
N ARG A 268 -23.11 -10.01 46.46
CA ARG A 268 -24.20 -9.05 46.55
C ARG A 268 -24.06 -8.15 47.77
N VAL A 269 -23.65 -8.72 48.91
CA VAL A 269 -23.53 -7.92 50.13
C VAL A 269 -22.47 -6.85 49.97
N GLU A 270 -21.32 -7.21 49.41
CA GLU A 270 -20.26 -6.25 49.18
C GLU A 270 -20.71 -5.18 48.19
N ILE A 271 -21.45 -5.58 47.16
CA ILE A 271 -21.94 -4.60 46.18
C ILE A 271 -22.86 -3.60 46.86
N MET A 272 -23.77 -4.08 47.70
CA MET A 272 -24.68 -3.18 48.40
C MET A 272 -23.91 -2.22 49.31
N ALA A 273 -22.93 -2.75 50.05
CA ALA A 273 -22.15 -1.88 50.93
C ALA A 273 -21.40 -0.83 50.14
N GLN A 274 -20.79 -1.23 49.02
CA GLN A 274 -20.05 -0.28 48.20
C GLN A 274 -20.95 0.79 47.62
N CYS A 275 -22.14 0.40 47.15
CA CYS A 275 -23.06 1.38 46.60
C CYS A 275 -23.53 2.36 47.68
N GLU A 276 -23.80 1.86 48.89
CA GLU A 276 -24.21 2.75 49.95
C GLU A 276 -23.10 3.73 50.30
N GLU A 277 -21.86 3.24 50.39
CA GLU A 277 -20.74 4.14 50.68
C GLU A 277 -20.57 5.18 49.60
N TRP A 278 -20.71 4.77 48.33
CA TRP A 278 -20.57 5.72 47.23
C TRP A 278 -21.66 6.79 47.30
N ILE A 279 -22.90 6.40 47.58
CA ILE A 279 -23.97 7.39 47.70
C ILE A 279 -23.67 8.35 48.84
N ALA A 280 -23.21 7.82 49.97
CA ALA A 280 -22.93 8.67 51.12
C ALA A 280 -21.81 9.66 50.81
N ASP A 281 -20.76 9.22 50.13
CA ASP A 281 -19.60 10.08 49.92
C ASP A 281 -19.90 11.22 48.96
N ILE A 282 -20.72 10.96 47.94
CA ILE A 282 -20.97 11.96 46.91
C ILE A 282 -21.63 13.19 47.51
N GLN A 283 -22.63 12.99 48.37
CA GLN A 283 -23.39 14.10 48.92
C GLN A 283 -22.56 14.99 49.83
N GLN A 284 -21.37 14.55 50.25
CA GLN A 284 -20.55 15.37 51.13
C GLN A 284 -20.14 16.68 50.46
N TYR A 285 -20.17 16.75 49.13
CA TYR A 285 -19.79 17.95 48.40
C TYR A 285 -20.97 18.60 47.69
N SER A 286 -22.20 18.23 48.07
CA SER A 286 -23.37 18.84 47.47
C SER A 286 -23.55 20.30 47.88
N SER A 287 -22.94 20.70 49.00
CA SER A 287 -23.04 22.07 49.47
C SER A 287 -22.10 23.02 48.74
N ASP A 288 -21.18 22.49 47.93
CA ASP A 288 -20.27 23.33 47.17
C ASP A 288 -21.03 24.08 46.09
N LYS A 289 -20.43 25.18 45.63
CA LYS A 289 -21.02 26.01 44.59
C LYS A 289 -20.44 25.73 43.20
N ARG A 290 -19.12 25.52 43.12
CA ARG A 290 -18.49 25.31 41.82
C ARG A 290 -18.99 24.03 41.17
N VAL A 291 -19.13 22.95 41.94
CA VAL A 291 -19.50 21.66 41.40
C VAL A 291 -20.74 21.09 42.10
N GLY A 292 -21.48 21.94 42.82
CA GLY A 292 -22.62 21.44 43.57
C GLY A 292 -23.70 20.85 42.69
N ARG A 293 -24.00 21.51 41.56
CA ARG A 293 -25.05 21.02 40.68
C ARG A 293 -24.68 19.68 40.06
N THR A 294 -23.44 19.55 39.60
CA THR A 294 -23.00 18.29 39.02
C THR A 294 -22.99 17.17 40.05
N MET A 295 -22.54 17.46 41.27
CA MET A 295 -22.55 16.46 42.32
C MET A 295 -23.98 16.02 42.65
N SER A 296 -24.90 16.97 42.74
CA SER A 296 -26.29 16.62 43.02
C SER A 296 -26.88 15.78 41.90
N HIS A 297 -26.58 16.13 40.66
CA HIS A 297 -27.06 15.35 39.52
C HIS A 297 -26.51 13.92 39.56
N HIS A 298 -25.22 13.78 39.84
CA HIS A 298 -24.62 12.46 39.93
C HIS A 298 -25.25 11.65 41.06
N ALA A 299 -25.48 12.28 42.21
CA ALA A 299 -26.08 11.57 43.33
C ALA A 299 -27.49 11.10 43.00
N ALA A 300 -28.28 11.96 42.36
CA ALA A 300 -29.63 11.57 41.97
C ALA A 300 -29.60 10.39 41.00
N ALA A 301 -28.70 10.45 40.01
CA ALA A 301 -28.60 9.36 39.06
C ALA A 301 -28.18 8.06 39.75
N LEU A 302 -27.24 8.15 40.69
CA LEU A 302 -26.80 6.97 41.40
C LEU A 302 -27.92 6.37 42.22
N LYS A 303 -28.71 7.21 42.90
CA LYS A 303 -29.85 6.69 43.66
C LYS A 303 -30.85 6.01 42.75
N ARG A 304 -31.14 6.61 41.60
CA ARG A 304 -32.09 6.01 40.67
C ARG A 304 -31.59 4.66 40.17
N HIS A 305 -30.30 4.57 39.86
CA HIS A 305 -29.73 3.29 39.42
C HIS A 305 -29.79 2.25 40.53
N THR A 306 -29.41 2.63 41.75
CA THR A 306 -29.35 1.68 42.85
C THR A 306 -30.73 1.16 43.22
N ALA A 307 -31.76 2.00 43.08
CA ALA A 307 -33.11 1.55 43.40
C ALA A 307 -33.50 0.34 42.55
N GLN A 308 -33.21 0.38 41.25
CA GLN A 308 -33.52 -0.75 40.39
C GLN A 308 -32.54 -1.90 40.57
N LEU A 309 -31.26 -1.59 40.83
CA LEU A 309 -30.28 -2.65 40.99
C LEU A 309 -30.59 -3.50 42.22
N ARG A 310 -31.12 -2.89 43.27
CA ARG A 310 -31.49 -3.66 44.45
C ARG A 310 -32.55 -4.70 44.11
N GLU A 311 -33.59 -4.28 43.38
CA GLU A 311 -34.61 -5.24 42.97
C GLU A 311 -34.03 -6.32 42.08
N GLU A 312 -33.14 -5.94 41.15
CA GLU A 312 -32.57 -6.93 40.25
C GLU A 312 -31.76 -7.97 41.01
N LEU A 313 -30.98 -7.52 42.00
CA LEU A 313 -30.18 -8.46 42.79
C LEU A 313 -31.07 -9.35 43.66
N LEU A 314 -32.15 -8.79 44.20
CA LEU A 314 -33.02 -9.58 45.06
C LEU A 314 -33.70 -10.71 44.30
N LYS A 315 -33.90 -10.55 43.00
CA LYS A 315 -34.59 -11.54 42.20
C LYS A 315 -33.66 -12.54 41.52
N LEU A 316 -32.36 -12.42 41.74
CA LEU A 316 -31.42 -13.31 41.06
C LEU A 316 -31.53 -14.71 41.62
N PRO A 317 -31.84 -15.72 40.81
CA PRO A 317 -31.88 -17.09 41.31
C PRO A 317 -30.49 -17.62 41.63
N CYS A 318 -30.46 -18.58 42.53
CA CYS A 318 -29.19 -19.19 42.91
C CYS A 318 -28.71 -20.09 41.78
N PRO A 319 -27.48 -19.89 41.28
CA PRO A 319 -26.91 -20.72 40.21
C PRO A 319 -26.74 -22.17 40.63
N ILE B 41 -3.65 22.22 -19.35
CA ILE B 41 -3.33 20.82 -19.09
C ILE B 41 -4.58 20.07 -18.65
N ASP B 42 -5.17 19.30 -19.56
CA ASP B 42 -6.33 18.49 -19.22
C ASP B 42 -5.90 17.37 -18.28
N ASP B 43 -6.29 17.50 -17.00
CA ASP B 43 -5.84 16.56 -15.99
C ASP B 43 -6.36 15.15 -16.23
N ALA B 44 -7.51 15.03 -16.92
CA ALA B 44 -8.10 13.72 -17.15
C ALA B 44 -7.19 12.82 -17.97
N LEU B 45 -6.21 13.37 -18.67
CA LEU B 45 -5.28 12.58 -19.45
C LEU B 45 -3.88 12.51 -18.85
N TYR B 46 -3.43 13.55 -18.17
CA TYR B 46 -2.08 13.60 -17.61
C TYR B 46 -2.10 13.59 -16.08
N SER B 47 -3.10 12.97 -15.48
CA SER B 47 -3.19 12.94 -14.03
C SER B 47 -2.01 12.20 -13.41
N ARG B 48 -1.62 11.07 -13.99
CA ARG B 48 -0.55 10.28 -13.41
C ARG B 48 0.83 10.87 -13.69
N GLN B 49 1.01 11.48 -14.86
CA GLN B 49 2.33 11.96 -15.24
C GLN B 49 2.73 13.23 -14.49
N ARG B 50 1.75 14.05 -14.11
CA ARG B 50 2.06 15.29 -13.41
C ARG B 50 2.74 15.01 -12.08
N TYR B 51 2.27 13.98 -11.37
CA TYR B 51 2.86 13.67 -10.06
C TYR B 51 4.31 13.25 -10.17
N VAL B 52 4.77 12.88 -11.36
CA VAL B 52 6.17 12.54 -11.57
C VAL B 52 6.97 13.72 -12.08
N LEU B 53 6.47 14.39 -13.12
CA LEU B 53 7.26 15.44 -13.75
C LEU B 53 7.14 16.77 -13.00
N GLY B 54 5.92 17.25 -12.83
CA GLY B 54 5.70 18.55 -12.24
C GLY B 54 5.20 19.57 -13.25
N ASP B 55 4.55 20.60 -12.73
CA ASP B 55 3.87 21.56 -13.60
C ASP B 55 4.85 22.32 -14.48
N THR B 56 5.98 22.75 -13.91
CA THR B 56 6.98 23.45 -14.69
C THR B 56 7.55 22.55 -15.78
N ALA B 57 7.79 21.29 -15.45
CA ALA B 57 8.24 20.34 -16.46
C ALA B 57 7.21 20.18 -17.56
N MET B 58 5.93 20.13 -17.20
CA MET B 58 4.88 20.03 -18.21
C MET B 58 4.88 21.25 -19.12
N GLN B 59 5.05 22.45 -18.54
CA GLN B 59 5.07 23.65 -19.36
C GLN B 59 6.26 23.65 -20.31
N LYS B 60 7.43 23.26 -19.82
CA LYS B 60 8.60 23.23 -20.68
C LYS B 60 8.49 22.14 -21.75
N MET B 61 7.74 21.07 -21.47
CA MET B 61 7.59 20.02 -22.47
C MET B 61 6.90 20.54 -23.70
N ALA B 62 5.86 21.35 -23.53
CA ALA B 62 5.27 22.01 -24.68
C ALA B 62 6.26 22.99 -25.27
N LYS B 63 6.01 23.39 -26.52
CA LYS B 63 6.90 24.27 -27.26
C LYS B 63 8.29 23.66 -27.40
N SER B 64 8.34 22.37 -27.76
CA SER B 64 9.59 21.66 -27.96
C SER B 64 9.47 20.77 -29.19
N HIS B 65 10.51 20.77 -30.03
CA HIS B 65 10.55 19.98 -31.24
C HIS B 65 11.70 19.00 -31.17
N VAL B 66 11.43 17.74 -31.48
CA VAL B 66 12.41 16.67 -31.38
C VAL B 66 12.57 16.04 -32.75
N PHE B 67 13.81 15.86 -33.19
CA PHE B 67 14.12 15.24 -34.46
C PHE B 67 14.62 13.82 -34.22
N LEU B 68 13.99 12.85 -34.88
CA LEU B 68 14.30 11.43 -34.70
C LEU B 68 14.63 10.84 -36.06
N SER B 69 15.77 10.16 -36.14
CA SER B 69 16.25 9.58 -37.39
C SER B 69 16.43 8.09 -37.24
N GLY B 70 15.93 7.33 -38.20
CA GLY B 70 16.10 5.89 -38.21
C GLY B 70 14.89 5.14 -37.69
N MET B 71 14.08 4.56 -38.57
CA MET B 71 12.85 3.89 -38.15
C MET B 71 12.99 2.37 -38.18
N GLY B 72 13.94 1.87 -37.39
CA GLY B 72 13.97 0.48 -36.99
C GLY B 72 13.13 0.26 -35.76
N GLY B 73 13.37 -0.88 -35.10
CA GLY B 73 12.63 -1.18 -33.88
C GLY B 73 12.91 -0.18 -32.77
N LEU B 74 14.18 0.16 -32.58
CA LEU B 74 14.55 1.09 -31.51
C LEU B 74 13.95 2.46 -31.75
N GLY B 75 14.03 2.96 -32.98
CA GLY B 75 13.43 4.25 -33.29
C GLY B 75 11.93 4.26 -33.07
N LEU B 76 11.28 3.15 -33.44
CA LEU B 76 9.84 3.06 -33.24
C LEU B 76 9.49 3.11 -31.76
N GLU B 77 10.25 2.37 -30.93
CA GLU B 77 9.98 2.40 -29.49
C GLU B 77 10.17 3.81 -28.93
N ILE B 78 11.25 4.48 -29.32
CA ILE B 78 11.50 5.82 -28.81
C ILE B 78 10.38 6.76 -29.23
N ALA B 79 9.96 6.68 -30.49
CA ALA B 79 8.89 7.55 -30.96
C ALA B 79 7.59 7.31 -30.21
N LYS B 80 7.26 6.04 -29.97
CA LYS B 80 6.03 5.74 -29.24
C LYS B 80 6.07 6.33 -27.84
N ASN B 81 7.18 6.12 -27.13
CA ASN B 81 7.27 6.64 -25.77
C ASN B 81 7.19 8.17 -25.77
N LEU B 82 7.86 8.82 -26.72
CA LEU B 82 7.84 10.27 -26.74
C LEU B 82 6.44 10.81 -27.03
N VAL B 83 5.73 10.19 -27.99
CA VAL B 83 4.39 10.67 -28.31
C VAL B 83 3.46 10.48 -27.11
N LEU B 84 3.56 9.33 -26.43
CA LEU B 84 2.74 9.15 -25.25
C LEU B 84 3.11 10.14 -24.15
N ALA B 85 4.37 10.59 -24.11
CA ALA B 85 4.76 11.55 -23.09
C ALA B 85 4.03 12.88 -23.26
N GLY B 86 3.90 13.35 -24.50
CA GLY B 86 3.15 14.56 -24.75
C GLY B 86 3.97 15.70 -25.32
N ILE B 87 5.02 15.38 -26.08
CA ILE B 87 5.81 16.42 -26.74
C ILE B 87 4.96 17.12 -27.79
N LYS B 88 5.18 18.42 -27.95
CA LYS B 88 4.37 19.20 -28.88
C LYS B 88 4.57 18.73 -30.31
N ALA B 89 5.82 18.65 -30.77
CA ALA B 89 6.10 18.36 -32.16
C ALA B 89 7.21 17.32 -32.26
N VAL B 90 6.96 16.28 -33.04
CA VAL B 90 7.93 15.21 -33.28
C VAL B 90 8.02 15.00 -34.78
N THR B 91 9.24 14.99 -35.30
CA THR B 91 9.48 14.73 -36.71
C THR B 91 10.29 13.45 -36.84
N ILE B 92 9.76 12.50 -37.61
CA ILE B 92 10.44 11.24 -37.87
C ILE B 92 11.02 11.29 -39.27
N HIS B 93 12.18 10.66 -39.44
CA HIS B 93 12.89 10.72 -40.71
C HIS B 93 13.48 9.35 -41.03
N ASP B 94 13.31 8.91 -42.27
CA ASP B 94 13.89 7.67 -42.73
C ASP B 94 13.97 7.70 -44.25
N THR B 95 14.86 6.88 -44.80
CA THR B 95 15.12 6.88 -46.24
C THR B 95 15.02 5.52 -46.90
N GLU B 96 14.96 4.43 -46.16
CA GLU B 96 14.91 3.10 -46.76
C GLU B 96 13.46 2.72 -47.05
N LYS B 97 13.24 1.48 -47.45
CA LYS B 97 11.90 0.99 -47.77
C LYS B 97 11.65 -0.31 -47.02
N CYS B 98 10.37 -0.61 -46.81
CA CYS B 98 9.99 -1.78 -46.05
C CYS B 98 10.46 -3.05 -46.74
N GLN B 99 10.83 -4.03 -45.95
CA GLN B 99 11.20 -5.36 -46.44
C GLN B 99 10.53 -6.40 -45.56
N ALA B 100 10.47 -7.62 -46.07
CA ALA B 100 9.87 -8.70 -45.28
C ALA B 100 10.63 -8.93 -43.98
N TRP B 101 11.94 -8.64 -43.98
CA TRP B 101 12.73 -8.79 -42.76
C TRP B 101 12.28 -7.84 -41.67
N ASP B 102 11.67 -6.72 -42.04
CA ASP B 102 11.25 -5.73 -41.06
C ASP B 102 10.03 -6.18 -40.26
N LEU B 103 9.27 -7.14 -40.77
CA LEU B 103 8.04 -7.54 -40.09
C LEU B 103 8.32 -8.16 -38.73
N GLY B 104 9.52 -8.70 -38.53
CA GLY B 104 9.85 -9.29 -37.24
C GLY B 104 10.28 -8.31 -36.17
N THR B 105 10.38 -7.02 -36.51
CA THR B 105 10.82 -6.01 -35.56
C THR B 105 9.86 -4.84 -35.40
N ASN B 106 8.97 -4.61 -36.36
CA ASN B 106 8.09 -3.45 -36.34
C ASN B 106 6.66 -3.93 -36.08
N PHE B 107 6.03 -3.40 -35.04
CA PHE B 107 4.70 -3.83 -34.65
C PHE B 107 3.60 -2.91 -35.20
N PHE B 108 3.87 -2.21 -36.29
CA PHE B 108 2.86 -1.41 -36.97
C PHE B 108 2.77 -1.69 -38.46
N LEU B 109 3.77 -2.31 -39.07
CA LEU B 109 3.73 -2.56 -40.50
C LEU B 109 2.73 -3.66 -40.82
N SER B 110 2.56 -3.94 -42.10
CA SER B 110 1.64 -4.97 -42.55
C SER B 110 2.17 -5.58 -43.83
N GLU B 111 1.56 -6.69 -44.24
CA GLU B 111 1.96 -7.34 -45.49
C GLU B 111 1.74 -6.41 -46.68
N ASP B 112 0.64 -5.66 -46.66
CA ASP B 112 0.33 -4.77 -47.76
C ASP B 112 1.40 -3.69 -47.91
N ASP B 113 1.91 -3.18 -46.79
CA ASP B 113 2.97 -2.18 -46.85
C ASP B 113 4.22 -2.74 -47.51
N VAL B 114 4.57 -3.98 -47.19
CA VAL B 114 5.71 -4.62 -47.84
C VAL B 114 5.44 -4.78 -49.33
N VAL B 115 4.22 -5.16 -49.69
CA VAL B 115 3.89 -5.36 -51.10
C VAL B 115 4.03 -4.05 -51.87
N ASN B 116 3.55 -2.96 -51.30
CA ASN B 116 3.57 -1.68 -52.01
C ASN B 116 4.92 -0.97 -51.96
N LYS B 117 5.88 -1.49 -51.20
CA LYS B 117 7.22 -0.90 -51.12
C LYS B 117 7.17 0.55 -50.66
N ARG B 118 6.31 0.82 -49.68
CA ARG B 118 6.20 2.17 -49.15
C ARG B 118 7.45 2.53 -48.35
N ASN B 119 7.68 3.84 -48.23
CA ASN B 119 8.73 4.32 -47.35
C ASN B 119 8.36 4.01 -45.90
N ARG B 120 9.36 3.61 -45.12
CA ARG B 120 9.08 3.17 -43.76
C ARG B 120 8.52 4.30 -42.91
N ALA B 121 9.04 5.52 -43.08
CA ALA B 121 8.57 6.64 -42.27
C ALA B 121 7.10 6.92 -42.51
N GLU B 122 6.66 6.89 -43.76
CA GLU B 122 5.27 7.24 -44.05
C GLU B 122 4.31 6.14 -43.63
N ALA B 123 4.71 4.87 -43.78
CA ALA B 123 3.81 3.77 -43.49
C ALA B 123 3.41 3.71 -42.02
N VAL B 124 4.18 4.35 -41.14
CA VAL B 124 3.87 4.37 -39.71
C VAL B 124 3.32 5.73 -39.26
N LEU B 125 3.26 6.71 -40.16
CA LEU B 125 2.84 8.05 -39.75
C LEU B 125 1.42 8.06 -39.22
N LYS B 126 0.49 7.43 -39.94
CA LYS B 126 -0.91 7.50 -39.54
C LYS B 126 -1.15 6.83 -38.20
N HIS B 127 -0.57 5.64 -37.99
CA HIS B 127 -0.83 4.92 -36.76
C HIS B 127 -0.28 5.65 -35.54
N ILE B 128 0.91 6.25 -35.68
CA ILE B 128 1.54 6.89 -34.53
C ILE B 128 0.71 8.08 -34.05
N ALA B 129 0.17 8.87 -34.99
CA ALA B 129 -0.65 10.00 -34.61
C ALA B 129 -1.89 9.57 -33.84
N GLU B 130 -2.34 8.33 -34.02
CA GLU B 130 -3.50 7.84 -33.29
C GLU B 130 -3.24 7.75 -31.80
N LEU B 131 -1.98 7.66 -31.37
CA LEU B 131 -1.69 7.51 -29.95
C LEU B 131 -2.12 8.74 -29.16
N ASN B 132 -1.86 9.93 -29.70
CA ASN B 132 -2.23 11.15 -29.00
C ASN B 132 -2.60 12.23 -29.99
N PRO B 133 -3.87 12.66 -30.01
CA PRO B 133 -4.28 13.71 -30.96
C PRO B 133 -3.69 15.07 -30.65
N TYR B 134 -3.13 15.28 -29.46
CA TYR B 134 -2.56 16.57 -29.11
C TYR B 134 -1.16 16.78 -29.66
N VAL B 135 -0.57 15.76 -30.28
CA VAL B 135 0.81 15.79 -30.74
C VAL B 135 0.82 15.93 -32.24
N HIS B 136 1.57 16.90 -32.74
CA HIS B 136 1.69 17.14 -34.17
C HIS B 136 2.90 16.38 -34.70
N VAL B 137 2.65 15.42 -35.60
CA VAL B 137 3.67 14.50 -36.09
C VAL B 137 3.85 14.72 -37.59
N THR B 138 5.11 14.79 -38.02
CA THR B 138 5.43 14.99 -39.43
C THR B 138 6.58 14.08 -39.82
N SER B 139 6.64 13.72 -41.10
CA SER B 139 7.66 12.82 -41.62
C SER B 139 8.53 13.55 -42.64
N SER B 140 9.78 13.10 -42.76
CA SER B 140 10.72 13.69 -43.69
C SER B 140 11.61 12.60 -44.27
N SER B 141 12.13 12.83 -45.48
CA SER B 141 12.95 11.85 -46.17
C SER B 141 14.12 12.49 -46.89
N VAL B 142 14.66 13.58 -46.35
CA VAL B 142 15.82 14.21 -46.97
C VAL B 142 17.04 13.32 -46.80
N PRO B 143 17.84 13.09 -47.83
CA PRO B 143 19.00 12.20 -47.68
C PRO B 143 20.05 12.79 -46.75
N PHE B 144 20.77 11.90 -46.08
CA PHE B 144 21.85 12.26 -45.17
C PHE B 144 23.17 11.75 -45.73
N ASN B 145 24.17 12.61 -45.76
CA ASN B 145 25.50 12.24 -46.21
C ASN B 145 26.49 13.29 -45.73
N GLU B 146 27.72 13.21 -46.22
CA GLU B 146 28.77 14.13 -45.78
C GLU B 146 28.51 15.56 -46.24
N THR B 147 27.94 15.72 -47.43
CA THR B 147 27.76 17.04 -48.02
C THR B 147 26.39 17.62 -47.72
N THR B 148 25.57 16.94 -46.92
CA THR B 148 24.27 17.47 -46.55
C THR B 148 24.43 18.71 -45.67
N ASP B 149 23.66 19.75 -45.98
CA ASP B 149 23.69 20.97 -45.18
C ASP B 149 22.90 20.72 -43.89
N LEU B 150 23.57 20.92 -42.75
CA LEU B 150 22.98 20.69 -41.44
C LEU B 150 22.36 21.95 -40.85
N SER B 151 22.14 22.98 -41.67
CA SER B 151 21.61 24.23 -41.14
C SER B 151 20.18 24.07 -40.63
N PHE B 152 19.39 23.19 -41.24
CA PHE B 152 17.98 23.09 -40.87
C PHE B 152 17.77 22.46 -39.50
N LEU B 153 18.79 21.85 -38.92
CA LEU B 153 18.61 21.19 -37.62
C LEU B 153 18.43 22.19 -36.48
N ASP B 154 18.83 23.44 -36.68
CA ASP B 154 18.78 24.42 -35.61
C ASP B 154 17.36 24.72 -35.15
N LYS B 155 16.35 24.37 -35.95
CA LYS B 155 14.97 24.57 -35.54
C LYS B 155 14.62 23.69 -34.34
N TYR B 156 15.12 22.46 -34.33
CA TYR B 156 14.79 21.52 -33.27
C TYR B 156 15.62 21.80 -32.02
N GLN B 157 15.33 21.08 -30.95
CA GLN B 157 16.03 21.24 -29.69
C GLN B 157 16.67 19.95 -29.17
N CYS B 158 16.40 18.82 -29.79
CA CYS B 158 17.03 17.56 -29.39
C CYS B 158 17.07 16.65 -30.61
N VAL B 159 18.20 15.98 -30.79
CA VAL B 159 18.43 15.12 -31.94
C VAL B 159 18.73 13.71 -31.45
N VAL B 160 18.04 12.73 -32.02
CA VAL B 160 18.26 11.32 -31.70
C VAL B 160 18.66 10.62 -32.98
N LEU B 161 19.75 9.87 -32.92
CA LEU B 161 20.26 9.15 -34.08
C LEU B 161 20.26 7.65 -33.83
N THR B 162 19.86 6.91 -34.86
CA THR B 162 19.76 5.46 -34.78
C THR B 162 20.11 4.88 -36.15
N GLU B 163 20.85 3.78 -36.15
CA GLU B 163 21.26 3.10 -37.38
C GLU B 163 22.00 4.05 -38.30
N MET B 164 23.07 4.65 -37.78
CA MET B 164 23.85 5.63 -38.52
C MET B 164 25.32 5.27 -38.47
N LYS B 165 26.03 5.53 -39.57
CA LYS B 165 27.46 5.28 -39.62
C LYS B 165 28.19 6.24 -38.69
N LEU B 166 29.35 5.80 -38.20
CA LEU B 166 30.06 6.57 -37.19
C LEU B 166 30.54 7.94 -37.67
N PRO B 167 31.20 8.09 -38.83
CA PRO B 167 31.73 9.41 -39.19
C PRO B 167 30.67 10.49 -39.27
N LEU B 168 29.50 10.16 -39.80
CA LEU B 168 28.43 11.15 -39.86
C LEU B 168 27.93 11.50 -38.47
N GLN B 169 27.90 10.53 -37.56
CA GLN B 169 27.56 10.85 -36.18
C GLN B 169 28.58 11.81 -35.58
N LYS B 170 29.87 11.59 -35.88
CA LYS B 170 30.89 12.51 -35.38
C LYS B 170 30.66 13.92 -35.91
N LYS B 171 30.40 14.03 -37.22
CA LYS B 171 30.18 15.35 -37.81
C LYS B 171 28.97 16.04 -37.20
N ILE B 172 27.86 15.32 -37.08
CA ILE B 172 26.64 15.91 -36.54
C ILE B 172 26.86 16.35 -35.09
N ASN B 173 27.51 15.50 -34.30
CA ASN B 173 27.75 15.86 -32.90
C ASN B 173 28.63 17.09 -32.79
N ASP B 174 29.65 17.20 -33.65
CA ASP B 174 30.47 18.40 -33.64
C ASP B 174 29.65 19.63 -34.01
N PHE B 175 28.75 19.50 -34.97
CA PHE B 175 27.93 20.65 -35.37
C PHE B 175 26.98 21.07 -34.26
N CYS B 176 26.31 20.11 -33.62
CA CYS B 176 25.23 20.44 -32.69
C CYS B 176 25.76 21.14 -31.45
N ARG B 177 26.87 20.64 -30.88
CA ARG B 177 27.35 21.19 -29.63
C ARG B 177 27.90 22.60 -29.77
N SER B 178 28.14 23.06 -31.00
CA SER B 178 28.69 24.39 -31.22
C SER B 178 27.61 25.45 -31.40
N GLN B 179 26.33 25.08 -31.31
CA GLN B 179 25.27 26.05 -31.47
C GLN B 179 25.07 26.85 -30.18
N CYS B 180 24.48 28.03 -30.34
CA CYS B 180 24.14 28.91 -29.22
C CYS B 180 22.64 29.17 -29.25
N PRO B 181 21.85 28.50 -28.41
CA PRO B 181 22.23 27.51 -27.41
C PRO B 181 22.60 26.17 -28.04
N PRO B 182 23.35 25.34 -27.33
CA PRO B 182 23.69 24.02 -27.88
C PRO B 182 22.45 23.15 -28.01
N ILE B 183 22.50 22.25 -28.99
CA ILE B 183 21.41 21.32 -29.26
C ILE B 183 21.81 19.95 -28.73
N LYS B 184 20.97 19.37 -27.89
CA LYS B 184 21.28 18.10 -27.25
C LYS B 184 21.41 17.00 -28.29
N PHE B 185 22.30 16.04 -28.02
CA PHE B 185 22.62 14.98 -28.96
C PHE B 185 22.57 13.64 -28.25
N ILE B 186 21.84 12.69 -28.82
CA ILE B 186 21.71 11.35 -28.25
C ILE B 186 21.84 10.34 -29.37
N SER B 187 22.62 9.29 -29.14
CA SER B 187 22.78 8.21 -30.10
C SER B 187 22.53 6.88 -29.41
N ALA B 188 21.97 5.93 -30.18
CA ALA B 188 21.69 4.60 -29.66
C ALA B 188 21.70 3.61 -30.81
N ASP B 189 22.10 2.37 -30.50
CA ASP B 189 22.16 1.32 -31.50
C ASP B 189 22.01 -0.04 -30.82
N VAL B 190 21.48 -1.00 -31.56
CA VAL B 190 21.34 -2.38 -31.08
C VAL B 190 21.85 -3.31 -32.16
N HIS B 191 22.80 -4.17 -31.80
CA HIS B 191 23.32 -5.19 -32.70
C HIS B 191 23.28 -6.52 -31.98
N GLY B 192 22.49 -7.46 -32.49
CA GLY B 192 22.40 -8.78 -31.88
C GLY B 192 21.86 -8.72 -30.47
N ILE B 193 22.71 -8.98 -29.49
CA ILE B 193 22.32 -8.93 -28.09
C ILE B 193 23.12 -7.89 -27.32
N TRP B 194 23.72 -6.93 -28.02
CA TRP B 194 24.50 -5.87 -27.41
C TRP B 194 23.88 -4.52 -27.78
N SER B 195 23.94 -3.57 -26.85
CA SER B 195 23.39 -2.25 -27.06
C SER B 195 24.41 -1.19 -26.64
N ARG B 196 24.27 0.00 -27.21
CA ARG B 196 25.13 1.12 -26.89
C ARG B 196 24.30 2.39 -26.80
N LEU B 197 24.53 3.17 -25.74
CA LEU B 197 23.83 4.42 -25.54
C LEU B 197 24.83 5.51 -25.21
N PHE B 198 24.59 6.70 -25.76
CA PHE B 198 25.51 7.82 -25.58
C PHE B 198 24.71 9.11 -25.43
N CYS B 199 25.27 10.05 -24.68
CA CYS B 199 24.63 11.34 -24.46
C CYS B 199 25.65 12.45 -24.56
N ASP B 200 25.17 13.64 -24.91
CA ASP B 200 26.00 14.84 -24.94
C ASP B 200 25.08 16.04 -24.90
N PHE B 201 25.17 16.82 -23.82
CA PHE B 201 24.31 17.98 -23.62
C PHE B 201 25.09 19.29 -23.67
N GLY B 202 26.21 19.31 -24.35
CA GLY B 202 27.01 20.52 -24.47
C GLY B 202 28.10 20.58 -23.41
N ASP B 203 28.87 21.67 -23.46
CA ASP B 203 29.95 21.85 -22.51
C ASP B 203 29.44 21.93 -21.09
N GLU B 204 28.37 22.68 -20.86
CA GLU B 204 27.82 22.88 -19.53
C GLU B 204 26.31 22.75 -19.56
N PHE B 205 25.77 21.94 -18.66
CA PHE B 205 24.35 21.72 -18.55
C PHE B 205 23.90 21.99 -17.12
N GLU B 206 22.69 22.50 -16.97
CA GLU B 206 22.16 22.93 -15.69
C GLU B 206 20.98 22.05 -15.29
N VAL B 207 20.98 21.58 -14.05
CA VAL B 207 19.95 20.70 -13.53
C VAL B 207 19.25 21.41 -12.38
N LEU B 208 17.92 21.46 -12.45
CA LEU B 208 17.14 22.17 -11.44
C LEU B 208 16.66 21.27 -10.31
N ASP B 209 16.89 19.97 -10.39
CA ASP B 209 16.47 19.05 -9.33
C ASP B 209 17.36 17.83 -9.42
N THR B 210 18.24 17.65 -8.44
CA THR B 210 19.24 16.59 -8.53
C THR B 210 18.60 15.22 -8.42
N THR B 211 17.72 15.02 -7.44
CA THR B 211 17.16 13.72 -7.16
C THR B 211 15.66 13.62 -7.39
N GLY B 212 14.90 14.64 -7.00
CA GLY B 212 13.47 14.64 -7.18
C GLY B 212 12.67 14.27 -5.95
N GLU B 213 13.33 13.91 -4.85
CA GLU B 213 12.62 13.57 -3.63
C GLU B 213 12.16 14.84 -2.93
N GLU B 214 10.97 14.77 -2.33
CA GLU B 214 10.44 15.91 -1.61
C GLU B 214 11.27 16.17 -0.35
N PRO B 215 11.55 17.43 -0.04
CA PRO B 215 12.35 17.73 1.16
C PRO B 215 11.64 17.28 2.42
N LYS B 216 12.42 16.84 3.39
CA LYS B 216 11.88 16.42 4.67
C LYS B 216 11.79 17.59 5.62
N GLU B 217 11.10 17.38 6.74
CA GLU B 217 10.91 18.39 7.75
C GLU B 217 11.37 17.86 9.10
N ILE B 218 12.10 18.68 9.84
CA ILE B 218 12.65 18.30 11.13
C ILE B 218 12.24 19.34 12.17
N PHE B 219 12.30 18.93 13.43
CA PHE B 219 11.95 19.79 14.56
C PHE B 219 13.17 20.04 15.40
N ILE B 220 13.49 21.31 15.62
CA ILE B 220 14.63 21.69 16.44
C ILE B 220 14.29 21.47 17.90
N SER B 221 15.23 20.92 18.65
CA SER B 221 15.07 20.75 20.10
C SER B 221 15.89 21.73 20.91
N ASN B 222 17.12 22.02 20.50
CA ASN B 222 17.98 22.91 21.26
C ASN B 222 18.99 23.55 20.33
N ILE B 223 19.34 24.80 20.62
CA ILE B 223 20.37 25.53 19.90
C ILE B 223 21.37 26.03 20.92
N THR B 224 22.62 26.23 20.48
CA THR B 224 23.69 26.68 21.34
C THR B 224 24.23 28.00 20.83
N GLN B 225 24.40 28.97 21.72
CA GLN B 225 25.01 30.25 21.38
C GLN B 225 26.53 30.10 21.39
N ALA B 226 27.01 29.38 20.37
CA ALA B 226 28.41 29.03 20.26
C ALA B 226 28.91 29.29 18.84
N ASN B 227 30.23 29.29 18.69
CA ASN B 227 30.88 29.45 17.40
C ASN B 227 31.72 28.23 17.09
N PRO B 228 31.27 27.33 16.22
CA PRO B 228 29.99 27.34 15.52
C PRO B 228 28.86 26.89 16.43
N GLY B 229 27.62 27.26 16.13
CA GLY B 229 26.51 26.79 16.93
C GLY B 229 26.21 25.32 16.70
N ILE B 230 25.57 24.71 17.69
CA ILE B 230 25.20 23.31 17.64
C ILE B 230 23.69 23.21 17.76
N VAL B 231 23.07 22.48 16.83
CA VAL B 231 21.62 22.30 16.79
C VAL B 231 21.31 20.84 17.09
N THR B 232 20.47 20.61 18.08
CA THR B 232 20.08 19.27 18.50
C THR B 232 18.68 18.98 18.00
N CYS B 233 18.54 17.85 17.30
CA CYS B 233 17.23 17.42 16.82
C CYS B 233 16.38 16.96 17.99
N LEU B 234 15.08 16.83 17.73
CA LEU B 234 14.16 16.36 18.76
C LEU B 234 14.49 14.92 19.14
N GLU B 235 13.87 14.46 20.22
CA GLU B 235 14.06 13.08 20.66
C GLU B 235 13.67 12.12 19.55
N ASN B 236 14.53 11.12 19.31
CA ASN B 236 14.37 10.20 18.19
C ASN B 236 14.34 10.98 16.88
N HIS B 237 13.78 10.37 15.83
CA HIS B 237 13.61 11.00 14.53
C HIS B 237 14.92 11.58 14.04
N PRO B 238 15.88 10.75 13.63
CA PRO B 238 17.16 11.28 13.13
C PRO B 238 16.94 12.17 11.93
N HIS B 239 17.78 13.22 11.83
CA HIS B 239 17.62 14.18 10.76
C HIS B 239 17.86 13.57 9.38
N LYS B 240 18.64 12.49 9.32
CA LYS B 240 18.94 11.79 8.06
C LYS B 240 19.53 12.76 7.03
N LEU B 241 20.42 13.63 7.50
CA LEU B 241 21.04 14.64 6.66
C LEU B 241 22.50 14.29 6.42
N GLU B 242 23.12 15.06 5.53
CA GLU B 242 24.54 14.91 5.20
C GLU B 242 25.15 16.28 5.01
N THR B 243 26.46 16.36 5.23
CA THR B 243 27.16 17.64 5.21
C THR B 243 27.15 18.26 3.82
N GLY B 244 26.96 19.58 3.77
CA GLY B 244 26.94 20.32 2.54
C GLY B 244 25.57 20.74 2.07
N GLN B 245 24.51 20.13 2.60
CA GLN B 245 23.16 20.53 2.26
C GLN B 245 22.82 21.87 2.91
N PHE B 246 21.74 22.48 2.44
CA PHE B 246 21.31 23.79 2.90
C PHE B 246 19.92 23.71 3.51
N LEU B 247 19.72 24.45 4.60
CA LEU B 247 18.46 24.45 5.33
C LEU B 247 18.01 25.88 5.57
N THR B 248 16.70 26.03 5.80
CA THR B 248 16.12 27.30 6.19
C THR B 248 15.21 27.09 7.40
N PHE B 249 15.11 28.10 8.25
CA PHE B 249 14.39 28.00 9.50
C PHE B 249 13.18 28.93 9.51
N ARG B 250 12.25 28.63 10.40
CA ARG B 250 11.08 29.46 10.62
C ARG B 250 10.50 29.12 11.98
N GLU B 251 9.75 30.06 12.54
CA GLU B 251 9.03 29.86 13.80
C GLU B 251 9.98 29.46 14.93
N ILE B 252 10.89 30.39 15.25
CA ILE B 252 11.86 30.19 16.31
C ILE B 252 11.64 31.27 17.36
N ASN B 253 11.54 30.85 18.62
CA ASN B 253 11.34 31.77 19.73
C ASN B 253 12.68 32.16 20.32
N GLY B 254 12.90 33.46 20.50
CA GLY B 254 14.16 33.96 21.03
C GLY B 254 15.16 34.26 19.93
N MET B 255 15.60 33.22 19.21
CA MET B 255 16.56 33.40 18.13
C MET B 255 15.82 33.80 16.85
N THR B 256 15.26 35.02 16.90
CA THR B 256 14.52 35.54 15.75
C THR B 256 15.43 35.81 14.55
N GLY B 257 16.74 35.93 14.78
CA GLY B 257 17.64 36.23 13.67
C GLY B 257 17.78 35.08 12.68
N LEU B 258 17.52 33.85 13.12
CA LEU B 258 17.66 32.70 12.24
C LEU B 258 16.40 32.41 11.43
N ASN B 259 15.28 33.06 11.72
CA ASN B 259 14.07 32.83 10.96
C ASN B 259 14.22 33.43 9.56
N GLY B 260 13.97 32.60 8.54
CA GLY B 260 14.06 33.04 7.17
C GLY B 260 15.47 33.03 6.59
N SER B 261 16.47 32.60 7.34
CA SER B 261 17.83 32.57 6.85
C SER B 261 18.15 31.22 6.22
N ILE B 262 19.30 31.14 5.55
CA ILE B 262 19.78 29.93 4.91
C ILE B 262 21.17 29.63 5.44
N GLN B 263 21.40 28.38 5.83
CA GLN B 263 22.66 27.95 6.39
C GLN B 263 23.12 26.65 5.76
N GLN B 264 24.42 26.44 5.75
CA GLN B 264 25.00 25.17 5.29
C GLN B 264 25.45 24.36 6.49
N ILE B 265 25.13 23.07 6.47
CA ILE B 265 25.17 22.25 7.66
C ILE B 265 26.44 21.43 7.70
N THR B 266 26.69 20.80 8.85
CA THR B 266 27.81 19.86 9.00
C THR B 266 27.37 18.81 10.01
N VAL B 267 27.16 17.59 9.54
CA VAL B 267 26.67 16.51 10.40
C VAL B 267 27.72 16.18 11.45
N ILE B 268 27.31 16.10 12.70
CA ILE B 268 28.15 15.68 13.81
C ILE B 268 27.70 14.34 14.37
N SER B 269 26.41 14.20 14.63
CA SER B 269 25.80 12.99 15.14
C SER B 269 24.55 12.71 14.34
N PRO B 270 24.00 11.50 14.42
CA PRO B 270 22.71 11.25 13.76
C PRO B 270 21.58 12.13 14.26
N PHE B 271 21.71 12.72 15.45
CA PHE B 271 20.67 13.57 16.02
C PHE B 271 21.07 15.04 16.09
N SER B 272 22.17 15.44 15.45
CA SER B 272 22.58 16.84 15.53
C SER B 272 23.52 17.15 14.37
N PHE B 273 23.74 18.46 14.17
CA PHE B 273 24.69 18.93 13.18
C PHE B 273 25.22 20.28 13.64
N SER B 274 25.88 21.00 12.74
CA SER B 274 26.52 22.25 13.07
C SER B 274 26.07 23.34 12.11
N ILE B 275 25.94 24.56 12.65
CA ILE B 275 25.65 25.76 11.89
C ILE B 275 26.66 26.81 12.33
N GLY B 276 26.80 27.86 11.53
CA GLY B 276 27.76 28.91 11.79
C GLY B 276 27.59 29.65 13.10
N ASP B 277 28.42 30.67 13.32
CA ASP B 277 28.45 31.38 14.60
C ASP B 277 27.09 31.97 14.94
N THR B 278 26.69 31.79 16.20
CA THR B 278 25.44 32.35 16.70
C THR B 278 25.62 33.07 18.02
N THR B 279 26.86 33.32 18.45
CA THR B 279 27.12 33.94 19.74
C THR B 279 26.54 35.35 19.84
N GLU B 280 26.22 35.98 18.72
CA GLU B 280 25.71 37.34 18.72
C GLU B 280 24.18 37.38 18.74
N LEU B 281 23.52 36.25 18.88
CA LEU B 281 22.08 36.17 18.85
C LEU B 281 21.51 35.98 20.25
N GLU B 282 20.19 36.07 20.35
CA GLU B 282 19.51 35.89 21.62
C GLU B 282 19.51 34.41 22.00
N PRO B 283 19.33 34.10 23.28
CA PRO B 283 19.23 32.70 23.69
C PRO B 283 18.03 32.02 23.06
N TYR B 284 18.16 30.72 22.81
CA TYR B 284 17.08 29.94 22.21
C TYR B 284 16.06 29.57 23.27
N LEU B 285 14.78 29.82 22.96
CA LEU B 285 13.70 29.54 23.91
C LEU B 285 13.09 28.16 23.66
N HIS B 286 12.48 27.97 22.49
CA HIS B 286 11.78 26.74 22.15
C HIS B 286 11.33 26.84 20.70
N GLY B 287 10.81 25.72 20.19
CA GLY B 287 10.26 25.69 18.85
C GLY B 287 11.34 25.69 17.77
N GLY B 288 10.88 25.73 16.52
CA GLY B 288 11.82 25.79 15.41
C GLY B 288 11.58 24.64 14.45
N ILE B 289 11.44 24.98 13.18
CA ILE B 289 11.25 24.01 12.12
C ILE B 289 12.20 24.33 10.97
N ALA B 290 12.94 23.32 10.52
CA ALA B 290 13.89 23.46 9.43
C ALA B 290 13.52 22.52 8.30
N VAL B 291 13.62 23.01 7.07
CA VAL B 291 13.30 22.23 5.89
C VAL B 291 14.45 22.34 4.89
N GLN B 292 14.71 21.27 4.16
CA GLN B 292 15.78 21.25 3.18
C GLN B 292 15.45 22.13 1.97
N VAL B 293 16.48 22.74 1.40
CA VAL B 293 16.35 23.59 0.22
C VAL B 293 17.14 22.97 -0.91
N LYS B 294 16.49 22.82 -2.07
CA LYS B 294 17.15 22.27 -3.25
C LYS B 294 18.01 23.33 -3.93
N THR B 295 19.10 22.88 -4.55
CA THR B 295 20.08 23.77 -5.15
C THR B 295 20.39 23.30 -6.56
N PRO B 296 20.42 24.20 -7.54
CA PRO B 296 20.78 23.80 -8.90
C PRO B 296 22.21 23.29 -8.98
N LYS B 297 22.43 22.34 -9.88
CA LYS B 297 23.74 21.72 -10.07
C LYS B 297 24.15 21.82 -11.53
N THR B 298 25.44 21.99 -11.76
CA THR B 298 26.00 22.11 -13.09
C THR B 298 26.89 20.91 -13.38
N VAL B 299 26.70 20.30 -14.55
CA VAL B 299 27.49 19.16 -14.98
C VAL B 299 28.19 19.50 -16.29
N PHE B 300 29.20 18.71 -16.61
CA PHE B 300 30.02 18.91 -17.79
C PHE B 300 30.02 17.67 -18.66
N PHE B 301 29.98 17.86 -19.97
CA PHE B 301 30.07 16.78 -20.94
C PHE B 301 31.26 17.03 -21.86
N GLU B 302 31.48 16.10 -22.79
CA GLU B 302 32.55 16.21 -23.76
C GLU B 302 32.03 15.80 -25.13
N SER B 303 32.82 16.13 -26.15
CA SER B 303 32.45 15.77 -27.51
C SER B 303 32.55 14.26 -27.72
N LEU B 304 31.83 13.77 -28.72
CA LEU B 304 31.84 12.34 -29.00
C LEU B 304 33.23 11.88 -29.41
N GLU B 305 33.91 12.65 -30.26
CA GLU B 305 35.23 12.23 -30.74
C GLU B 305 36.21 12.12 -29.60
N ARG B 306 36.17 13.05 -28.65
CA ARG B 306 37.03 12.96 -27.48
C ARG B 306 36.67 11.76 -26.63
N GLN B 307 35.37 11.49 -26.46
CA GLN B 307 34.95 10.43 -25.55
C GLN B 307 35.34 9.04 -26.03
N LEU B 308 35.70 8.89 -27.30
CA LEU B 308 35.99 7.57 -27.84
C LEU B 308 37.34 7.02 -27.38
N LYS B 309 38.15 7.82 -26.70
CA LYS B 309 39.46 7.37 -26.27
C LYS B 309 39.51 6.91 -24.81
N HIS B 310 38.56 7.35 -23.98
CA HIS B 310 38.47 6.86 -22.61
C HIS B 310 37.09 7.17 -22.07
N PRO B 311 36.08 6.38 -22.43
CA PRO B 311 34.71 6.69 -22.03
C PRO B 311 34.51 6.60 -20.53
N LYS B 312 33.58 7.41 -20.03
CA LYS B 312 33.17 7.35 -18.63
C LYS B 312 31.90 6.52 -18.57
N CYS B 313 32.08 5.21 -18.64
CA CYS B 313 30.97 4.28 -18.68
C CYS B 313 30.28 4.19 -17.31
N LEU B 314 29.12 3.56 -17.31
CA LEU B 314 28.33 3.36 -16.09
C LEU B 314 28.29 1.87 -15.77
N ILE B 315 28.60 1.54 -14.53
CA ILE B 315 28.66 0.15 -14.09
C ILE B 315 27.26 -0.31 -13.69
N VAL B 316 26.81 -1.42 -14.27
CA VAL B 316 25.52 -2.00 -13.92
C VAL B 316 25.65 -3.33 -13.20
N ASP B 317 26.79 -4.01 -13.30
CA ASP B 317 27.02 -5.27 -12.61
C ASP B 317 28.38 -5.20 -11.95
N PHE B 318 28.41 -5.21 -10.61
CA PHE B 318 29.66 -5.05 -9.89
C PHE B 318 30.50 -6.31 -9.87
N SER B 319 29.97 -7.45 -10.33
CA SER B 319 30.77 -8.65 -10.38
C SER B 319 31.87 -8.55 -11.42
N ASN B 320 31.63 -7.82 -12.51
CA ASN B 320 32.61 -7.64 -13.59
C ASN B 320 32.68 -6.16 -13.91
N PRO B 321 33.36 -5.37 -13.06
CA PRO B 321 33.42 -3.92 -13.28
C PRO B 321 34.16 -3.53 -14.55
N GLU B 322 35.00 -4.40 -15.09
CA GLU B 322 35.77 -4.08 -16.29
C GLU B 322 35.07 -4.47 -17.58
N ALA B 323 33.86 -5.04 -17.49
CA ALA B 323 33.14 -5.45 -18.68
C ALA B 323 32.81 -4.30 -19.62
N PRO B 324 32.31 -3.13 -19.15
CA PRO B 324 31.92 -2.09 -20.12
C PRO B 324 33.05 -1.64 -21.03
N LEU B 325 34.28 -1.59 -20.51
CA LEU B 325 35.40 -1.18 -21.35
C LEU B 325 35.62 -2.18 -22.48
N GLU B 326 35.57 -3.47 -22.16
CA GLU B 326 35.76 -4.49 -23.19
C GLU B 326 34.62 -4.47 -24.21
N ILE B 327 33.38 -4.27 -23.74
CA ILE B 327 32.26 -4.17 -24.67
C ILE B 327 32.44 -2.99 -25.60
N HIS B 328 32.89 -1.86 -25.05
CA HIS B 328 33.15 -0.69 -25.87
C HIS B 328 34.22 -0.96 -26.90
N THR B 329 35.29 -1.66 -26.50
CA THR B 329 36.33 -2.02 -27.44
C THR B 329 35.78 -2.87 -28.58
N ALA B 330 34.98 -3.88 -28.23
CA ALA B 330 34.43 -4.77 -29.26
C ALA B 330 33.51 -4.01 -30.21
N MET B 331 32.67 -3.12 -29.68
CA MET B 331 31.76 -2.37 -30.54
C MET B 331 32.54 -1.46 -31.48
N LEU B 332 33.60 -0.81 -30.97
CA LEU B 332 34.40 0.04 -31.83
C LEU B 332 35.06 -0.77 -32.94
N ALA B 333 35.57 -1.96 -32.60
CA ALA B 333 36.18 -2.81 -33.61
C ALA B 333 35.15 -3.23 -34.65
N LEU B 334 33.92 -3.53 -34.22
CA LEU B 334 32.88 -3.90 -35.16
C LEU B 334 32.59 -2.75 -36.13
N ASP B 335 32.51 -1.52 -35.60
CA ASP B 335 32.25 -0.39 -36.48
C ASP B 335 33.38 -0.19 -37.48
N GLN B 336 34.63 -0.35 -37.02
CA GLN B 336 35.75 -0.22 -37.96
C GLN B 336 35.69 -1.29 -39.04
N PHE B 337 35.35 -2.53 -38.66
CA PHE B 337 35.24 -3.59 -39.65
C PHE B 337 34.13 -3.30 -40.66
N GLN B 338 32.98 -2.81 -40.16
CA GLN B 338 31.88 -2.52 -41.05
C GLN B 338 32.24 -1.41 -42.03
N GLU B 339 32.98 -0.41 -41.56
CA GLU B 339 33.45 0.63 -42.47
C GLU B 339 34.41 0.06 -43.50
N LYS B 340 35.33 -0.81 -43.07
CA LYS B 340 36.37 -1.29 -43.98
C LYS B 340 35.79 -2.20 -45.06
N TYR B 341 34.91 -3.12 -44.70
CA TYR B 341 34.42 -4.13 -45.63
C TYR B 341 33.02 -3.86 -46.16
N SER B 342 32.36 -2.80 -45.68
CA SER B 342 31.03 -2.41 -46.17
C SER B 342 29.99 -3.51 -45.98
N ARG B 343 30.20 -4.38 -44.98
CA ARG B 343 29.23 -5.42 -44.68
C ARG B 343 29.46 -5.90 -43.27
N LYS B 344 28.46 -6.53 -42.73
CA LYS B 344 28.59 -7.09 -41.39
C LYS B 344 29.19 -8.50 -41.47
N PRO B 345 29.80 -8.97 -40.39
CA PRO B 345 30.37 -10.32 -40.40
C PRO B 345 29.31 -11.38 -40.63
N ASN B 346 29.69 -12.42 -41.35
CA ASN B 346 28.81 -13.56 -41.58
C ASN B 346 28.98 -14.58 -40.48
N VAL B 347 27.88 -15.17 -40.05
CA VAL B 347 27.91 -16.11 -38.93
C VAL B 347 28.62 -17.39 -39.35
N GLY B 348 29.56 -17.83 -38.51
CA GLY B 348 30.23 -19.10 -38.71
C GLY B 348 31.49 -19.04 -39.55
N CYS B 349 31.78 -17.90 -40.18
CA CYS B 349 33.00 -17.76 -40.98
C CYS B 349 34.13 -17.36 -40.04
N GLN B 350 35.01 -18.30 -39.74
CA GLN B 350 36.01 -18.07 -38.70
C GLN B 350 37.00 -16.99 -39.10
N GLN B 351 37.22 -16.77 -40.40
CA GLN B 351 38.15 -15.75 -40.82
C GLN B 351 37.64 -14.36 -40.44
N ASP B 352 36.33 -14.15 -40.53
CA ASP B 352 35.76 -12.89 -40.07
C ASP B 352 36.00 -12.70 -38.57
N SER B 353 35.85 -13.78 -37.80
CA SER B 353 36.11 -13.69 -36.37
C SER B 353 37.57 -13.34 -36.10
N GLU B 354 38.49 -13.96 -36.84
CA GLU B 354 39.90 -13.66 -36.65
C GLU B 354 40.21 -12.21 -37.00
N GLU B 355 39.64 -11.71 -38.11
CA GLU B 355 39.86 -10.33 -38.49
C GLU B 355 39.32 -9.38 -37.43
N LEU B 356 38.12 -9.67 -36.91
CA LEU B 356 37.56 -8.82 -35.86
C LEU B 356 38.41 -8.85 -34.61
N LEU B 357 38.92 -10.02 -34.24
CA LEU B 357 39.77 -10.12 -33.06
C LEU B 357 41.05 -9.32 -33.23
N LYS B 358 41.67 -9.42 -34.42
CA LYS B 358 42.88 -8.64 -34.67
C LYS B 358 42.60 -7.15 -34.60
N LEU B 359 41.49 -6.71 -35.17
CA LEU B 359 41.14 -5.28 -35.11
C LEU B 359 40.91 -4.85 -33.65
N ALA B 360 40.22 -5.68 -32.87
CA ALA B 360 39.97 -5.34 -31.48
C ALA B 360 41.27 -5.25 -30.70
N THR B 361 42.21 -6.16 -30.95
CA THR B 361 43.50 -6.09 -30.30
C THR B 361 44.24 -4.81 -30.70
N SER B 362 44.15 -4.44 -31.98
CA SER B 362 44.81 -3.22 -32.43
C SER B 362 44.22 -1.99 -31.76
N ILE B 363 42.90 -1.94 -31.60
CA ILE B 363 42.26 -0.78 -30.98
C ILE B 363 42.58 -0.71 -29.50
N SER B 364 42.60 -1.86 -28.83
CA SER B 364 42.67 -1.88 -27.36
C SER B 364 43.94 -1.20 -26.86
N GLU B 365 45.08 -1.47 -27.50
CA GLU B 365 46.33 -0.85 -27.09
C GLU B 365 46.32 0.66 -27.31
N THR B 366 45.48 1.15 -28.22
CA THR B 366 45.38 2.59 -28.43
C THR B 366 44.60 3.30 -27.34
N LEU B 367 43.78 2.57 -26.59
CA LEU B 367 43.00 3.20 -25.53
C LEU B 367 43.90 3.72 -24.43
N GLU B 368 43.43 4.78 -23.77
CA GLU B 368 44.22 5.42 -22.72
C GLU B 368 44.48 4.45 -21.57
N GLU B 369 43.46 3.70 -21.15
CA GLU B 369 43.58 2.82 -20.00
C GLU B 369 44.28 1.51 -20.33
N LYS B 370 44.35 1.14 -21.61
CA LYS B 370 44.99 -0.10 -22.06
C LYS B 370 44.43 -1.32 -21.35
N PRO B 371 43.19 -1.70 -21.61
CA PRO B 371 42.61 -2.88 -20.99
C PRO B 371 43.01 -4.15 -21.75
N ASP B 372 42.39 -5.26 -21.36
CA ASP B 372 42.61 -6.53 -22.04
C ASP B 372 41.55 -6.73 -23.12
N VAL B 373 41.68 -7.82 -23.86
CA VAL B 373 40.75 -8.18 -24.92
C VAL B 373 40.04 -9.46 -24.50
N ASN B 374 38.72 -9.40 -24.43
CA ASN B 374 37.91 -10.55 -24.07
C ASN B 374 37.56 -11.32 -25.33
N ALA B 375 38.19 -12.48 -25.51
CA ALA B 375 37.98 -13.25 -26.73
C ALA B 375 36.54 -13.74 -26.84
N ASP B 376 35.94 -14.13 -25.72
CA ASP B 376 34.58 -14.67 -25.74
C ASP B 376 33.58 -13.63 -26.23
N ILE B 377 33.70 -12.39 -25.74
CA ILE B 377 32.77 -11.36 -26.15
C ILE B 377 32.91 -11.07 -27.63
N VAL B 378 34.14 -10.98 -28.13
CA VAL B 378 34.36 -10.74 -29.54
C VAL B 378 33.77 -11.87 -30.38
N HIS B 379 34.00 -13.11 -29.94
CA HIS B 379 33.46 -14.25 -30.69
C HIS B 379 31.94 -14.20 -30.76
N TRP B 380 31.29 -13.92 -29.63
CA TRP B 380 29.83 -13.91 -29.62
C TRP B 380 29.28 -12.72 -30.39
N LEU B 381 29.95 -11.58 -30.35
CA LEU B 381 29.51 -10.45 -31.16
C LEU B 381 29.62 -10.77 -32.65
N SER B 382 30.70 -11.44 -33.05
CA SER B 382 30.82 -11.85 -34.44
C SER B 382 29.73 -12.85 -34.79
N TRP B 383 29.37 -13.73 -33.86
CA TRP B 383 28.41 -14.78 -34.17
C TRP B 383 27.04 -14.20 -34.50
N THR B 384 26.57 -13.22 -33.75
CA THR B 384 25.21 -12.71 -33.86
C THR B 384 25.21 -11.24 -34.28
N ALA B 385 26.05 -10.89 -35.25
CA ALA B 385 26.14 -9.49 -35.65
C ALA B 385 24.89 -9.02 -36.37
N GLN B 386 24.21 -9.91 -37.09
CA GLN B 386 23.08 -9.52 -37.91
C GLN B 386 21.73 -9.79 -37.24
N GLY B 387 21.73 -10.15 -35.96
CA GLY B 387 20.50 -10.41 -35.26
C GLY B 387 19.85 -9.15 -34.75
N PHE B 388 18.74 -9.33 -34.04
CA PHE B 388 18.03 -8.22 -33.39
C PHE B 388 17.12 -8.81 -32.34
N LEU B 389 17.27 -8.36 -31.09
CA LEU B 389 16.50 -8.88 -29.98
C LEU B 389 15.50 -7.83 -29.52
N SER B 390 14.21 -8.18 -29.57
CA SER B 390 13.17 -7.18 -29.30
C SER B 390 13.18 -6.66 -27.87
N PRO B 391 13.20 -7.51 -26.83
CA PRO B 391 13.12 -6.95 -25.46
C PRO B 391 14.26 -6.01 -25.11
N LEU B 392 15.47 -6.31 -25.59
CA LEU B 392 16.59 -5.41 -25.36
C LEU B 392 16.34 -4.06 -26.03
N ALA B 393 15.79 -4.09 -27.24
CA ALA B 393 15.43 -2.85 -27.92
C ALA B 393 14.41 -2.07 -27.11
N ALA B 394 13.42 -2.76 -26.53
CA ALA B 394 12.42 -2.07 -25.73
C ALA B 394 13.05 -1.42 -24.51
N ALA B 395 13.94 -2.12 -23.81
CA ALA B 395 14.56 -1.55 -22.62
C ALA B 395 15.40 -0.33 -22.97
N VAL B 396 16.20 -0.44 -24.02
CA VAL B 396 17.04 0.69 -24.44
C VAL B 396 16.17 1.86 -24.87
N GLY B 397 15.04 1.58 -25.53
CA GLY B 397 14.15 2.64 -25.93
C GLY B 397 13.55 3.37 -24.75
N GLY B 398 13.15 2.63 -23.72
CA GLY B 398 12.64 3.28 -22.53
C GLY B 398 13.67 4.20 -21.90
N VAL B 399 14.90 3.71 -21.76
CA VAL B 399 15.95 4.53 -21.17
C VAL B 399 16.20 5.77 -22.00
N ALA B 400 16.25 5.62 -23.33
CA ALA B 400 16.52 6.75 -24.20
C ALA B 400 15.40 7.79 -24.13
N SER B 401 14.15 7.34 -24.06
CA SER B 401 13.05 8.29 -23.93
C SER B 401 13.15 9.06 -22.62
N GLN B 402 13.53 8.38 -21.54
CA GLN B 402 13.74 9.08 -20.28
C GLN B 402 14.85 10.12 -20.42
N GLU B 403 15.92 9.76 -21.13
CA GLU B 403 17.01 10.71 -21.34
C GLU B 403 16.55 11.93 -22.12
N VAL B 404 15.72 11.73 -23.15
CA VAL B 404 15.23 12.86 -23.93
C VAL B 404 14.37 13.77 -23.06
N LEU B 405 13.54 13.18 -22.20
CA LEU B 405 12.75 13.99 -21.29
C LEU B 405 13.64 14.82 -20.37
N LYS B 406 14.70 14.21 -19.84
CA LYS B 406 15.64 14.96 -19.02
C LYS B 406 16.27 16.09 -19.81
N ALA B 407 16.62 15.84 -21.07
CA ALA B 407 17.26 16.85 -21.89
C ALA B 407 16.34 18.04 -22.13
N VAL B 408 15.05 17.78 -22.38
CA VAL B 408 14.17 18.89 -22.72
C VAL B 408 13.71 19.65 -21.48
N THR B 409 13.55 18.99 -20.34
CA THR B 409 13.02 19.68 -19.17
C THR B 409 14.07 20.09 -18.16
N GLY B 410 15.17 19.36 -18.06
CA GLY B 410 16.11 19.60 -17.00
C GLY B 410 15.63 19.18 -15.63
N LYS B 411 14.70 18.23 -15.58
CA LYS B 411 14.09 17.85 -14.32
C LYS B 411 15.05 17.05 -13.45
N PHE B 412 15.72 16.05 -14.01
CA PHE B 412 16.53 15.13 -13.23
C PHE B 412 17.99 15.19 -13.68
N SER B 413 18.81 14.37 -13.04
CA SER B 413 20.22 14.30 -13.37
C SER B 413 20.42 13.47 -14.64
N PRO B 414 21.12 13.98 -15.64
CA PRO B 414 21.29 13.22 -16.88
C PRO B 414 22.32 12.11 -16.73
N LEU B 415 22.32 11.22 -17.72
CA LEU B 415 23.32 10.17 -17.79
C LEU B 415 24.67 10.76 -18.21
N CYS B 416 25.74 10.21 -17.65
CA CYS B 416 27.09 10.63 -18.02
C CYS B 416 28.01 9.42 -17.86
N GLN B 417 28.50 8.89 -18.97
CA GLN B 417 28.18 9.42 -20.29
C GLN B 417 27.90 8.29 -21.28
N TRP B 418 28.02 7.04 -20.84
CA TRP B 418 27.76 5.88 -21.68
C TRP B 418 26.90 4.89 -20.91
N LEU B 419 26.27 3.97 -21.65
CA LEU B 419 25.54 2.88 -21.04
C LEU B 419 25.59 1.67 -21.95
N TYR B 420 26.03 0.54 -21.40
CA TYR B 420 26.18 -0.70 -22.16
C TYR B 420 25.35 -1.78 -21.50
N LEU B 421 24.19 -2.08 -22.09
CA LEU B 421 23.39 -3.22 -21.68
C LEU B 421 23.61 -4.38 -22.64
N GLU B 422 23.54 -5.59 -22.10
CA GLU B 422 23.70 -6.79 -22.92
C GLU B 422 23.00 -7.95 -22.22
N ALA B 423 22.74 -9.00 -22.99
CA ALA B 423 22.07 -10.20 -22.52
C ALA B 423 22.89 -11.44 -22.86
N ALA B 424 24.19 -11.38 -22.58
CA ALA B 424 25.07 -12.47 -22.96
C ALA B 424 24.70 -13.78 -22.27
N ASP B 425 24.05 -13.70 -21.11
CA ASP B 425 23.70 -14.90 -20.37
C ASP B 425 22.80 -15.83 -21.16
N ILE B 426 22.02 -15.29 -22.10
CA ILE B 426 21.10 -16.13 -22.86
C ILE B 426 21.88 -17.16 -23.68
N VAL B 427 22.96 -16.72 -24.34
CA VAL B 427 23.74 -17.63 -25.16
C VAL B 427 24.94 -18.20 -24.42
N GLU B 428 25.22 -17.75 -23.20
CA GLU B 428 26.33 -18.32 -22.45
C GLU B 428 26.10 -19.79 -22.13
N SER B 429 24.86 -20.21 -21.97
CA SER B 429 24.54 -21.58 -21.60
C SER B 429 24.29 -22.48 -22.80
N LEU B 430 24.38 -21.95 -24.02
CA LEU B 430 24.14 -22.76 -25.21
C LEU B 430 25.33 -23.64 -25.58
N GLY B 431 26.49 -23.43 -24.96
CA GLY B 431 27.64 -24.24 -25.27
C GLY B 431 28.26 -23.88 -26.61
N LYS B 432 28.28 -24.83 -27.54
CA LYS B 432 28.85 -24.63 -28.87
C LYS B 432 27.84 -25.08 -29.90
N PRO B 433 26.83 -24.27 -30.19
CA PRO B 433 25.82 -24.65 -31.18
C PRO B 433 26.38 -24.60 -32.60
N GLU B 434 25.72 -25.34 -33.48
CA GLU B 434 26.10 -25.37 -34.88
C GLU B 434 25.64 -24.11 -35.59
N CYS B 435 26.35 -23.76 -36.66
CA CYS B 435 26.02 -22.56 -37.40
C CYS B 435 24.73 -22.70 -38.21
N GLU B 436 24.40 -23.91 -38.64
CA GLU B 436 23.21 -24.10 -39.47
C GLU B 436 21.94 -23.76 -38.70
N GLU B 437 21.95 -23.91 -37.38
CA GLU B 437 20.77 -23.63 -36.59
C GLU B 437 20.41 -22.15 -36.57
N PHE B 438 21.36 -21.28 -36.94
CA PHE B 438 21.12 -19.84 -36.92
C PHE B 438 20.86 -19.26 -38.30
N LEU B 439 20.88 -20.08 -39.34
CA LEU B 439 20.66 -19.56 -40.68
C LEU B 439 19.21 -19.12 -40.86
N PRO B 440 18.96 -18.06 -41.62
CA PRO B 440 17.58 -17.62 -41.85
C PRO B 440 16.83 -18.63 -42.71
N ARG B 441 15.51 -18.67 -42.51
CA ARG B 441 14.66 -19.60 -43.23
C ARG B 441 13.63 -18.93 -44.13
N GLY B 442 13.39 -17.63 -43.96
CA GLY B 442 12.49 -16.93 -44.85
C GLY B 442 11.11 -16.69 -44.28
N ASP B 443 11.04 -16.34 -43.00
CA ASP B 443 9.76 -16.02 -42.37
C ASP B 443 9.96 -14.78 -41.50
N ARG B 444 8.95 -14.46 -40.70
CA ARG B 444 9.01 -13.26 -39.88
C ARG B 444 9.92 -13.41 -38.66
N TYR B 445 10.38 -14.62 -38.36
CA TYR B 445 11.19 -14.87 -37.18
C TYR B 445 12.67 -14.97 -37.49
N ASP B 446 13.11 -14.42 -38.63
CA ASP B 446 14.51 -14.56 -39.02
C ASP B 446 15.43 -13.85 -38.04
N ALA B 447 15.03 -12.68 -37.55
CA ALA B 447 15.86 -11.94 -36.61
C ALA B 447 16.04 -12.73 -35.31
N LEU B 448 14.95 -13.22 -34.74
CA LEU B 448 15.05 -13.96 -33.50
C LEU B 448 15.83 -15.26 -33.67
N ARG B 449 15.62 -15.94 -34.80
CA ARG B 449 16.35 -17.17 -35.06
C ARG B 449 17.85 -16.91 -35.19
N ALA B 450 18.21 -15.82 -35.87
CA ALA B 450 19.63 -15.46 -35.90
C ALA B 450 20.14 -15.07 -34.53
N CYS B 451 19.25 -14.59 -33.66
CA CYS B 451 19.69 -14.19 -32.33
C CYS B 451 20.00 -15.39 -31.45
N ILE B 452 19.02 -16.27 -31.25
CA ILE B 452 19.13 -17.30 -30.23
C ILE B 452 19.22 -18.72 -30.79
N GLY B 453 18.85 -18.93 -32.04
CA GLY B 453 18.89 -20.26 -32.60
C GLY B 453 17.51 -20.86 -32.77
N ASP B 454 17.44 -21.87 -33.62
CA ASP B 454 16.14 -22.42 -34.02
C ASP B 454 15.48 -23.22 -32.90
N THR B 455 16.27 -24.00 -32.16
CA THR B 455 15.69 -24.88 -31.15
C THR B 455 14.95 -24.10 -30.08
N LEU B 456 15.60 -23.07 -29.54
CA LEU B 456 14.96 -22.27 -28.51
C LEU B 456 13.73 -21.55 -29.04
N CYS B 457 13.77 -21.10 -30.31
CA CYS B 457 12.60 -20.48 -30.89
C CYS B 457 11.43 -21.47 -30.96
N GLN B 458 11.72 -22.70 -31.35
CA GLN B 458 10.64 -23.70 -31.39
C GLN B 458 10.10 -23.98 -30.00
N LYS B 459 10.99 -24.06 -29.00
CA LYS B 459 10.51 -24.26 -27.64
C LYS B 459 9.72 -23.05 -27.13
N LEU B 460 9.89 -21.89 -27.76
CA LEU B 460 9.11 -20.71 -27.36
C LEU B 460 7.69 -20.76 -27.90
N GLN B 461 7.50 -21.27 -29.11
CA GLN B 461 6.18 -21.25 -29.73
C GLN B 461 5.21 -22.23 -29.09
N ASN B 462 5.68 -23.12 -28.22
CA ASN B 462 4.83 -24.11 -27.58
C ASN B 462 4.55 -23.80 -26.12
N LEU B 463 4.76 -22.56 -25.69
CA LEU B 463 4.53 -22.21 -24.29
C LEU B 463 3.05 -22.07 -23.99
N ASN B 464 2.66 -22.51 -22.79
CA ASN B 464 1.36 -22.20 -22.21
C ASN B 464 1.63 -21.31 -21.00
N ILE B 465 1.29 -20.03 -21.12
CA ILE B 465 1.67 -19.02 -20.14
C ILE B 465 0.41 -18.34 -19.61
N PHE B 466 0.33 -18.20 -18.30
CA PHE B 466 -0.83 -17.60 -17.64
C PHE B 466 -0.44 -16.23 -17.12
N LEU B 467 -1.16 -15.21 -17.54
CA LEU B 467 -0.85 -13.82 -17.21
C LEU B 467 -1.96 -13.23 -16.36
N VAL B 468 -1.58 -12.60 -15.26
CA VAL B 468 -2.52 -12.02 -14.29
C VAL B 468 -2.42 -10.51 -14.36
N GLY B 469 -3.57 -9.85 -14.50
CA GLY B 469 -3.60 -8.41 -14.58
C GLY B 469 -3.24 -7.90 -15.96
N CYS B 470 -3.93 -6.88 -16.44
CA CYS B 470 -3.73 -6.34 -17.77
C CYS B 470 -3.53 -4.83 -17.70
N GLY B 471 -2.73 -4.39 -16.74
CA GLY B 471 -2.46 -2.98 -16.56
C GLY B 471 -1.49 -2.44 -17.59
N ALA B 472 -0.67 -1.47 -17.15
CA ALA B 472 0.32 -0.90 -18.04
C ALA B 472 1.35 -1.94 -18.47
N ILE B 473 1.82 -2.75 -17.51
CA ILE B 473 2.82 -3.75 -17.83
C ILE B 473 2.23 -4.84 -18.72
N GLY B 474 0.93 -5.14 -18.54
CA GLY B 474 0.32 -6.21 -19.31
C GLY B 474 0.34 -5.95 -20.80
N CYS B 475 0.04 -4.72 -21.21
CA CYS B 475 0.02 -4.40 -22.64
C CYS B 475 1.41 -4.56 -23.25
N GLU B 476 2.44 -4.07 -22.56
CA GLU B 476 3.79 -4.23 -23.06
C GLU B 476 4.17 -5.70 -23.14
N MET B 477 3.78 -6.49 -22.16
CA MET B 477 4.07 -7.92 -22.21
C MET B 477 3.37 -8.58 -23.38
N LEU B 478 2.13 -8.17 -23.68
CA LEU B 478 1.44 -8.73 -24.82
C LEU B 478 2.13 -8.35 -26.12
N LYS B 479 2.61 -7.11 -26.22
CA LYS B 479 3.34 -6.71 -27.42
C LYS B 479 4.60 -7.53 -27.59
N ASN B 480 5.33 -7.75 -26.50
CA ASN B 480 6.54 -8.57 -26.57
C ASN B 480 6.21 -10.00 -26.97
N PHE B 481 5.13 -10.55 -26.42
CA PHE B 481 4.72 -11.90 -26.79
C PHE B 481 4.41 -12.01 -28.27
N ALA B 482 3.69 -11.01 -28.81
CA ALA B 482 3.37 -11.02 -30.23
C ALA B 482 4.63 -10.94 -31.07
N LEU B 483 5.60 -10.13 -30.65
CA LEU B 483 6.84 -10.03 -31.41
C LEU B 483 7.63 -11.33 -31.37
N LEU B 484 7.67 -11.99 -30.22
CA LEU B 484 8.46 -13.21 -30.09
C LEU B 484 7.76 -14.44 -30.65
N GLY B 485 6.49 -14.33 -31.03
CA GLY B 485 5.76 -15.51 -31.47
C GLY B 485 5.49 -16.51 -30.39
N VAL B 486 5.09 -16.06 -29.21
CA VAL B 486 4.82 -16.95 -28.09
C VAL B 486 3.49 -17.66 -28.32
N GLY B 487 3.51 -18.99 -28.25
CA GLY B 487 2.27 -19.74 -28.33
C GLY B 487 1.61 -19.72 -29.68
N THR B 488 2.35 -19.47 -30.75
CA THR B 488 1.77 -19.42 -32.09
C THR B 488 1.68 -20.78 -32.75
N SER B 489 2.21 -21.83 -32.12
CA SER B 489 2.17 -23.15 -32.72
C SER B 489 0.74 -23.67 -32.77
N LYS B 490 0.40 -24.30 -33.89
CA LYS B 490 -0.96 -24.81 -34.06
C LYS B 490 -1.27 -25.91 -33.07
N GLU B 491 -0.33 -26.84 -32.85
CA GLU B 491 -0.62 -28.01 -32.02
C GLU B 491 -0.80 -27.60 -30.56
N LYS B 492 0.11 -26.80 -30.03
CA LYS B 492 0.10 -26.45 -28.62
C LYS B 492 0.47 -24.99 -28.47
N GLY B 493 -0.01 -24.37 -27.40
CA GLY B 493 0.28 -22.98 -27.13
C GLY B 493 -0.97 -22.18 -26.84
N MET B 494 -0.98 -21.48 -25.70
CA MET B 494 -2.14 -20.69 -25.33
C MET B 494 -1.71 -19.66 -24.31
N ILE B 495 -2.32 -18.48 -24.40
CA ILE B 495 -2.07 -17.39 -23.46
C ILE B 495 -3.39 -17.04 -22.79
N THR B 496 -3.40 -17.02 -21.47
CA THR B 496 -4.58 -16.69 -20.70
C THR B 496 -4.36 -15.40 -19.94
N VAL B 497 -5.25 -14.44 -20.15
CA VAL B 497 -5.17 -13.15 -19.47
C VAL B 497 -6.52 -12.86 -18.83
N THR B 498 -6.50 -12.51 -17.54
CA THR B 498 -7.71 -12.24 -16.78
C THR B 498 -7.62 -10.87 -16.16
N ASP B 499 -8.69 -10.11 -16.25
CA ASP B 499 -8.76 -8.79 -15.65
C ASP B 499 -10.21 -8.36 -15.53
N PRO B 500 -10.67 -7.96 -14.34
CA PRO B 500 -12.07 -7.55 -14.17
C PRO B 500 -12.37 -6.08 -14.40
N ASP B 501 -11.36 -5.23 -14.55
CA ASP B 501 -11.58 -3.80 -14.62
C ASP B 501 -12.02 -3.39 -16.03
N LEU B 502 -12.44 -2.13 -16.14
CA LEU B 502 -12.88 -1.55 -17.41
C LEU B 502 -11.97 -0.40 -17.80
N ILE B 503 -12.01 -0.05 -19.08
CA ILE B 503 -11.13 0.98 -19.62
C ILE B 503 -11.55 2.35 -19.09
N GLU B 504 -10.57 3.14 -18.66
CA GLU B 504 -10.81 4.46 -18.11
C GLU B 504 -10.03 5.50 -18.89
N LYS B 505 -10.49 6.75 -18.79
CA LYS B 505 -9.92 7.84 -19.58
C LYS B 505 -8.44 8.05 -19.25
N SER B 506 -8.09 8.05 -17.95
CA SER B 506 -6.70 8.28 -17.58
C SER B 506 -5.80 7.11 -17.95
N ASN B 507 -6.36 5.93 -18.19
CA ASN B 507 -5.54 4.78 -18.55
C ASN B 507 -4.96 4.90 -19.95
N LEU B 508 -5.53 5.73 -20.80
CA LEU B 508 -5.03 5.88 -22.16
C LEU B 508 -3.63 6.47 -22.21
N ASN B 509 -3.20 7.12 -21.14
CA ASN B 509 -1.89 7.76 -21.14
C ASN B 509 -0.76 6.73 -21.20
N ARG B 510 -0.90 5.62 -20.47
CA ARG B 510 0.18 4.65 -20.33
C ARG B 510 0.01 3.42 -21.22
N GLN B 511 -1.20 2.90 -21.34
CA GLN B 511 -1.46 1.70 -22.12
C GLN B 511 -1.79 2.11 -23.55
N PHE B 512 -0.93 1.73 -24.49
CA PHE B 512 -1.07 2.16 -25.87
C PHE B 512 -2.00 1.29 -26.70
N LEU B 513 -2.41 0.13 -26.20
CA LEU B 513 -3.29 -0.74 -26.96
C LEU B 513 -4.74 -0.27 -26.95
N PHE B 514 -5.08 0.71 -26.12
CA PHE B 514 -6.44 1.19 -25.99
C PHE B 514 -6.61 2.50 -26.75
N ARG B 515 -7.86 2.78 -27.10
CA ARG B 515 -8.23 3.93 -27.91
C ARG B 515 -9.33 4.70 -27.22
N PRO B 516 -9.51 5.98 -27.56
CA PRO B 516 -10.57 6.77 -26.92
C PRO B 516 -11.96 6.18 -27.12
N HIS B 517 -12.22 5.51 -28.23
CA HIS B 517 -13.51 4.89 -28.45
C HIS B 517 -13.63 3.51 -27.79
N HIS B 518 -12.71 3.17 -26.90
CA HIS B 518 -12.76 1.91 -26.17
C HIS B 518 -13.15 2.09 -24.71
N ILE B 519 -13.57 3.29 -24.31
CA ILE B 519 -13.91 3.55 -22.92
C ILE B 519 -15.12 2.71 -22.53
N GLN B 520 -15.11 2.22 -21.28
CA GLN B 520 -16.18 1.40 -20.73
C GLN B 520 -16.32 0.09 -21.49
N LYS B 521 -15.20 -0.61 -21.65
CA LYS B 521 -15.15 -1.92 -22.26
C LYS B 521 -14.13 -2.77 -21.51
N PRO B 522 -14.27 -4.09 -21.54
CA PRO B 522 -13.34 -4.93 -20.80
C PRO B 522 -11.92 -4.75 -21.30
N LYS B 523 -10.97 -4.72 -20.36
CA LYS B 523 -9.57 -4.58 -20.73
C LYS B 523 -9.08 -5.82 -21.47
N SER B 524 -9.49 -7.01 -21.02
CA SER B 524 -8.98 -8.24 -21.61
C SER B 524 -9.39 -8.37 -23.07
N TYR B 525 -10.67 -8.12 -23.39
CA TYR B 525 -11.13 -8.29 -24.76
C TYR B 525 -10.47 -7.28 -25.68
N THR B 526 -10.38 -6.02 -25.25
CA THR B 526 -9.74 -5.01 -26.08
C THR B 526 -8.27 -5.34 -26.30
N ALA B 527 -7.58 -5.79 -25.26
CA ALA B 527 -6.19 -6.18 -25.40
C ALA B 527 -6.03 -7.34 -26.36
N ALA B 528 -6.91 -8.33 -26.27
CA ALA B 528 -6.84 -9.47 -27.17
C ALA B 528 -7.05 -9.04 -28.63
N ASP B 529 -8.04 -8.17 -28.85
CA ASP B 529 -8.31 -7.72 -30.21
C ASP B 529 -7.15 -6.91 -30.76
N ALA B 530 -6.55 -6.05 -29.94
CA ALA B 530 -5.39 -5.29 -30.39
C ALA B 530 -4.21 -6.21 -30.69
N THR B 531 -3.96 -7.18 -29.84
CA THR B 531 -2.82 -8.08 -30.04
C THR B 531 -3.00 -8.92 -31.30
N LEU B 532 -4.22 -9.39 -31.55
CA LEU B 532 -4.44 -10.25 -32.70
C LEU B 532 -4.10 -9.55 -34.01
N LYS B 533 -4.14 -8.22 -34.01
CA LYS B 533 -3.80 -7.48 -35.22
C LYS B 533 -2.30 -7.47 -35.48
N ILE B 534 -1.48 -7.47 -34.43
CA ILE B 534 -0.03 -7.49 -34.62
C ILE B 534 0.41 -8.79 -35.28
N ASN B 535 -0.08 -9.92 -34.76
CA ASN B 535 0.31 -11.24 -35.24
C ASN B 535 -0.95 -12.06 -35.41
N SER B 536 -1.16 -12.59 -36.62
CA SER B 536 -2.40 -13.30 -36.92
C SER B 536 -2.45 -14.67 -36.27
N GLN B 537 -1.30 -15.31 -36.07
CA GLN B 537 -1.26 -16.68 -35.58
C GLN B 537 -1.32 -16.78 -34.06
N ILE B 538 -1.34 -15.65 -33.36
CA ILE B 538 -1.43 -15.68 -31.90
C ILE B 538 -2.78 -16.23 -31.48
N LYS B 539 -2.76 -17.16 -30.54
CA LYS B 539 -3.98 -17.75 -29.99
C LYS B 539 -4.11 -17.29 -28.54
N ILE B 540 -5.10 -16.43 -28.28
CA ILE B 540 -5.28 -15.81 -26.97
C ILE B 540 -6.65 -16.20 -26.44
N ASP B 541 -6.69 -16.65 -25.19
CA ASP B 541 -7.92 -16.88 -24.46
C ASP B 541 -8.00 -15.83 -23.36
N ALA B 542 -9.09 -15.07 -23.35
CA ALA B 542 -9.26 -13.95 -22.42
C ALA B 542 -10.41 -14.24 -21.47
N HIS B 543 -10.25 -13.82 -20.22
CA HIS B 543 -11.26 -13.99 -19.20
C HIS B 543 -11.56 -12.65 -18.55
N LEU B 544 -12.56 -12.65 -17.66
CA LEU B 544 -12.96 -11.44 -16.97
C LEU B 544 -12.95 -11.62 -15.45
N ASN B 545 -12.47 -12.75 -14.95
CA ASN B 545 -12.49 -13.03 -13.52
C ASN B 545 -11.37 -12.31 -12.80
N LYS B 546 -11.50 -12.20 -11.49
CA LYS B 546 -10.50 -11.59 -10.62
C LYS B 546 -9.89 -12.70 -9.77
N VAL B 547 -8.56 -12.82 -9.80
CA VAL B 547 -7.88 -13.88 -9.08
C VAL B 547 -8.05 -13.64 -7.58
N CYS B 548 -8.80 -14.53 -6.92
CA CYS B 548 -9.10 -14.39 -5.51
C CYS B 548 -9.45 -15.77 -4.96
N PRO B 549 -9.44 -15.95 -3.64
CA PRO B 549 -9.81 -17.27 -3.09
C PRO B 549 -11.21 -17.71 -3.46
N THR B 550 -12.15 -16.77 -3.66
CA THR B 550 -13.52 -17.16 -3.96
C THR B 550 -13.63 -17.82 -5.32
N THR B 551 -12.84 -17.38 -6.30
CA THR B 551 -12.87 -17.94 -7.64
C THR B 551 -11.89 -19.10 -7.81
N GLU B 552 -11.43 -19.69 -6.71
CA GLU B 552 -10.46 -20.78 -6.79
C GLU B 552 -11.03 -22.00 -7.51
N THR B 553 -12.36 -22.13 -7.58
CA THR B 553 -12.95 -23.33 -8.16
C THR B 553 -12.55 -23.49 -9.63
N ILE B 554 -12.60 -22.42 -10.40
CA ILE B 554 -12.24 -22.52 -11.81
C ILE B 554 -10.74 -22.70 -11.97
N TYR B 555 -9.95 -21.99 -11.17
CA TYR B 555 -8.49 -22.06 -11.27
C TYR B 555 -7.95 -23.15 -10.36
N ASN B 556 -8.44 -24.36 -10.60
CA ASN B 556 -8.06 -25.51 -9.79
C ASN B 556 -6.61 -25.90 -10.08
N ASP B 557 -6.15 -26.96 -9.42
CA ASP B 557 -4.76 -27.36 -9.54
C ASP B 557 -4.43 -27.90 -10.93
N GLU B 558 -5.41 -28.49 -11.61
CA GLU B 558 -5.16 -28.98 -12.96
C GLU B 558 -4.81 -27.83 -13.90
N PHE B 559 -5.49 -26.69 -13.75
CA PHE B 559 -5.18 -25.55 -14.60
C PHE B 559 -3.75 -25.08 -14.37
N TYR B 560 -3.31 -24.99 -13.12
CA TYR B 560 -1.95 -24.57 -12.85
C TYR B 560 -0.94 -25.58 -13.37
N THR B 561 -1.26 -26.88 -13.23
CA THR B 561 -0.35 -27.90 -13.75
C THR B 561 -0.21 -27.78 -15.26
N LYS B 562 -1.29 -27.44 -15.95
CA LYS B 562 -1.23 -27.28 -17.40
C LYS B 562 -0.29 -26.14 -17.79
N GLN B 563 -0.28 -25.07 -17.00
CA GLN B 563 0.55 -23.91 -17.33
C GLN B 563 2.03 -24.24 -17.14
N ASP B 564 2.88 -23.41 -17.75
CA ASP B 564 4.32 -23.56 -17.69
C ASP B 564 5.05 -22.40 -17.05
N VAL B 565 4.45 -21.21 -17.02
CA VAL B 565 5.04 -20.06 -16.35
C VAL B 565 3.92 -19.08 -16.03
N ILE B 566 4.02 -18.43 -14.87
CA ILE B 566 3.01 -17.49 -14.41
C ILE B 566 3.66 -16.13 -14.27
N ILE B 567 3.04 -15.10 -14.85
CA ILE B 567 3.56 -13.74 -14.82
C ILE B 567 2.52 -12.85 -14.17
N THR B 568 2.95 -12.00 -13.25
CA THR B 568 2.06 -11.13 -12.51
C THR B 568 2.31 -9.67 -12.86
N ALA B 569 1.24 -8.91 -13.00
CA ALA B 569 1.27 -7.48 -13.27
C ALA B 569 0.29 -6.76 -12.34
N LEU B 570 0.27 -7.14 -11.08
CA LEU B 570 -0.70 -6.64 -10.13
C LEU B 570 -0.25 -5.30 -9.56
N ASP B 571 -1.05 -4.75 -8.66
CA ASP B 571 -0.72 -3.49 -8.00
C ASP B 571 -0.88 -3.52 -6.49
N ASN B 572 -1.26 -4.66 -5.91
CA ASN B 572 -1.42 -4.79 -4.48
C ASN B 572 -0.72 -6.06 -4.00
N VAL B 573 -0.29 -6.04 -2.74
CA VAL B 573 0.56 -7.13 -2.25
C VAL B 573 -0.24 -8.38 -1.93
N GLU B 574 -1.51 -8.23 -1.56
CA GLU B 574 -2.30 -9.39 -1.16
C GLU B 574 -2.47 -10.35 -2.34
N ALA B 575 -2.79 -9.82 -3.51
CA ALA B 575 -2.91 -10.67 -4.69
C ALA B 575 -1.58 -11.33 -5.04
N ARG B 576 -0.48 -10.59 -4.88
CA ARG B 576 0.83 -11.17 -5.14
C ARG B 576 1.09 -12.35 -4.21
N ARG B 577 0.80 -12.17 -2.92
CA ARG B 577 1.03 -13.24 -1.95
C ARG B 577 0.15 -14.44 -2.24
N TYR B 578 -1.12 -14.21 -2.58
CA TYR B 578 -2.01 -15.32 -2.88
C TYR B 578 -1.56 -16.08 -4.11
N VAL B 579 -1.17 -15.37 -5.17
CA VAL B 579 -0.69 -16.03 -6.37
C VAL B 579 0.60 -16.80 -6.07
N ASP B 580 1.48 -16.22 -5.25
CA ASP B 580 2.72 -16.91 -4.91
C ASP B 580 2.45 -18.18 -4.13
N SER B 581 1.52 -18.14 -3.19
CA SER B 581 1.18 -19.35 -2.44
C SER B 581 0.56 -20.39 -3.36
N ARG B 582 -0.27 -19.97 -4.30
CA ARG B 582 -0.85 -20.92 -5.24
C ARG B 582 0.23 -21.56 -6.11
N CYS B 583 1.17 -20.76 -6.61
CA CYS B 583 2.23 -21.32 -7.45
C CYS B 583 3.17 -22.21 -6.66
N LEU B 584 3.35 -21.91 -5.37
CA LEU B 584 4.23 -22.72 -4.54
C LEU B 584 3.69 -24.13 -4.37
N ALA B 585 2.37 -24.30 -4.43
CA ALA B 585 1.75 -25.60 -4.23
C ALA B 585 1.80 -26.48 -5.46
N ASN B 586 2.29 -25.97 -6.59
CA ASN B 586 2.32 -26.75 -7.82
C ASN B 586 3.68 -26.76 -8.50
N LEU B 587 4.70 -26.14 -7.91
CA LEU B 587 6.04 -26.12 -8.47
C LEU B 587 6.05 -25.52 -9.87
N ARG B 588 5.66 -24.26 -9.96
CA ARG B 588 5.64 -23.56 -11.23
C ARG B 588 6.41 -22.26 -11.12
N PRO B 589 7.26 -21.95 -12.11
CA PRO B 589 8.04 -20.72 -12.04
C PRO B 589 7.14 -19.50 -12.06
N LEU B 590 7.58 -18.47 -11.34
CA LEU B 590 6.81 -17.24 -11.21
C LEU B 590 7.71 -16.04 -11.47
N LEU B 591 7.22 -15.09 -12.25
CA LEU B 591 7.92 -13.84 -12.53
C LEU B 591 7.08 -12.70 -12.01
N ASP B 592 7.70 -11.81 -11.23
CA ASP B 592 7.00 -10.70 -10.62
C ASP B 592 7.74 -9.40 -10.90
N SER B 593 6.99 -8.32 -11.09
CA SER B 593 7.58 -7.02 -11.33
C SER B 593 6.62 -5.94 -10.85
N GLY B 594 7.18 -4.76 -10.60
CA GLY B 594 6.39 -3.63 -10.17
C GLY B 594 7.15 -2.33 -10.30
N THR B 595 6.42 -1.23 -10.51
CA THR B 595 7.02 0.07 -10.72
C THR B 595 6.31 1.11 -9.88
N MET B 596 7.00 2.21 -9.62
CA MET B 596 6.46 3.32 -8.85
C MET B 596 7.22 4.56 -9.26
N GLY B 597 6.59 5.42 -10.05
CA GLY B 597 7.27 6.61 -10.52
C GLY B 597 8.44 6.30 -11.44
N THR B 598 9.65 6.60 -10.99
CA THR B 598 10.86 6.31 -11.74
C THR B 598 11.67 5.18 -11.12
N LYS B 599 11.03 4.31 -10.35
CA LYS B 599 11.70 3.18 -9.72
C LYS B 599 10.95 1.89 -10.07
N GLY B 600 11.71 0.83 -10.29
CA GLY B 600 11.12 -0.45 -10.63
C GLY B 600 12.02 -1.59 -10.22
N HIS B 601 11.43 -2.77 -10.12
CA HIS B 601 12.15 -3.94 -9.67
C HIS B 601 11.59 -5.18 -10.36
N THR B 602 12.42 -6.20 -10.50
CA THR B 602 12.02 -7.47 -11.07
C THR B 602 12.50 -8.60 -10.17
N GLU B 603 11.73 -9.67 -10.11
CA GLU B 603 12.06 -10.81 -9.27
C GLU B 603 11.74 -12.10 -10.01
N VAL B 604 12.60 -13.10 -9.84
CA VAL B 604 12.50 -14.39 -10.52
C VAL B 604 12.44 -15.49 -9.47
N ILE B 605 11.47 -16.39 -9.60
CA ILE B 605 11.30 -17.50 -8.68
C ILE B 605 11.30 -18.79 -9.49
N VAL B 606 12.17 -19.72 -9.12
CA VAL B 606 12.31 -20.99 -9.82
C VAL B 606 12.15 -22.13 -8.82
N PRO B 607 11.40 -23.18 -9.16
CA PRO B 607 11.25 -24.30 -8.23
C PRO B 607 12.57 -24.96 -7.91
N HIS B 608 12.74 -25.35 -6.65
CA HIS B 608 13.89 -26.08 -6.13
C HIS B 608 15.19 -25.29 -6.20
N LEU B 609 15.16 -24.02 -6.56
CA LEU B 609 16.40 -23.28 -6.64
C LEU B 609 16.41 -22.01 -5.81
N THR B 610 15.31 -21.26 -5.79
CA THR B 610 15.29 -19.93 -5.18
C THR B 610 14.20 -19.85 -4.13
N GLU B 611 14.26 -18.80 -3.33
CA GLU B 611 13.23 -18.54 -2.34
C GLU B 611 11.98 -17.97 -3.00
N SER B 612 10.87 -18.02 -2.27
CA SER B 612 9.60 -17.56 -2.78
C SER B 612 9.38 -16.10 -2.39
N TYR B 613 8.23 -15.56 -2.81
CA TYR B 613 7.90 -14.17 -2.49
C TYR B 613 7.70 -13.98 -0.99
N ASN B 614 7.04 -14.94 -0.34
CA ASN B 614 6.76 -14.80 1.08
C ASN B 614 8.00 -14.94 1.95
N SER B 615 9.11 -15.41 1.40
CA SER B 615 10.35 -15.45 2.17
C SER B 615 10.89 -14.07 2.48
N HIS B 616 10.36 -13.03 1.83
CA HIS B 616 10.85 -11.67 1.95
C HIS B 616 9.93 -10.79 2.78
N ARG B 617 9.29 -11.32 3.83
CA ARG B 617 8.28 -10.58 4.58
C ARG B 617 8.78 -9.18 4.92
N ASP B 618 8.11 -8.16 4.42
CA ASP B 618 8.63 -6.81 4.48
C ASP B 618 8.24 -6.12 5.78
N PRO B 619 8.95 -5.05 6.15
CA PRO B 619 8.62 -4.33 7.38
C PRO B 619 7.35 -3.53 7.20
N PRO B 620 6.64 -3.23 8.30
CA PRO B 620 5.40 -2.45 8.20
C PRO B 620 5.70 -0.96 8.09
N GLU B 621 4.67 -0.12 8.07
CA GLU B 621 4.86 1.31 7.84
C GLU B 621 4.14 2.09 8.92
N GLU B 622 4.75 3.23 9.31
CA GLU B 622 4.21 4.02 10.39
C GLU B 622 2.77 4.42 10.11
N GLU B 623 1.93 4.27 11.11
CA GLU B 623 0.55 4.69 11.05
C GLU B 623 0.38 5.85 12.02
N ILE B 624 -0.30 6.90 11.57
CA ILE B 624 -0.51 8.09 12.37
C ILE B 624 -1.16 7.73 13.70
N PRO B 625 -0.60 8.17 14.83
CA PRO B 625 -1.21 7.89 16.13
C PRO B 625 -2.61 8.48 16.20
N PHE B 626 -3.51 7.79 16.90
CA PHE B 626 -4.92 8.15 17.02
C PHE B 626 -5.13 9.60 17.49
N SER B 627 -4.27 10.05 18.41
CA SER B 627 -4.33 11.36 19.06
C SER B 627 -3.81 12.51 18.17
N THR B 628 -2.90 12.23 17.24
CA THR B 628 -2.37 13.20 16.26
C THR B 628 -3.41 13.39 15.16
N LEU B 629 -4.07 12.31 14.77
CA LEU B 629 -5.10 12.41 13.75
C LEU B 629 -6.36 13.11 14.26
N LYS B 630 -6.70 12.92 15.53
CA LYS B 630 -7.98 13.40 16.01
C LYS B 630 -7.93 14.83 16.53
N SER B 631 -6.93 15.17 17.33
CA SER B 631 -6.99 16.44 18.06
C SER B 631 -5.73 17.28 17.91
N PHE B 632 -4.61 16.67 17.54
CA PHE B 632 -3.33 17.38 17.45
C PHE B 632 -2.68 17.11 16.10
N PRO B 633 -3.18 17.73 15.05
CA PRO B 633 -2.54 17.58 13.73
C PRO B 633 -1.24 18.35 13.67
N ALA B 634 -0.38 17.94 12.76
CA ALA B 634 0.91 18.60 12.57
C ALA B 634 1.32 18.77 11.11
N ALA B 635 0.59 18.20 10.16
CA ALA B 635 0.93 18.33 8.76
C ALA B 635 -0.33 18.14 7.92
N ILE B 636 -0.25 18.55 6.66
CA ILE B 636 -1.43 18.56 5.80
C ILE B 636 -1.98 17.14 5.62
N GLU B 637 -1.12 16.13 5.72
CA GLU B 637 -1.58 14.76 5.58
C GLU B 637 -2.59 14.42 6.68
N HIS B 638 -2.34 14.90 7.90
CA HIS B 638 -3.25 14.61 9.00
C HIS B 638 -4.62 15.19 8.74
N THR B 639 -4.69 16.45 8.27
CA THR B 639 -5.98 17.06 7.99
C THR B 639 -6.68 16.37 6.83
N ILE B 640 -5.92 15.99 5.79
CA ILE B 640 -6.54 15.28 4.67
C ILE B 640 -7.12 13.95 5.13
N GLN B 641 -6.37 13.21 5.93
CA GLN B 641 -6.87 11.93 6.44
C GLN B 641 -8.09 12.13 7.30
N TRP B 642 -8.09 13.17 8.14
CA TRP B 642 -9.26 13.45 8.96
C TRP B 642 -10.48 13.76 8.11
N ALA B 643 -10.30 14.56 7.05
CA ALA B 643 -11.41 14.87 6.18
C ALA B 643 -11.95 13.62 5.50
N ARG B 644 -11.04 12.74 5.04
CA ARG B 644 -11.47 11.51 4.40
C ARG B 644 -12.28 10.64 5.36
N ASP B 645 -11.79 10.50 6.59
CA ASP B 645 -12.50 9.67 7.57
C ASP B 645 -13.85 10.29 7.92
N LYS B 646 -13.92 11.60 8.05
CA LYS B 646 -15.19 12.25 8.33
C LYS B 646 -16.18 12.02 7.20
N PHE B 647 -15.71 12.12 5.95
CA PHE B 647 -16.59 11.84 4.81
C PHE B 647 -17.10 10.42 4.87
N GLU B 648 -16.21 9.46 5.13
CA GLU B 648 -16.63 8.06 5.19
C GLU B 648 -17.67 7.85 6.28
N SER B 649 -17.41 8.36 7.47
CA SER B 649 -18.34 8.15 8.58
C SER B 649 -19.67 8.81 8.32
N SER B 650 -19.66 10.01 7.72
CA SER B 650 -20.90 10.76 7.56
C SER B 650 -21.74 10.25 6.41
N PHE B 651 -21.14 9.67 5.37
CA PHE B 651 -21.91 9.33 4.19
C PHE B 651 -21.96 7.85 3.85
N SER B 652 -21.20 6.99 4.52
CA SER B 652 -21.24 5.57 4.23
C SER B 652 -21.69 4.73 5.40
N HIS B 653 -21.03 4.84 6.55
CA HIS B 653 -21.30 3.95 7.67
C HIS B 653 -22.67 4.23 8.28
N LYS B 654 -22.96 5.51 8.55
CA LYS B 654 -24.24 5.86 9.16
C LYS B 654 -25.44 5.48 8.29
N PRO B 655 -25.46 5.76 6.98
CA PRO B 655 -26.60 5.29 6.19
C PRO B 655 -26.78 3.78 6.22
N SER B 656 -25.68 3.04 6.19
CA SER B 656 -25.77 1.58 6.27
C SER B 656 -26.39 1.15 7.59
N LEU B 657 -25.93 1.73 8.69
CA LEU B 657 -26.51 1.40 9.99
C LEU B 657 -27.98 1.75 10.05
N PHE B 658 -28.36 2.90 9.49
CA PHE B 658 -29.75 3.32 9.49
C PHE B 658 -30.62 2.32 8.74
N ASN B 659 -30.21 1.95 7.52
CA ASN B 659 -30.99 1.02 6.72
C ASN B 659 -31.08 -0.34 7.41
N LYS B 660 -29.97 -0.83 7.96
CA LYS B 660 -29.98 -2.13 8.62
C LYS B 660 -30.89 -2.12 9.83
N PHE B 661 -30.83 -1.06 10.64
CA PHE B 661 -31.70 -0.98 11.80
C PHE B 661 -33.17 -0.95 11.40
N TRP B 662 -33.50 -0.16 10.38
CA TRP B 662 -34.91 -0.04 10.05
C TRP B 662 -35.43 -1.18 9.19
N GLN B 663 -34.56 -2.04 8.68
CA GLN B 663 -35.02 -3.28 8.09
C GLN B 663 -35.08 -4.41 9.11
N THR B 664 -34.34 -4.30 10.21
CA THR B 664 -34.46 -5.28 11.28
C THR B 664 -35.86 -5.25 11.89
N TYR B 665 -36.40 -4.06 12.13
CA TYR B 665 -37.71 -3.90 12.73
C TYR B 665 -38.66 -3.28 11.70
N SER B 666 -39.84 -3.87 11.58
CA SER B 666 -40.75 -3.47 10.51
C SER B 666 -41.31 -2.06 10.73
N SER B 667 -41.80 -1.79 11.93
CA SER B 667 -42.56 -0.58 12.20
C SER B 667 -41.95 0.20 13.35
N ALA B 668 -42.11 1.52 13.30
CA ALA B 668 -41.60 2.37 14.36
C ALA B 668 -42.41 2.24 15.64
N GLU B 669 -43.71 2.00 15.51
CA GLU B 669 -44.54 1.80 16.70
C GLU B 669 -44.10 0.57 17.48
N GLU B 670 -43.73 -0.49 16.77
CA GLU B 670 -43.19 -1.67 17.42
C GLU B 670 -41.92 -1.34 18.18
N VAL B 671 -41.04 -0.54 17.59
CA VAL B 671 -39.81 -0.15 18.25
C VAL B 671 -40.11 0.66 19.50
N LEU B 672 -41.06 1.59 19.41
CA LEU B 672 -41.43 2.39 20.58
C LEU B 672 -41.99 1.52 21.69
N GLN B 673 -42.86 0.56 21.34
CA GLN B 673 -43.42 -0.33 22.34
C GLN B 673 -42.33 -1.16 23.00
N LYS B 674 -41.38 -1.67 22.22
CA LYS B 674 -40.29 -2.45 22.77
C LYS B 674 -39.43 -1.61 23.70
N ILE B 675 -39.20 -0.35 23.33
CA ILE B 675 -38.44 0.55 24.19
C ILE B 675 -39.18 0.80 25.50
N GLN B 676 -40.49 1.03 25.41
CA GLN B 676 -41.29 1.28 26.60
C GLN B 676 -41.36 0.08 27.52
N SER B 677 -41.12 -1.12 27.01
CA SER B 677 -41.08 -2.32 27.83
C SER B 677 -39.70 -2.56 28.43
N GLY B 678 -38.76 -1.63 28.25
CA GLY B 678 -37.43 -1.76 28.79
C GLY B 678 -36.50 -2.63 27.99
N HIS B 679 -36.94 -3.13 26.83
CA HIS B 679 -36.09 -4.00 26.02
C HIS B 679 -34.95 -3.20 25.42
N SER B 680 -33.74 -3.74 25.53
CA SER B 680 -32.56 -3.07 25.00
C SER B 680 -32.48 -3.25 23.49
N LEU B 681 -31.93 -2.24 22.83
CA LEU B 681 -31.73 -2.25 21.39
C LEU B 681 -30.31 -1.80 21.07
N GLU B 682 -29.80 -2.27 19.94
CA GLU B 682 -28.42 -1.99 19.55
C GLU B 682 -28.36 -0.69 18.74
N GLY B 683 -27.61 0.29 19.24
CA GLY B 683 -27.46 1.54 18.54
C GLY B 683 -28.74 2.33 18.39
N CYS B 684 -29.70 2.14 19.30
CA CYS B 684 -30.99 2.80 19.17
C CYS B 684 -30.86 4.32 19.26
N PHE B 685 -29.99 4.79 20.16
CA PHE B 685 -29.86 6.23 20.35
C PHE B 685 -29.37 6.92 19.09
N GLN B 686 -28.36 6.34 18.42
CA GLN B 686 -27.82 6.98 17.24
C GLN B 686 -28.85 7.08 16.12
N VAL B 687 -29.58 5.99 15.86
CA VAL B 687 -30.53 6.00 14.77
C VAL B 687 -31.72 6.90 15.10
N ILE B 688 -32.16 6.92 16.36
CA ILE B 688 -33.27 7.80 16.71
C ILE B 688 -32.85 9.26 16.60
N LYS B 689 -31.59 9.56 16.96
CA LYS B 689 -31.09 10.92 16.82
C LYS B 689 -31.01 11.32 15.36
N LEU B 690 -30.58 10.39 14.49
CA LEU B 690 -30.59 10.68 13.05
C LEU B 690 -32.00 10.93 12.55
N LEU B 691 -32.96 10.14 13.04
CA LEU B 691 -34.35 10.32 12.61
C LEU B 691 -34.90 11.67 13.03
N SER B 692 -34.59 12.10 14.26
CA SER B 692 -35.15 13.34 14.75
C SER B 692 -34.69 14.54 13.93
N ARG B 693 -33.42 14.53 13.50
CA ARG B 693 -32.83 15.65 12.77
C ARG B 693 -32.92 15.48 11.26
N ARG B 694 -33.92 14.76 10.77
CA ARG B 694 -34.01 14.52 9.34
C ARG B 694 -34.43 15.78 8.60
N PRO B 695 -33.69 16.22 7.59
CA PRO B 695 -34.13 17.37 6.79
C PRO B 695 -35.34 17.03 5.95
N ARG B 696 -36.06 18.07 5.53
CA ARG B 696 -37.28 17.91 4.77
C ARG B 696 -37.26 18.60 3.42
N ASN B 697 -36.44 19.63 3.24
CA ASN B 697 -36.42 20.38 1.99
C ASN B 697 -35.03 20.99 1.83
N TRP B 698 -34.87 21.83 0.80
CA TRP B 698 -33.56 22.39 0.49
C TRP B 698 -33.07 23.31 1.60
N SER B 699 -33.96 24.15 2.13
CA SER B 699 -33.55 25.10 3.16
C SER B 699 -33.03 24.38 4.40
N GLN B 700 -33.69 23.29 4.79
CA GLN B 700 -33.22 22.52 5.93
C GLN B 700 -31.85 21.92 5.66
N CYS B 701 -31.61 21.49 4.42
CA CYS B 701 -30.28 20.98 4.07
C CYS B 701 -29.22 22.06 4.23
N VAL B 702 -29.51 23.27 3.76
CA VAL B 702 -28.53 24.35 3.88
C VAL B 702 -28.27 24.66 5.35
N GLU B 703 -29.33 24.71 6.15
CA GLU B 703 -29.17 24.98 7.57
C GLU B 703 -28.35 23.89 8.25
N LEU B 704 -28.58 22.64 7.87
CA LEU B 704 -27.79 21.53 8.43
C LEU B 704 -26.31 21.67 8.07
N ALA B 705 -26.03 22.06 6.83
CA ALA B 705 -24.64 22.27 6.45
C ALA B 705 -24.01 23.38 7.26
N ARG B 706 -24.75 24.47 7.48
CA ARG B 706 -24.21 25.57 8.28
C ARG B 706 -23.91 25.12 9.70
N LEU B 707 -24.82 24.36 10.31
CA LEU B 707 -24.59 23.90 11.68
C LEU B 707 -23.40 22.95 11.74
N LYS B 708 -23.26 22.08 10.73
CA LYS B 708 -22.10 21.21 10.69
C LYS B 708 -20.81 22.00 10.60
N PHE B 709 -20.80 23.04 9.76
CA PHE B 709 -19.60 23.88 9.66
C PHE B 709 -19.27 24.52 11.00
N GLU B 710 -20.29 25.07 11.66
CA GLU B 710 -20.06 25.72 12.95
C GLU B 710 -19.49 24.74 13.95
N LYS B 711 -20.10 23.56 14.05
CA LYS B 711 -19.64 22.57 15.02
C LYS B 711 -18.22 22.11 14.70
N TYR B 712 -17.91 21.94 13.41
CA TYR B 712 -16.60 21.41 13.05
C TYR B 712 -15.48 22.43 13.27
N PHE B 713 -15.70 23.68 12.89
CA PHE B 713 -14.59 24.63 12.82
C PHE B 713 -14.68 25.77 13.81
N ASN B 714 -15.68 25.78 14.69
CA ASN B 714 -15.75 26.80 15.73
C ASN B 714 -15.73 26.21 17.12
N HIS B 715 -16.60 25.25 17.42
CA HIS B 715 -16.74 24.77 18.79
C HIS B 715 -15.60 23.88 19.22
N LYS B 716 -15.00 23.13 18.28
CA LYS B 716 -13.91 22.25 18.66
C LYS B 716 -12.73 23.02 19.22
N ALA B 717 -12.40 24.16 18.60
CA ALA B 717 -11.28 24.96 19.10
C ALA B 717 -11.56 25.50 20.49
N LEU B 718 -12.76 26.04 20.71
CA LEU B 718 -13.10 26.58 22.02
C LEU B 718 -13.07 25.48 23.09
N GLN B 719 -13.62 24.31 22.75
CA GLN B 719 -13.60 23.20 23.69
C GLN B 719 -12.16 22.78 24.03
N LEU B 720 -11.31 22.68 23.01
CA LEU B 720 -9.93 22.26 23.25
C LEU B 720 -9.19 23.27 24.10
N LEU B 721 -9.38 24.56 23.83
CA LEU B 721 -8.74 25.58 24.66
C LEU B 721 -9.27 25.55 26.09
N HIS B 722 -10.57 25.33 26.26
CA HIS B 722 -11.14 25.28 27.60
C HIS B 722 -10.54 24.13 28.40
N CYS B 723 -10.42 22.95 27.78
CA CYS B 723 -9.84 21.83 28.50
C CYS B 723 -8.36 22.07 28.81
N PHE B 724 -7.62 22.63 27.86
CA PHE B 724 -6.20 22.91 28.05
C PHE B 724 -5.90 24.37 27.76
N PRO B 725 -5.80 25.23 28.78
CA PRO B 725 -5.44 26.62 28.52
C PRO B 725 -4.03 26.72 27.96
N LEU B 726 -3.76 27.85 27.31
CA LEU B 726 -2.51 27.99 26.57
C LEU B 726 -1.29 27.97 27.47
N ASP B 727 -1.43 28.34 28.74
CA ASP B 727 -0.28 28.51 29.62
C ASP B 727 -0.05 27.33 30.54
N ILE B 728 -0.77 26.22 30.36
CA ILE B 728 -0.60 25.08 31.23
C ILE B 728 0.77 24.46 30.99
N ARG B 729 1.37 23.95 32.07
CA ARG B 729 2.73 23.43 32.02
C ARG B 729 2.74 21.98 32.53
N LEU B 730 3.73 21.23 32.08
CA LEU B 730 3.89 19.85 32.50
C LEU B 730 4.65 19.81 33.81
N LYS B 731 5.08 18.62 34.23
CA LYS B 731 5.84 18.50 35.48
C LYS B 731 7.17 19.23 35.38
N ASP B 732 7.87 19.09 34.26
CA ASP B 732 9.18 19.70 34.11
C ASP B 732 9.11 21.19 33.82
N GLY B 733 7.93 21.74 33.58
CA GLY B 733 7.76 23.16 33.35
C GLY B 733 7.60 23.55 31.90
N SER B 734 7.90 22.66 30.96
CA SER B 734 7.72 22.99 29.55
C SER B 734 6.24 23.20 29.24
N LEU B 735 5.96 24.14 28.34
CA LEU B 735 4.59 24.42 27.96
C LEU B 735 3.99 23.21 27.25
N PHE B 736 2.72 22.93 27.56
CA PHE B 736 2.05 21.80 26.92
C PHE B 736 1.87 22.04 25.44
N TRP B 737 1.61 23.29 25.04
CA TRP B 737 1.40 23.61 23.63
C TRP B 737 2.73 23.86 22.92
N GLN B 738 3.59 22.85 22.97
CA GLN B 738 4.91 22.91 22.37
C GLN B 738 4.94 22.05 21.11
N SER B 739 6.06 22.07 20.40
CA SER B 739 6.20 21.25 19.22
C SER B 739 6.17 19.78 19.59
N PRO B 740 5.57 18.93 18.76
CA PRO B 740 4.95 19.23 17.46
C PRO B 740 3.50 19.68 17.55
N LYS B 741 2.94 19.80 18.75
CA LYS B 741 1.56 20.27 18.89
C LYS B 741 1.46 21.75 18.55
N ARG B 742 0.35 22.12 17.94
CA ARG B 742 0.10 23.49 17.52
C ARG B 742 -1.23 23.97 18.09
N PRO B 743 -1.28 25.16 18.70
CA PRO B 743 -2.53 25.62 19.31
C PRO B 743 -3.57 25.94 18.24
N PRO B 744 -4.84 25.65 18.51
CA PRO B 744 -5.89 25.98 17.53
C PRO B 744 -6.46 27.36 17.75
N SER B 745 -7.36 27.78 16.86
CA SER B 745 -7.99 29.09 16.96
C SER B 745 -9.30 29.06 16.21
N PRO B 746 -10.37 29.67 16.72
CA PRO B 746 -11.66 29.59 16.04
C PRO B 746 -11.67 30.40 14.75
N ILE B 747 -12.56 29.98 13.85
CA ILE B 747 -12.74 30.64 12.56
C ILE B 747 -14.18 31.13 12.47
N LYS B 748 -14.36 32.39 12.10
CA LYS B 748 -15.69 32.96 11.94
C LYS B 748 -16.16 32.79 10.50
N PHE B 749 -17.40 32.36 10.34
CA PHE B 749 -17.96 32.13 9.02
C PHE B 749 -18.14 33.45 8.27
N ASP B 750 -17.94 33.40 6.97
CA ASP B 750 -18.12 34.58 6.13
C ASP B 750 -18.41 34.11 4.71
N LEU B 751 -19.58 34.48 4.17
CA LEU B 751 -19.98 33.98 2.86
C LEU B 751 -19.10 34.53 1.74
N ASN B 752 -18.39 35.64 1.97
CA ASN B 752 -17.59 36.21 0.90
C ASN B 752 -16.33 35.39 0.64
N GLU B 753 -15.83 34.67 1.63
CA GLU B 753 -14.64 33.87 1.43
C GLU B 753 -14.94 32.72 0.48
N PRO B 754 -14.16 32.57 -0.60
CA PRO B 754 -14.47 31.50 -1.56
C PRO B 754 -14.41 30.11 -0.97
N LEU B 755 -13.50 29.88 -0.02
CA LEU B 755 -13.41 28.56 0.60
C LEU B 755 -14.68 28.24 1.39
N HIS B 756 -15.19 29.22 2.13
CA HIS B 756 -16.42 29.00 2.89
C HIS B 756 -17.58 28.67 1.95
N LEU B 757 -17.68 29.41 0.86
CA LEU B 757 -18.75 29.16 -0.10
C LEU B 757 -18.65 27.77 -0.70
N SER B 758 -17.42 27.36 -1.06
CA SER B 758 -17.24 26.04 -1.65
C SER B 758 -17.64 24.94 -0.68
N PHE B 759 -17.20 25.06 0.58
CA PHE B 759 -17.55 24.04 1.56
C PHE B 759 -19.05 23.98 1.76
N LEU B 760 -19.70 25.14 1.87
CA LEU B 760 -21.14 25.16 2.10
C LEU B 760 -21.87 24.49 0.95
N GLN B 761 -21.49 24.82 -0.28
CA GLN B 761 -22.18 24.24 -1.44
C GLN B 761 -22.00 22.74 -1.50
N ASN B 762 -20.77 22.26 -1.31
CA ASN B 762 -20.53 20.82 -1.41
C ASN B 762 -21.27 20.06 -0.31
N ALA B 763 -21.25 20.58 0.92
CA ALA B 763 -21.97 19.92 1.99
C ALA B 763 -23.46 19.87 1.71
N ALA B 764 -24.02 20.99 1.23
CA ALA B 764 -25.45 21.00 0.93
C ALA B 764 -25.80 19.98 -0.13
N LYS B 765 -24.99 19.90 -1.20
CA LYS B 765 -25.29 18.94 -2.25
C LYS B 765 -25.21 17.51 -1.73
N LEU B 766 -24.17 17.19 -0.96
CA LEU B 766 -24.02 15.82 -0.49
C LEU B 766 -25.17 15.43 0.43
N TYR B 767 -25.57 16.32 1.34
CA TYR B 767 -26.67 15.98 2.24
C TYR B 767 -27.98 15.85 1.48
N ALA B 768 -28.22 16.72 0.49
CA ALA B 768 -29.43 16.60 -0.30
C ALA B 768 -29.46 15.27 -1.04
N THR B 769 -28.32 14.84 -1.58
CA THR B 769 -28.27 13.55 -2.25
C THR B 769 -28.54 12.41 -1.28
N VAL B 770 -27.92 12.45 -0.10
CA VAL B 770 -28.06 11.34 0.84
C VAL B 770 -29.50 11.23 1.32
N TYR B 771 -30.12 12.34 1.66
CA TYR B 771 -31.50 12.29 2.13
C TYR B 771 -32.51 12.24 0.98
N CYS B 772 -32.04 12.25 -0.26
CA CYS B 772 -32.91 12.14 -1.43
C CYS B 772 -33.92 13.29 -1.48
N ILE B 773 -33.40 14.51 -1.46
CA ILE B 773 -34.19 15.73 -1.60
C ILE B 773 -33.86 16.34 -2.96
N PRO B 774 -34.85 16.53 -3.83
CA PRO B 774 -34.56 17.11 -5.15
C PRO B 774 -34.09 18.55 -5.03
N PHE B 775 -33.23 18.95 -5.96
CA PHE B 775 -32.69 20.30 -5.97
C PHE B 775 -32.31 20.67 -7.39
N ALA B 776 -32.12 21.96 -7.62
CA ALA B 776 -31.75 22.50 -8.91
C ALA B 776 -30.47 23.32 -8.79
N GLU B 777 -29.77 23.45 -9.92
CA GLU B 777 -28.46 24.12 -9.92
C GLU B 777 -28.58 25.60 -9.58
N GLU B 778 -29.73 26.22 -9.84
CA GLU B 778 -29.88 27.64 -9.53
C GLU B 778 -29.82 27.89 -8.03
N ASP B 779 -30.20 26.89 -7.23
CA ASP B 779 -30.20 27.05 -5.78
C ASP B 779 -28.80 27.08 -5.20
N LEU B 780 -27.77 26.80 -5.98
CA LEU B 780 -26.40 26.87 -5.52
C LEU B 780 -25.78 28.24 -5.71
N SER B 781 -26.55 29.21 -6.19
CA SER B 781 -26.03 30.56 -6.37
C SER B 781 -25.71 31.20 -5.03
N ALA B 782 -24.79 32.16 -5.06
CA ALA B 782 -24.42 32.86 -3.83
C ALA B 782 -25.60 33.63 -3.26
N ASP B 783 -26.38 34.28 -4.13
CA ASP B 783 -27.49 35.10 -3.65
C ASP B 783 -28.55 34.25 -2.97
N ALA B 784 -28.88 33.10 -3.55
CA ALA B 784 -29.88 32.23 -2.94
C ALA B 784 -29.40 31.74 -1.57
N LEU B 785 -28.11 31.39 -1.47
CA LEU B 785 -27.57 30.99 -0.17
C LEU B 785 -27.66 32.13 0.83
N LEU B 786 -27.40 33.36 0.39
CA LEU B 786 -27.54 34.49 1.30
C LEU B 786 -28.98 34.63 1.76
N ASN B 787 -29.94 34.48 0.85
CA ASN B 787 -31.34 34.62 1.22
C ASN B 787 -31.77 33.55 2.21
N ILE B 788 -31.33 32.31 2.00
CA ILE B 788 -31.74 31.24 2.90
C ILE B 788 -31.15 31.44 4.29
N LEU B 789 -29.88 31.82 4.36
CA LEU B 789 -29.22 31.96 5.66
C LEU B 789 -29.62 33.22 6.42
N SER B 790 -30.40 34.11 5.80
CA SER B 790 -30.74 35.37 6.45
C SER B 790 -31.57 35.17 7.70
N GLU B 791 -32.24 34.03 7.85
CA GLU B 791 -33.14 33.80 8.98
C GLU B 791 -32.71 32.60 9.83
N VAL B 792 -31.45 32.19 9.74
CA VAL B 792 -30.94 31.06 10.50
C VAL B 792 -30.05 31.59 11.62
N LYS B 793 -30.36 31.19 12.85
CA LYS B 793 -29.60 31.59 14.02
C LYS B 793 -28.55 30.53 14.36
N ILE B 794 -27.59 30.93 15.18
CA ILE B 794 -26.50 30.06 15.60
C ILE B 794 -26.54 29.93 17.11
N GLN B 795 -26.57 28.69 17.60
CA GLN B 795 -26.57 28.44 19.03
C GLN B 795 -25.19 28.69 19.62
N GLU B 796 -25.16 29.25 20.83
CA GLU B 796 -23.90 29.54 21.49
C GLU B 796 -23.24 28.26 21.98
N PHE B 797 -21.98 28.38 22.37
CA PHE B 797 -21.18 27.24 22.84
C PHE B 797 -21.13 27.22 24.36
N LYS B 798 -21.10 26.01 24.91
CA LYS B 798 -20.97 25.83 26.35
C LYS B 798 -19.89 24.82 26.70
N ASP B 822 -31.63 10.62 28.91
CA ASP B 822 -31.47 10.48 27.47
C ASP B 822 -32.57 9.60 26.88
N GLU B 823 -32.89 8.52 27.60
CA GLU B 823 -33.93 7.61 27.15
C GLU B 823 -35.27 8.31 27.08
N ARG B 824 -35.58 9.16 28.07
CA ARG B 824 -36.82 9.91 28.05
C ARG B 824 -36.89 10.85 26.85
N ASN B 825 -35.79 11.55 26.56
CA ASN B 825 -35.76 12.44 25.41
C ASN B 825 -35.93 11.68 24.11
N ALA B 826 -35.26 10.53 23.98
CA ALA B 826 -35.40 9.73 22.77
C ALA B 826 -36.82 9.22 22.59
N ILE B 827 -37.44 8.77 23.69
CA ILE B 827 -38.83 8.32 23.61
C ILE B 827 -39.75 9.47 23.19
N PHE B 828 -39.53 10.66 23.76
CA PHE B 828 -40.34 11.81 23.41
C PHE B 828 -40.20 12.17 21.94
N GLN B 829 -38.96 12.19 21.44
CA GLN B 829 -38.74 12.53 20.04
C GLN B 829 -39.36 11.48 19.11
N LEU B 830 -39.22 10.20 19.46
CA LEU B 830 -39.82 9.15 18.65
C LEU B 830 -41.33 9.27 18.64
N GLU B 831 -41.93 9.55 19.80
CA GLU B 831 -43.38 9.72 19.86
C GLU B 831 -43.82 10.93 19.03
N LYS B 832 -43.04 12.01 19.09
CA LYS B 832 -43.36 13.19 18.29
C LYS B 832 -43.30 12.87 16.80
N ALA B 833 -42.29 12.11 16.38
CA ALA B 833 -42.20 11.70 14.98
C ALA B 833 -43.39 10.82 14.60
N ILE B 834 -43.80 9.93 15.50
CA ILE B 834 -44.91 9.03 15.21
C ILE B 834 -46.20 9.82 15.03
N LEU B 835 -46.49 10.73 15.96
CA LEU B 835 -47.72 11.50 15.87
C LEU B 835 -47.72 12.46 14.69
N SER B 836 -46.55 12.75 14.13
CA SER B 836 -46.42 13.65 12.99
C SER B 836 -46.47 12.89 11.67
N ASN B 837 -46.72 11.58 11.70
CA ASN B 837 -46.77 10.75 10.50
C ASN B 837 -45.47 10.87 9.70
N GLU B 838 -44.36 10.95 10.42
CA GLU B 838 -43.04 11.02 9.81
C GLU B 838 -42.36 9.66 9.71
N ALA B 839 -43.05 8.59 10.11
CA ALA B 839 -42.48 7.25 10.16
C ALA B 839 -42.97 6.37 9.01
N THR B 840 -43.13 6.96 7.83
CA THR B 840 -43.59 6.19 6.68
C THR B 840 -42.45 5.33 6.14
N LYS B 841 -42.81 4.40 5.25
CA LYS B 841 -41.82 3.47 4.70
C LYS B 841 -40.76 4.22 3.92
N SER B 842 -41.15 5.25 3.17
CA SER B 842 -40.16 6.04 2.45
C SER B 842 -39.21 6.75 3.41
N ASP B 843 -39.70 7.14 4.59
CA ASP B 843 -38.85 7.85 5.54
C ASP B 843 -37.76 6.96 6.10
N LEU B 844 -37.99 5.65 6.14
CA LEU B 844 -36.98 4.72 6.66
C LEU B 844 -36.06 4.21 5.55
N GLN B 845 -35.53 5.14 4.76
CA GLN B 845 -34.68 4.79 3.63
C GLN B 845 -33.67 5.90 3.43
N MET B 846 -32.40 5.52 3.27
CA MET B 846 -31.33 6.49 3.09
C MET B 846 -30.36 5.96 2.05
N ALA B 847 -30.04 6.80 1.07
CA ALA B 847 -29.09 6.41 0.05
C ALA B 847 -27.69 6.30 0.63
N VAL B 848 -26.90 5.40 0.07
CA VAL B 848 -25.53 5.17 0.51
C VAL B 848 -24.59 5.62 -0.59
N LEU B 849 -23.61 6.43 -0.24
CA LEU B 849 -22.63 6.94 -1.19
C LEU B 849 -21.32 6.16 -1.09
N SER B 850 -20.57 6.19 -2.18
CA SER B 850 -19.26 5.55 -2.25
C SER B 850 -18.25 6.52 -2.84
N PHE B 851 -17.00 6.39 -2.42
CA PHE B 851 -15.96 7.31 -2.85
C PHE B 851 -15.62 7.08 -4.31
N GLU B 852 -15.62 8.16 -5.10
CA GLU B 852 -15.35 8.08 -6.54
C GLU B 852 -14.44 9.26 -6.89
N LYS B 853 -13.13 9.02 -6.84
CA LYS B 853 -12.17 10.10 -7.05
C LYS B 853 -12.05 10.52 -8.51
N ASP B 854 -12.53 9.70 -9.44
CA ASP B 854 -12.39 10.00 -10.87
C ASP B 854 -13.57 10.80 -11.42
N ASP B 855 -14.58 11.08 -10.62
CA ASP B 855 -15.75 11.83 -11.08
C ASP B 855 -15.55 13.30 -10.74
N ASP B 856 -15.72 14.15 -11.75
CA ASP B 856 -15.48 15.58 -11.61
C ASP B 856 -16.74 16.37 -11.25
N HIS B 857 -17.87 15.69 -11.04
CA HIS B 857 -19.11 16.37 -10.70
C HIS B 857 -19.78 15.87 -9.44
N ASN B 858 -19.38 14.72 -8.90
CA ASN B 858 -19.98 14.24 -7.67
C ASN B 858 -19.65 15.14 -6.49
N GLY B 859 -18.64 15.99 -6.62
CA GLY B 859 -18.28 16.93 -5.57
C GLY B 859 -17.49 16.33 -4.43
N HIS B 860 -17.09 15.06 -4.53
CA HIS B 860 -16.37 14.42 -3.43
C HIS B 860 -15.07 15.14 -3.14
N ILE B 861 -14.25 15.33 -4.17
CA ILE B 861 -12.92 15.91 -3.98
C ILE B 861 -13.03 17.35 -3.54
N ASP B 862 -14.01 18.09 -4.07
CA ASP B 862 -14.19 19.47 -3.65
C ASP B 862 -14.51 19.55 -2.16
N PHE B 863 -15.41 18.71 -1.68
CA PHE B 863 -15.74 18.70 -0.26
C PHE B 863 -14.53 18.36 0.58
N ILE B 864 -13.79 17.30 0.20
CA ILE B 864 -12.66 16.89 1.01
C ILE B 864 -11.61 17.99 1.05
N THR B 865 -11.33 18.61 -0.09
CA THR B 865 -10.33 19.66 -0.15
C THR B 865 -10.75 20.86 0.69
N ALA B 866 -12.01 21.27 0.59
CA ALA B 866 -12.47 22.42 1.38
C ALA B 866 -12.35 22.14 2.86
N ALA B 867 -12.79 20.95 3.29
CA ALA B 867 -12.72 20.62 4.71
C ALA B 867 -11.27 20.59 5.19
N SER B 868 -10.38 19.97 4.42
CA SER B 868 -8.99 19.87 4.84
C SER B 868 -8.35 21.26 4.92
N ASN B 869 -8.61 22.12 3.94
CA ASN B 869 -8.03 23.45 3.98
C ASN B 869 -8.55 24.24 5.17
N LEU B 870 -9.85 24.14 5.45
CA LEU B 870 -10.40 24.87 6.59
C LEU B 870 -9.78 24.39 7.90
N ARG B 871 -9.69 23.08 8.08
CA ARG B 871 -9.09 22.55 9.31
C ARG B 871 -7.63 22.97 9.42
N ALA B 872 -6.90 22.95 8.31
CA ALA B 872 -5.51 23.37 8.34
C ALA B 872 -5.37 24.83 8.73
N LYS B 873 -6.24 25.69 8.19
CA LYS B 873 -6.17 27.09 8.55
C LYS B 873 -6.57 27.33 10.00
N MET B 874 -7.41 26.46 10.56
CA MET B 874 -7.71 26.54 11.99
C MET B 874 -6.43 26.40 12.81
N TYR B 875 -5.59 25.44 12.44
CA TYR B 875 -4.36 25.16 13.16
C TYR B 875 -3.15 25.89 12.59
N SER B 876 -3.38 26.87 11.73
CA SER B 876 -2.32 27.66 11.09
C SER B 876 -1.27 26.77 10.43
N ILE B 877 -1.72 26.04 9.41
CA ILE B 877 -0.86 25.20 8.59
C ILE B 877 -1.06 25.59 7.13
N GLU B 878 -0.03 25.41 6.32
CA GLU B 878 -0.10 25.80 4.92
C GLU B 878 -1.11 24.93 4.18
N PRO B 879 -2.06 25.52 3.46
CA PRO B 879 -3.07 24.73 2.76
C PRO B 879 -2.48 24.03 1.53
N ALA B 880 -3.27 23.13 0.96
CA ALA B 880 -2.88 22.36 -0.20
C ALA B 880 -3.92 22.52 -1.30
N ASP B 881 -3.47 22.38 -2.54
CA ASP B 881 -4.34 22.59 -3.69
C ASP B 881 -5.19 21.35 -3.94
N ARG B 882 -5.90 21.33 -5.07
CA ARG B 882 -6.82 20.24 -5.34
C ARG B 882 -6.09 18.96 -5.73
N PHE B 883 -5.06 19.08 -6.57
CA PHE B 883 -4.42 17.88 -7.11
C PHE B 883 -3.67 17.10 -6.04
N LYS B 884 -2.93 17.80 -5.17
CA LYS B 884 -2.23 17.11 -4.10
C LYS B 884 -3.21 16.44 -3.15
N THR B 885 -4.31 17.12 -2.83
CA THR B 885 -5.32 16.53 -1.98
C THR B 885 -5.91 15.28 -2.62
N LYS B 886 -6.18 15.32 -3.91
CA LYS B 886 -6.71 14.14 -4.60
C LYS B 886 -5.71 13.00 -4.55
N ARG B 887 -4.44 13.29 -4.81
CA ARG B 887 -3.43 12.24 -4.80
C ARG B 887 -3.30 11.61 -3.43
N ILE B 888 -3.30 12.42 -2.38
CA ILE B 888 -3.14 11.88 -1.03
C ILE B 888 -4.36 11.07 -0.62
N ALA B 889 -5.56 11.59 -0.89
CA ALA B 889 -6.77 10.91 -0.46
C ALA B 889 -6.95 9.59 -1.22
N GLY B 890 -6.77 9.61 -2.53
CA GLY B 890 -6.96 8.41 -3.30
C GLY B 890 -5.81 7.44 -3.29
N LYS B 891 -4.68 7.81 -2.67
CA LYS B 891 -3.47 6.98 -2.69
C LYS B 891 -3.07 6.62 -4.11
N ILE B 892 -3.12 7.62 -5.00
CA ILE B 892 -2.78 7.40 -6.39
C ILE B 892 -1.29 7.16 -6.52
N ILE B 893 -0.92 6.08 -7.22
CA ILE B 893 0.47 5.73 -7.44
C ILE B 893 0.94 6.40 -8.73
N PRO B 894 1.90 7.31 -8.68
CA PRO B 894 2.39 7.93 -9.92
C PRO B 894 3.03 6.90 -10.82
N ALA B 895 2.88 7.11 -12.13
CA ALA B 895 3.40 6.17 -13.11
C ALA B 895 3.72 6.90 -14.40
N ILE B 896 4.58 6.28 -15.22
CA ILE B 896 5.00 6.83 -16.50
C ILE B 896 5.37 5.67 -17.41
N ALA B 897 5.45 5.96 -18.71
CA ALA B 897 5.58 4.90 -19.71
C ALA B 897 6.98 4.31 -19.78
N THR B 898 8.03 5.12 -19.54
CA THR B 898 9.39 4.65 -19.75
C THR B 898 9.74 3.51 -18.81
N THR B 899 9.42 3.67 -17.52
CA THR B 899 9.77 2.63 -16.56
C THR B 899 9.01 1.34 -16.84
N THR B 900 7.73 1.45 -17.19
CA THR B 900 6.95 0.25 -17.51
C THR B 900 7.52 -0.47 -18.72
N ALA B 901 7.89 0.28 -19.76
CA ALA B 901 8.50 -0.35 -20.92
C ALA B 901 9.79 -1.06 -20.55
N THR B 902 10.62 -0.40 -19.73
CA THR B 902 11.91 -0.99 -19.37
C THR B 902 11.72 -2.29 -18.58
N VAL B 903 10.85 -2.27 -17.58
CA VAL B 903 10.65 -3.47 -16.78
C VAL B 903 10.01 -4.58 -17.60
N SER B 904 9.13 -4.22 -18.54
CA SER B 904 8.57 -5.24 -19.41
C SER B 904 9.65 -5.89 -20.26
N GLY B 905 10.57 -5.09 -20.79
CA GLY B 905 11.67 -5.67 -21.55
C GLY B 905 12.51 -6.61 -20.72
N LEU B 906 12.81 -6.21 -19.48
CA LEU B 906 13.63 -7.07 -18.62
C LEU B 906 12.92 -8.37 -18.29
N VAL B 907 11.62 -8.30 -18.00
CA VAL B 907 10.87 -9.52 -17.71
C VAL B 907 10.83 -10.43 -18.93
N ALA B 908 10.66 -9.84 -20.12
CA ALA B 908 10.68 -10.63 -21.34
C ALA B 908 12.03 -11.32 -21.50
N LEU B 909 13.12 -10.64 -21.17
CA LEU B 909 14.43 -11.28 -21.23
C LEU B 909 14.50 -12.46 -20.27
N GLU B 910 14.00 -12.28 -19.04
CA GLU B 910 14.14 -13.35 -18.05
C GLU B 910 13.29 -14.55 -18.40
N MET B 911 12.17 -14.34 -19.09
CA MET B 911 11.31 -15.46 -19.47
C MET B 911 12.05 -16.44 -20.38
N ILE B 912 12.93 -15.94 -21.24
CA ILE B 912 13.69 -16.83 -22.11
C ILE B 912 14.57 -17.76 -21.29
N LYS B 913 15.27 -17.20 -20.30
CA LYS B 913 16.12 -18.03 -19.45
C LYS B 913 15.29 -19.04 -18.68
N VAL B 914 14.11 -18.62 -18.21
CA VAL B 914 13.25 -19.56 -17.49
C VAL B 914 12.84 -20.72 -18.40
N THR B 915 12.46 -20.40 -19.64
CA THR B 915 12.03 -21.43 -20.57
C THR B 915 13.17 -22.39 -20.91
N GLY B 916 14.37 -21.87 -21.12
CA GLY B 916 15.47 -22.72 -21.51
C GLY B 916 15.94 -23.69 -20.44
N GLY B 917 15.47 -23.53 -19.22
CA GLY B 917 15.95 -24.39 -18.15
C GLY B 917 17.42 -24.19 -17.83
N TYR B 918 17.87 -22.94 -17.82
CA TYR B 918 19.25 -22.66 -17.53
C TYR B 918 19.56 -22.91 -16.06
N PRO B 919 20.82 -23.18 -15.73
CA PRO B 919 21.17 -23.42 -14.33
C PRO B 919 21.01 -22.18 -13.45
N PHE B 920 21.33 -22.32 -12.17
CA PHE B 920 21.01 -21.27 -11.20
C PHE B 920 21.76 -19.97 -11.48
N GLU B 921 22.97 -20.06 -12.03
CA GLU B 921 23.80 -18.87 -12.16
C GLU B 921 23.32 -17.91 -13.22
N ALA B 922 22.41 -18.32 -14.10
CA ALA B 922 22.03 -17.47 -15.22
C ALA B 922 20.98 -16.44 -14.83
N TYR B 923 20.15 -16.72 -13.84
CA TYR B 923 19.06 -15.82 -13.50
C TYR B 923 19.57 -14.58 -12.78
N LYS B 924 18.88 -13.47 -13.00
CA LYS B 924 19.26 -12.18 -12.42
C LYS B 924 18.03 -11.46 -11.90
N ASN B 925 18.24 -10.62 -10.89
CA ASN B 925 17.24 -9.69 -10.40
C ASN B 925 17.75 -8.27 -10.59
N CYS B 926 16.86 -7.37 -10.96
CA CYS B 926 17.24 -6.00 -11.30
C CYS B 926 16.46 -5.02 -10.44
N PHE B 927 17.17 -4.06 -9.86
CA PHE B 927 16.58 -2.90 -9.22
C PHE B 927 17.15 -1.65 -9.87
N LEU B 928 16.26 -0.75 -10.30
CA LEU B 928 16.68 0.42 -11.05
C LEU B 928 15.94 1.65 -10.54
N ASN B 929 16.57 2.81 -10.72
CA ASN B 929 15.97 4.11 -10.45
C ASN B 929 16.50 5.06 -11.52
N LEU B 930 15.67 5.35 -12.52
CA LEU B 930 16.10 6.19 -13.62
C LEU B 930 16.39 7.62 -13.21
N ALA B 931 15.94 8.05 -12.04
CA ALA B 931 16.12 9.45 -11.66
C ALA B 931 17.58 9.77 -11.37
N ILE B 932 18.35 8.78 -10.91
CA ILE B 932 19.72 9.03 -10.47
C ILE B 932 20.65 9.27 -11.66
N PRO B 933 20.72 8.39 -12.67
CA PRO B 933 20.12 7.05 -12.85
C PRO B 933 20.99 5.97 -12.21
N ILE B 934 20.43 4.78 -11.96
CA ILE B 934 21.21 3.69 -11.40
C ILE B 934 20.55 2.36 -11.72
N VAL B 935 21.34 1.39 -12.16
CA VAL B 935 20.85 0.06 -12.48
C VAL B 935 21.72 -0.97 -11.77
N VAL B 936 21.09 -1.91 -11.07
CA VAL B 936 21.79 -2.91 -10.28
C VAL B 936 21.27 -4.28 -10.66
N PHE B 937 22.18 -5.20 -10.97
CA PHE B 937 21.85 -6.59 -11.23
C PHE B 937 22.47 -7.46 -10.15
N THR B 938 21.66 -8.29 -9.50
CA THR B 938 22.11 -9.20 -8.46
C THR B 938 21.64 -10.60 -8.78
N GLU B 939 22.32 -11.58 -8.20
CA GLU B 939 21.86 -12.96 -8.30
C GLU B 939 20.67 -13.18 -7.38
N THR B 940 19.74 -14.03 -7.83
CA THR B 940 18.56 -14.32 -7.03
C THR B 940 18.94 -15.06 -5.75
N THR B 941 18.14 -14.85 -4.70
CA THR B 941 18.43 -15.44 -3.40
C THR B 941 18.39 -16.95 -3.47
N GLU B 942 19.40 -17.60 -2.90
CA GLU B 942 19.47 -19.04 -2.92
C GLU B 942 18.50 -19.65 -1.93
N VAL B 943 18.10 -20.90 -2.20
CA VAL B 943 17.22 -21.62 -1.29
C VAL B 943 17.93 -21.89 0.02
N ARG B 944 17.16 -22.04 1.10
CA ARG B 944 17.69 -22.18 2.44
C ARG B 944 17.31 -23.53 3.01
N LYS B 945 18.29 -24.23 3.56
CA LYS B 945 18.03 -25.48 4.27
C LYS B 945 17.53 -25.19 5.68
N THR B 946 16.50 -25.92 6.10
CA THR B 946 15.98 -25.83 7.46
C THR B 946 15.82 -27.23 8.01
N LYS B 947 16.39 -27.46 9.19
CA LYS B 947 16.29 -28.76 9.85
C LYS B 947 15.42 -28.64 11.10
N ILE B 948 14.94 -29.79 11.56
CA ILE B 948 14.08 -29.84 12.74
C ILE B 948 14.73 -30.69 13.82
N ARG B 949 14.96 -31.97 13.51
CA ARG B 949 15.54 -32.88 14.48
C ARG B 949 16.07 -34.11 13.74
N ASN B 950 16.97 -34.82 14.40
CA ASN B 950 17.51 -36.09 13.90
C ASN B 950 18.19 -35.94 12.55
N GLY B 951 18.61 -34.72 12.20
CA GLY B 951 19.22 -34.47 10.91
C GLY B 951 18.24 -34.33 9.77
N ILE B 952 16.94 -34.46 10.02
CA ILE B 952 15.94 -34.31 8.98
C ILE B 952 15.80 -32.83 8.63
N SER B 953 15.87 -32.52 7.33
CA SER B 953 15.77 -31.16 6.86
C SER B 953 14.78 -31.09 5.71
N PHE B 954 14.31 -29.88 5.42
CA PHE B 954 13.35 -29.67 4.35
C PHE B 954 13.48 -28.25 3.83
N THR B 955 13.01 -28.04 2.61
CA THR B 955 12.96 -26.73 1.99
C THR B 955 11.51 -26.29 1.88
N ILE B 956 11.31 -25.08 1.34
CA ILE B 956 9.96 -24.58 1.17
C ILE B 956 9.20 -25.33 0.09
N TRP B 957 9.90 -26.02 -0.80
CA TRP B 957 9.27 -26.72 -1.91
C TRP B 957 8.88 -28.14 -1.56
N ASP B 958 9.22 -28.61 -0.37
CA ASP B 958 8.88 -29.98 0.00
C ASP B 958 7.42 -30.08 0.42
N ARG B 959 6.90 -31.31 0.36
CA ARG B 959 5.52 -31.58 0.74
C ARG B 959 5.37 -33.08 0.97
N TRP B 960 4.94 -33.46 2.16
CA TRP B 960 4.80 -34.87 2.49
C TRP B 960 3.40 -35.35 2.13
N THR B 961 3.27 -36.66 1.96
CA THR B 961 2.01 -37.27 1.53
C THR B 961 1.64 -38.41 2.47
N VAL B 962 0.35 -38.57 2.72
CA VAL B 962 -0.19 -39.67 3.50
C VAL B 962 -1.41 -40.23 2.78
N HIS B 963 -1.44 -41.54 2.56
CA HIS B 963 -2.56 -42.19 1.90
C HIS B 963 -3.43 -42.87 2.95
N GLY B 964 -4.70 -42.53 2.98
CA GLY B 964 -5.63 -43.15 3.90
C GLY B 964 -6.76 -43.88 3.21
N LYS B 965 -7.80 -44.21 3.96
CA LYS B 965 -8.96 -44.89 3.42
C LYS B 965 -10.20 -44.36 4.14
N GLU B 966 -11.32 -45.06 3.97
CA GLU B 966 -12.60 -44.55 4.46
C GLU B 966 -12.68 -44.56 5.98
N ASP B 967 -12.08 -45.56 6.62
CA ASP B 967 -12.18 -45.73 8.07
C ASP B 967 -10.95 -45.22 8.80
N PHE B 968 -10.17 -44.36 8.17
CA PHE B 968 -8.95 -43.86 8.80
C PHE B 968 -9.30 -42.91 9.95
N THR B 969 -8.53 -42.99 11.02
CA THR B 969 -8.75 -42.18 12.21
C THR B 969 -7.57 -41.24 12.42
N LEU B 970 -7.76 -40.26 13.29
CA LEU B 970 -6.70 -39.29 13.57
C LEU B 970 -5.47 -39.97 14.16
N LEU B 971 -5.69 -40.93 15.08
CA LEU B 971 -4.57 -41.67 15.65
C LEU B 971 -3.84 -42.45 14.57
N ASP B 972 -4.58 -43.03 13.63
CA ASP B 972 -3.94 -43.72 12.52
C ASP B 972 -3.06 -42.78 11.71
N PHE B 973 -3.55 -41.56 11.47
CA PHE B 973 -2.78 -40.56 10.75
C PHE B 973 -1.50 -40.20 11.48
N ILE B 974 -1.61 -39.97 12.79
CA ILE B 974 -0.43 -39.61 13.58
C ILE B 974 0.60 -40.73 13.53
N ASN B 975 0.15 -41.96 13.72
CA ASN B 975 1.07 -43.09 13.72
C ASN B 975 1.68 -43.29 12.34
N ALA B 976 0.91 -43.06 11.28
CA ALA B 976 1.45 -43.21 9.93
C ALA B 976 2.57 -42.20 9.69
N VAL B 977 2.33 -40.94 10.06
CA VAL B 977 3.38 -39.94 9.89
C VAL B 977 4.61 -40.30 10.71
N LYS B 978 4.38 -40.73 11.96
CA LYS B 978 5.49 -41.09 12.84
C LYS B 978 6.31 -42.21 12.25
N GLU B 979 5.65 -43.24 11.73
CA GLU B 979 6.39 -44.37 11.16
C GLU B 979 7.11 -43.96 9.88
N LYS B 980 6.46 -43.16 9.03
CA LYS B 980 7.03 -42.90 7.71
C LYS B 980 8.20 -41.93 7.79
N TYR B 981 8.09 -40.87 8.57
CA TYR B 981 9.13 -39.84 8.57
C TYR B 981 9.97 -39.80 9.85
N GLY B 982 9.55 -40.48 10.91
CA GLY B 982 10.38 -40.66 12.08
C GLY B 982 10.02 -39.82 13.29
N ILE B 983 9.16 -38.81 13.14
CA ILE B 983 8.78 -37.96 14.27
C ILE B 983 7.27 -37.87 14.35
N GLU B 984 6.78 -37.53 15.53
CA GLU B 984 5.36 -37.51 15.82
C GLU B 984 4.85 -36.08 15.92
N PRO B 985 3.86 -35.69 15.13
CA PRO B 985 3.30 -34.34 15.24
C PRO B 985 2.55 -34.16 16.55
N THR B 986 2.37 -32.90 16.93
CA THR B 986 1.66 -32.57 18.16
C THR B 986 0.48 -31.64 17.94
N MET B 987 0.21 -31.22 16.71
CA MET B 987 -0.91 -30.33 16.43
C MET B 987 -1.22 -30.36 14.95
N VAL B 988 -2.49 -30.52 14.61
CA VAL B 988 -2.92 -30.59 13.22
C VAL B 988 -3.98 -29.50 13.00
N VAL B 989 -3.71 -28.61 12.06
CA VAL B 989 -4.61 -27.50 11.76
C VAL B 989 -4.81 -27.42 10.25
N GLN B 990 -6.07 -27.34 9.83
CA GLN B 990 -6.41 -27.18 8.42
C GLN B 990 -6.58 -25.70 8.15
N GLY B 991 -5.57 -25.09 7.53
CA GLY B 991 -5.62 -23.67 7.22
C GLY B 991 -5.72 -22.80 8.45
N VAL B 992 -6.88 -22.16 8.64
CA VAL B 992 -7.14 -21.39 9.85
C VAL B 992 -8.07 -22.11 10.81
N LYS B 993 -8.69 -23.20 10.39
CA LYS B 993 -9.58 -23.98 11.24
C LYS B 993 -8.80 -25.14 11.83
N MET B 994 -8.76 -25.21 13.16
CA MET B 994 -7.99 -26.23 13.84
C MET B 994 -8.69 -27.59 13.74
N LEU B 995 -7.91 -28.63 13.98
CA LEU B 995 -8.42 -30.00 14.03
C LEU B 995 -8.05 -30.73 15.31
N TYR B 996 -6.84 -30.51 15.84
CA TYR B 996 -6.39 -31.25 17.00
C TYR B 996 -5.37 -30.42 17.76
N VAL B 997 -5.78 -29.85 18.88
CA VAL B 997 -4.89 -29.12 19.79
C VAL B 997 -5.03 -29.71 21.19
N PRO B 998 -4.02 -30.42 21.70
CA PRO B 998 -4.20 -31.11 22.99
C PRO B 998 -4.51 -30.20 24.16
N VAL B 999 -4.04 -28.96 24.14
CA VAL B 999 -4.19 -28.09 25.29
C VAL B 999 -5.66 -27.78 25.55
N MET B 1000 -6.37 -27.39 24.50
CA MET B 1000 -7.72 -26.90 24.72
C MET B 1000 -8.68 -28.06 25.00
N PRO B 1001 -9.70 -27.81 25.81
CA PRO B 1001 -10.56 -28.91 26.28
C PRO B 1001 -11.37 -29.51 25.15
N GLY B 1002 -11.69 -30.79 25.32
CA GLY B 1002 -12.55 -31.51 24.40
C GLY B 1002 -11.84 -32.19 23.25
N HIS B 1003 -10.56 -31.91 23.03
CA HIS B 1003 -9.85 -32.50 21.92
C HIS B 1003 -9.22 -33.84 22.25
N ALA B 1004 -9.23 -34.24 23.53
CA ALA B 1004 -8.68 -35.55 23.89
C ALA B 1004 -9.48 -36.67 23.25
N LYS B 1005 -10.80 -36.54 23.22
CA LYS B 1005 -11.65 -37.57 22.64
C LYS B 1005 -11.65 -37.55 21.12
N ARG B 1006 -11.11 -36.51 20.48
CA ARG B 1006 -11.13 -36.44 19.03
C ARG B 1006 -10.25 -37.51 18.37
N LEU B 1007 -9.39 -38.17 19.15
CA LEU B 1007 -8.49 -39.17 18.58
C LEU B 1007 -9.21 -40.40 18.05
N LYS B 1008 -10.48 -40.55 18.35
CA LYS B 1008 -11.25 -41.72 17.96
C LYS B 1008 -12.36 -41.35 16.98
N LEU B 1009 -12.02 -40.54 15.98
CA LEU B 1009 -13.00 -40.10 15.00
C LEU B 1009 -12.49 -40.38 13.59
N THR B 1010 -13.43 -40.58 12.68
CA THR B 1010 -13.09 -40.76 11.27
C THR B 1010 -12.55 -39.46 10.69
N MET B 1011 -11.47 -39.57 9.92
CA MET B 1011 -10.92 -38.38 9.29
C MET B 1011 -11.92 -37.72 8.36
N HIS B 1012 -12.73 -38.51 7.67
CA HIS B 1012 -13.67 -37.96 6.70
C HIS B 1012 -14.67 -37.03 7.38
N LYS B 1013 -15.20 -37.44 8.53
CA LYS B 1013 -16.09 -36.54 9.28
C LYS B 1013 -15.33 -35.31 9.77
N LEU B 1014 -14.11 -35.51 10.27
CA LEU B 1014 -13.40 -34.41 10.91
C LEU B 1014 -13.00 -33.32 9.92
N VAL B 1015 -12.80 -33.68 8.65
CA VAL B 1015 -12.33 -32.70 7.69
C VAL B 1015 -13.48 -31.97 6.98
N LYS B 1016 -14.66 -32.60 6.89
CA LYS B 1016 -15.83 -32.17 6.12
C LYS B 1016 -15.39 -31.60 4.77
N PRO B 1017 -14.82 -32.43 3.89
CA PRO B 1017 -14.32 -31.90 2.62
C PRO B 1017 -15.41 -31.70 1.60
N THR B 1018 -15.02 -31.32 0.38
CA THR B 1018 -15.94 -31.27 -0.75
C THR B 1018 -15.66 -32.43 -1.69
N THR B 1019 -16.71 -32.90 -2.35
CA THR B 1019 -16.60 -34.12 -3.17
C THR B 1019 -15.68 -33.94 -4.36
N GLU B 1020 -15.50 -32.71 -4.85
CA GLU B 1020 -14.64 -32.51 -6.02
C GLU B 1020 -13.18 -32.76 -5.70
N LYS B 1021 -12.75 -32.45 -4.48
CA LYS B 1021 -11.35 -32.57 -4.10
C LYS B 1021 -11.10 -33.93 -3.48
N LYS B 1022 -10.05 -34.61 -3.96
CA LYS B 1022 -9.66 -35.90 -3.43
C LYS B 1022 -8.59 -35.81 -2.35
N TYR B 1023 -8.18 -34.60 -1.97
CA TYR B 1023 -7.15 -34.46 -0.95
C TYR B 1023 -7.24 -33.08 -0.33
N VAL B 1024 -6.67 -32.96 0.86
CA VAL B 1024 -6.63 -31.70 1.60
C VAL B 1024 -5.22 -31.50 2.13
N ASP B 1025 -4.90 -30.24 2.42
CA ASP B 1025 -3.58 -29.86 2.91
C ASP B 1025 -3.66 -29.47 4.38
N LEU B 1026 -2.73 -29.97 5.18
CA LEU B 1026 -2.70 -29.73 6.61
C LEU B 1026 -1.35 -29.18 7.01
N THR B 1027 -1.33 -28.47 8.13
CA THR B 1027 -0.10 -27.96 8.73
C THR B 1027 0.12 -28.65 10.07
N VAL B 1028 1.37 -29.01 10.35
CA VAL B 1028 1.71 -29.74 11.56
C VAL B 1028 2.88 -29.05 12.25
N SER B 1029 3.15 -29.48 13.48
CA SER B 1029 4.27 -28.99 14.25
C SER B 1029 4.75 -30.11 15.15
N PHE B 1030 5.97 -29.96 15.66
CA PHE B 1030 6.60 -31.01 16.43
C PHE B 1030 7.14 -30.46 17.74
N ALA B 1031 7.12 -31.30 18.77
CA ALA B 1031 7.55 -30.88 20.09
C ALA B 1031 9.04 -30.55 20.07
N PRO B 1032 9.44 -29.44 20.69
CA PRO B 1032 10.87 -29.11 20.74
C PRO B 1032 11.61 -30.05 21.66
N ASP B 1033 12.93 -30.13 21.44
CA ASP B 1033 13.77 -30.98 22.27
C ASP B 1033 13.76 -30.52 23.72
N ILE B 1034 13.79 -29.21 23.95
CA ILE B 1034 13.80 -28.62 25.28
C ILE B 1034 12.44 -27.98 25.54
N ASP B 1035 11.86 -28.30 26.68
CA ASP B 1035 10.55 -27.77 27.04
C ASP B 1035 10.62 -26.26 27.23
N GLY B 1036 9.47 -25.61 27.04
CA GLY B 1036 9.38 -24.18 27.15
C GLY B 1036 9.71 -23.42 25.88
N ASP B 1037 10.01 -24.11 24.79
CA ASP B 1037 10.37 -23.48 23.53
C ASP B 1037 9.24 -23.64 22.52
N GLU B 1038 9.22 -22.74 21.54
CA GLU B 1038 8.19 -22.80 20.50
C GLU B 1038 8.36 -24.07 19.67
N ASP B 1039 7.22 -24.63 19.26
CA ASP B 1039 7.22 -25.89 18.54
C ASP B 1039 7.92 -25.73 17.19
N LEU B 1040 8.62 -26.77 16.78
CA LEU B 1040 9.36 -26.73 15.53
C LEU B 1040 8.40 -26.79 14.35
N PRO B 1041 8.44 -25.84 13.43
CA PRO B 1041 7.55 -25.91 12.26
C PRO B 1041 7.94 -27.04 11.32
N GLY B 1042 6.95 -27.51 10.57
CA GLY B 1042 7.16 -28.60 9.65
C GLY B 1042 6.57 -28.32 8.27
N PRO B 1043 7.00 -29.10 7.28
CA PRO B 1043 6.48 -28.91 5.93
C PRO B 1043 5.01 -29.28 5.88
N PRO B 1044 4.25 -28.68 4.97
CA PRO B 1044 2.83 -29.03 4.86
C PRO B 1044 2.64 -30.47 4.42
N VAL B 1045 1.57 -31.08 4.90
CA VAL B 1045 1.29 -32.48 4.65
C VAL B 1045 -0.02 -32.58 3.87
N ARG B 1046 0.01 -33.34 2.77
CA ARG B 1046 -1.16 -33.57 1.95
C ARG B 1046 -1.74 -34.93 2.27
N TYR B 1047 -3.04 -34.99 2.52
CA TYR B 1047 -3.73 -36.21 2.92
C TYR B 1047 -4.69 -36.64 1.83
N TYR B 1048 -4.57 -37.89 1.40
CA TYR B 1048 -5.46 -38.47 0.38
C TYR B 1048 -6.52 -39.31 1.07
N PHE B 1049 -7.78 -39.11 0.67
CA PHE B 1049 -8.88 -39.84 1.32
C PHE B 1049 -8.85 -41.31 0.97
N SER B 1050 -8.45 -41.66 -0.25
CA SER B 1050 -8.42 -43.04 -0.67
C SER B 1050 -7.40 -43.21 -1.79
N HIS B 1051 -7.01 -44.46 -2.03
CA HIS B 1051 -6.08 -44.78 -3.10
C HIS B 1051 -6.70 -44.51 -4.46
N ARG C 74 0.63 7.18 28.63
CA ARG C 74 0.70 7.69 27.26
C ARG C 74 -0.69 8.06 26.73
N GLY C 75 -0.84 9.27 26.19
CA GLY C 75 -2.07 9.63 25.49
C GLY C 75 -2.06 9.09 24.06
N ALA C 76 -3.18 8.63 23.54
CA ALA C 76 -3.21 7.98 22.24
C ALA C 76 -3.15 8.96 21.06
#